data_4TO6
#
_entry.id   4TO6
#
_cell.length_a   82.587
_cell.length_b   140.808
_cell.length_c   96.900
_cell.angle_alpha   90.000
_cell.angle_beta   114.940
_cell.angle_gamma   90.000
#
_symmetry.space_group_name_H-M   'P 1 21 1'
#
loop_
_entity.id
_entity.type
_entity.pdbx_description
1 polymer 'Deoxynucleoside triphosphate triphosphohydrolase SAMHD1'
2 non-polymer "THYMIDINE-5'-TRIPHOSPHATE"
3 non-polymer "2'-DEOXYGUANOSINE-5'-TRIPHOSPHATE"
4 non-polymer "2'-DEOXYADENOSINE 5'-TRIPHOSPHATE"
5 non-polymer 'MAGNESIUM ION'
6 water water
#
_entity_poly.entity_id   1
_entity_poly.type   'polypeptide(L)'
_entity_poly.pdbx_seq_one_letter_code
;DTMKVINDPIHGHIELHPLLVRIIDTPQFQRLRYIKQLGGGYYVFPGASHNRFEHSLGVGYLAGCLVHALGEKQPELQIS
ERDVLCVQIAGLCRNLGHGPFSHMFDGRFIPLARPEVKWTHEQGSVMMFEHLINSNGIKPVMEQYGLIPEEDICFIKEQI
VGPLESPVEDSLWPYKGRPENKSFLYEIVSNKRNGIDVDKWDYFARDCHHLGIQNNFDYKRFIKFARVCEVDNELRICAR
DKEVGNLYDMFHTRNSLHRRAYQHKVGNIIDTMITDAFLKADDYIEITGAGGKKYRISTAIDDMEAYTKLTDNIFLEILY
STDPKLKDAREILKQIEYRNLFKYVGETQPTGQIKIKREDYESLPKEVASAKPKVLLDVKLKAEDFIVDVINMDYGMQEK
NPIDHVSFYCKTAPNRAIRITKNQVSQLLPEKFAEQLIRVYCKKVDRKSLYAARQYFVQWCADRNFTKPQDGDVIAPLIT
PQKKEWNDSTSVQNPTRLREASKSRVQLFKDDPM
;
_entity_poly.pdbx_strand_id   A,B,C,D
#
loop_
_chem_comp.id
_chem_comp.type
_chem_comp.name
_chem_comp.formula
DGT non-polymer 2'-DEOXYGUANOSINE-5'-TRIPHOSPHATE 'C10 H16 N5 O13 P3'
DTP non-polymer '2'-DEOXYADENOSINE 5'-TRIPHOSPHATE' 'C10 H16 N5 O12 P3'
MG non-polymer 'MAGNESIUM ION' 'Mg 2'
TTP non-polymer THYMIDINE-5'-TRIPHOSPHATE 'C10 H17 N2 O14 P3'
#
# COMPACT_ATOMS: atom_id res chain seq x y z
N THR A 2 14.08 23.79 -18.59
CA THR A 2 13.16 22.74 -19.15
C THR A 2 12.44 21.96 -18.03
N MET A 3 11.92 20.78 -18.35
CA MET A 3 10.83 20.16 -17.60
C MET A 3 11.24 19.65 -16.20
N LYS A 4 10.32 19.72 -15.23
CA LYS A 4 10.57 19.24 -13.87
C LYS A 4 9.79 17.98 -13.48
N VAL A 5 10.37 17.24 -12.54
CA VAL A 5 9.78 16.07 -12.02
C VAL A 5 9.41 16.28 -10.57
N ILE A 6 8.16 15.92 -10.22
CA ILE A 6 7.76 15.98 -8.84
C ILE A 6 7.32 14.64 -8.31
N ASN A 7 7.85 14.26 -7.13
CA ASN A 7 7.41 13.02 -6.51
C ASN A 7 6.19 13.13 -5.62
N ASP A 8 5.13 12.45 -6.07
CA ASP A 8 3.84 12.45 -5.42
C ASP A 8 3.52 11.08 -4.90
N PRO A 9 3.08 11.00 -3.65
CA PRO A 9 2.79 9.68 -3.06
C PRO A 9 1.67 8.93 -3.75
N ILE A 10 0.77 9.61 -4.41
CA ILE A 10 -0.29 8.95 -5.07
C ILE A 10 0.08 8.49 -6.47
N HIS A 11 0.71 9.34 -7.24
CA HIS A 11 0.97 9.06 -8.63
C HIS A 11 2.43 8.75 -8.95
N GLY A 12 3.34 8.89 -8.00
CA GLY A 12 4.73 8.68 -8.26
C GLY A 12 5.29 9.93 -8.90
N HIS A 13 6.19 9.74 -9.86
CA HIS A 13 6.92 10.86 -10.43
C HIS A 13 6.13 11.44 -11.55
N ILE A 14 5.75 12.70 -11.37
CA ILE A 14 5.07 13.46 -12.35
C ILE A 14 6.04 14.41 -13.07
N GLU A 15 5.99 14.42 -14.41
CA GLU A 15 6.77 15.34 -15.26
C GLU A 15 5.97 16.59 -15.53
N LEU A 16 6.60 17.75 -15.35
CA LEU A 16 5.93 19.04 -15.53
C LEU A 16 6.60 19.87 -16.62
N HIS A 17 5.82 20.26 -17.61
CA HIS A 17 6.29 21.09 -18.68
C HIS A 17 6.62 22.49 -18.12
N PRO A 18 7.70 23.12 -18.61
CA PRO A 18 8.18 24.41 -18.10
C PRO A 18 7.09 25.46 -17.98
N LEU A 19 6.16 25.47 -18.92
CA LEU A 19 5.08 26.42 -18.85
C LEU A 19 4.25 26.22 -17.58
N LEU A 20 3.95 24.95 -17.26
CA LEU A 20 3.20 24.63 -16.07
C LEU A 20 3.97 25.02 -14.82
N VAL A 21 5.27 24.76 -14.82
CA VAL A 21 6.10 25.20 -13.71
C VAL A 21 5.99 26.69 -13.46
N ARG A 22 6.02 27.45 -14.54
CA ARG A 22 5.91 28.87 -14.43
C ARG A 22 4.61 29.27 -13.81
N ILE A 23 3.53 28.63 -14.22
CA ILE A 23 2.21 28.89 -13.63
C ILE A 23 2.19 28.54 -12.13
N ILE A 24 2.85 27.44 -11.78
CA ILE A 24 2.83 26.90 -10.45
C ILE A 24 3.58 27.79 -9.51
N ASP A 25 4.68 28.35 -10.01
CA ASP A 25 5.56 29.14 -9.19
C ASP A 25 5.15 30.59 -9.21
N THR A 26 3.93 30.80 -8.75
CA THR A 26 3.36 32.11 -8.55
C THR A 26 2.65 32.15 -7.20
N PRO A 27 2.43 33.34 -6.65
CA PRO A 27 1.82 33.44 -5.35
C PRO A 27 0.41 32.93 -5.35
N GLN A 28 -0.25 33.05 -6.49
CA GLN A 28 -1.66 32.69 -6.61
C GLN A 28 -1.81 31.20 -6.51
N PHE A 29 -0.85 30.48 -7.07
CA PHE A 29 -0.93 29.05 -7.06
C PHE A 29 -0.38 28.51 -5.78
N GLN A 30 0.72 29.07 -5.33
CA GLN A 30 1.35 28.56 -4.12
C GLN A 30 0.49 28.76 -2.89
N ARG A 31 -0.42 29.68 -3.01
CA ARG A 31 -1.42 29.92 -2.00
C ARG A 31 -2.15 28.64 -1.58
N LEU A 32 -2.37 27.74 -2.55
CA LEU A 32 -3.06 26.53 -2.30
C LEU A 32 -2.35 25.63 -1.30
N ARG A 33 -1.07 25.90 -1.01
CA ARG A 33 -0.36 25.14 0.01
C ARG A 33 -0.88 25.37 1.39
N TYR A 34 -1.69 26.40 1.54
CA TYR A 34 -2.15 26.81 2.86
C TYR A 34 -3.66 26.67 2.96
N ILE A 35 -4.20 25.71 2.24
CA ILE A 35 -5.62 25.47 2.25
C ILE A 35 -5.90 23.98 2.32
N LYS A 36 -6.35 23.50 3.47
CA LYS A 36 -6.61 22.07 3.68
C LYS A 36 -7.71 21.53 2.75
N GLN A 37 -7.41 20.45 2.05
CA GLN A 37 -8.37 19.82 1.15
C GLN A 37 -9.71 19.54 1.84
N LEU A 38 -9.63 19.00 3.05
CA LEU A 38 -10.81 18.57 3.75
C LEU A 38 -11.21 19.50 4.86
N GLY A 39 -10.59 20.69 4.99
CA GLY A 39 -11.03 21.69 5.97
C GLY A 39 -10.99 21.16 7.38
N GLY A 40 -12.13 21.22 8.06
CA GLY A 40 -12.28 20.66 9.42
C GLY A 40 -12.11 19.16 9.59
N GLY A 41 -12.07 18.40 8.51
CA GLY A 41 -11.84 16.96 8.58
C GLY A 41 -10.53 16.56 9.19
N TYR A 42 -9.53 17.41 9.06
CA TYR A 42 -8.26 17.21 9.74
C TYR A 42 -8.39 17.05 11.25
N TYR A 43 -9.35 17.73 11.83
CA TYR A 43 -9.59 17.66 13.26
C TYR A 43 -10.32 16.38 13.71
N VAL A 44 -10.80 15.60 12.72
CA VAL A 44 -11.34 14.26 12.97
C VAL A 44 -10.43 13.14 12.45
N PHE A 45 -9.87 13.36 11.27
CA PHE A 45 -8.96 12.40 10.63
C PHE A 45 -7.58 13.06 10.58
N PRO A 46 -6.70 12.73 11.49
CA PRO A 46 -5.42 13.38 11.55
C PRO A 46 -4.48 13.08 10.41
N GLY A 47 -4.79 12.04 9.64
CA GLY A 47 -4.07 11.77 8.43
C GLY A 47 -4.30 12.83 7.37
N ALA A 48 -5.46 13.51 7.45
CA ALA A 48 -5.91 14.46 6.42
C ALA A 48 -5.31 15.85 6.50
N SER A 49 -4.00 15.88 6.41
CA SER A 49 -3.22 17.10 6.53
C SER A 49 -3.05 17.74 5.15
N HIS A 50 -3.46 17.03 4.12
CA HIS A 50 -3.19 17.50 2.75
C HIS A 50 -3.94 18.78 2.34
N ASN A 51 -3.27 19.56 1.54
CA ASN A 51 -3.75 20.83 1.05
C ASN A 51 -4.09 20.78 -0.45
N ARG A 52 -4.84 21.77 -0.93
CA ARG A 52 -5.31 21.79 -2.26
C ARG A 52 -4.18 21.79 -3.28
N PHE A 53 -3.01 22.29 -2.88
CA PHE A 53 -1.86 22.33 -3.77
C PHE A 53 -1.57 20.96 -4.41
N GLU A 54 -1.30 19.98 -3.57
CA GLU A 54 -0.89 18.69 -4.06
C GLU A 54 -2.03 18.07 -4.86
N HIS A 55 -3.27 18.29 -4.42
CA HIS A 55 -4.41 17.77 -5.16
C HIS A 55 -4.42 18.37 -6.58
N SER A 56 -4.09 19.64 -6.68
CA SER A 56 -4.04 20.32 -7.96
C SER A 56 -2.98 19.74 -8.89
N LEU A 57 -1.80 19.42 -8.39
CA LEU A 57 -0.79 18.78 -9.23
C LEU A 57 -1.37 17.49 -9.75
N GLY A 58 -2.05 16.77 -8.87
CA GLY A 58 -2.54 15.47 -9.20
C GLY A 58 -3.56 15.53 -10.31
N VAL A 59 -4.43 16.53 -10.23
CA VAL A 59 -5.44 16.71 -11.22
C VAL A 59 -4.75 17.06 -12.54
N GLY A 60 -3.78 17.95 -12.48
CA GLY A 60 -3.08 18.37 -13.67
C GLY A 60 -2.49 17.16 -14.36
N TYR A 61 -1.88 16.31 -13.58
CA TYR A 61 -1.19 15.21 -14.17
C TYR A 61 -2.17 14.25 -14.83
N LEU A 62 -3.27 13.93 -14.13
CA LEU A 62 -4.22 12.95 -14.65
C LEU A 62 -4.88 13.50 -15.90
N ALA A 63 -5.11 14.80 -15.95
CA ALA A 63 -5.65 15.42 -17.14
C ALA A 63 -4.74 15.12 -18.28
N GLY A 64 -3.45 15.34 -18.06
CA GLY A 64 -2.43 15.06 -19.03
C GLY A 64 -2.37 13.61 -19.44
N CYS A 65 -2.45 12.69 -18.49
CA CYS A 65 -2.48 11.27 -18.79
C CYS A 65 -3.56 10.92 -19.72
N LEU A 66 -4.76 11.41 -19.46
CA LEU A 66 -5.92 10.97 -20.24
C LEU A 66 -5.87 11.53 -21.66
N VAL A 67 -5.57 12.81 -21.78
CA VAL A 67 -5.48 13.45 -23.08
C VAL A 67 -4.37 12.80 -23.90
N HIS A 68 -3.23 12.51 -23.29
CA HIS A 68 -2.18 11.78 -23.99
C HIS A 68 -2.61 10.41 -24.43
N ALA A 69 -3.36 9.73 -23.59
CA ALA A 69 -3.77 8.36 -23.88
C ALA A 69 -4.69 8.33 -25.08
N LEU A 70 -5.56 9.33 -25.16
CA LEU A 70 -6.47 9.44 -26.28
C LEU A 70 -5.71 9.69 -27.55
N GLY A 71 -4.74 10.60 -27.50
CA GLY A 71 -3.93 10.91 -28.66
C GLY A 71 -3.17 9.70 -29.15
N GLU A 72 -2.62 8.90 -28.24
CA GLU A 72 -1.88 7.69 -28.60
C GLU A 72 -2.81 6.69 -29.28
N LYS A 73 -3.97 6.48 -28.69
CA LYS A 73 -4.92 5.50 -29.18
C LYS A 73 -5.53 5.92 -30.50
N GLN A 74 -5.79 7.21 -30.64
CA GLN A 74 -6.42 7.76 -31.83
C GLN A 74 -5.71 9.02 -32.31
N PRO A 75 -4.69 8.87 -33.17
CA PRO A 75 -4.09 10.01 -33.84
C PRO A 75 -5.07 10.84 -34.65
N GLU A 76 -6.07 10.17 -35.22
CA GLU A 76 -7.04 10.81 -36.11
C GLU A 76 -7.73 11.98 -35.42
N LEU A 77 -7.71 12.00 -34.10
CA LEU A 77 -8.26 13.11 -33.34
C LEU A 77 -7.43 14.35 -33.49
N GLN A 78 -6.17 14.21 -33.86
CA GLN A 78 -5.30 15.37 -34.06
C GLN A 78 -5.23 16.23 -32.83
N ILE A 79 -4.96 15.57 -31.70
CA ILE A 79 -4.72 16.29 -30.47
C ILE A 79 -3.33 16.88 -30.54
N SER A 80 -3.21 18.18 -30.34
CA SER A 80 -1.93 18.86 -30.41
C SER A 80 -1.36 19.03 -29.01
N GLU A 81 -0.05 19.23 -28.95
CA GLU A 81 0.60 19.61 -27.71
C GLU A 81 -0.11 20.83 -27.10
N ARG A 82 -0.55 21.74 -27.95
CA ARG A 82 -1.28 22.89 -27.49
C ARG A 82 -2.49 22.46 -26.66
N ASP A 83 -3.26 21.52 -27.21
CA ASP A 83 -4.43 21.00 -26.53
C ASP A 83 -4.07 20.34 -25.19
N VAL A 84 -2.99 19.58 -25.20
CA VAL A 84 -2.55 18.88 -24.03
C VAL A 84 -2.28 19.89 -22.92
N LEU A 85 -1.51 20.92 -23.24
CA LEU A 85 -1.13 21.86 -22.20
C LEU A 85 -2.32 22.63 -21.68
N CYS A 86 -3.26 22.91 -22.54
CA CYS A 86 -4.44 23.65 -22.13
C CYS A 86 -5.26 22.86 -21.15
N VAL A 87 -5.33 21.56 -21.38
CA VAL A 87 -6.09 20.69 -20.49
C VAL A 87 -5.37 20.57 -19.16
N GLN A 88 -4.08 20.41 -19.19
CA GLN A 88 -3.31 20.34 -17.98
C GLN A 88 -3.44 21.61 -17.21
N ILE A 89 -3.43 22.75 -17.88
CA ILE A 89 -3.53 24.02 -17.15
C ILE A 89 -4.87 24.14 -16.45
N ALA A 90 -5.90 23.76 -17.14
CA ALA A 90 -7.21 23.75 -16.54
C ALA A 90 -7.21 22.79 -15.34
N GLY A 91 -6.57 21.66 -15.50
CA GLY A 91 -6.49 20.70 -14.42
C GLY A 91 -5.86 21.31 -13.18
N LEU A 92 -4.69 21.90 -13.38
CA LEU A 92 -3.95 22.54 -12.29
C LEU A 92 -4.76 23.61 -11.64
N CYS A 93 -5.57 24.29 -12.41
CA CYS A 93 -6.12 25.54 -11.96
C CYS A 93 -7.55 25.51 -11.51
N ARG A 94 -8.24 24.38 -11.58
CA ARG A 94 -9.65 24.39 -11.13
C ARG A 94 -9.87 24.54 -9.66
N ASN A 95 -8.85 24.30 -8.85
CA ASN A 95 -8.96 24.54 -7.42
C ASN A 95 -8.44 25.91 -6.97
N LEU A 96 -7.98 26.75 -7.92
CA LEU A 96 -7.46 28.07 -7.57
C LEU A 96 -8.37 28.96 -6.73
N GLY A 97 -9.66 28.82 -6.93
CA GLY A 97 -10.64 29.67 -6.26
C GLY A 97 -11.10 29.25 -4.85
N HIS A 98 -10.60 28.12 -4.34
CA HIS A 98 -11.02 27.66 -3.02
C HIS A 98 -10.54 28.65 -1.94
N GLY A 99 -11.31 28.76 -0.89
CA GLY A 99 -11.01 29.69 0.20
C GLY A 99 -10.64 28.88 1.40
N PRO A 100 -10.34 29.56 2.52
CA PRO A 100 -9.99 28.88 3.74
C PRO A 100 -10.91 27.66 4.07
N PHE A 101 -10.27 26.54 4.40
CA PHE A 101 -10.91 25.29 4.71
C PHE A 101 -11.80 24.77 3.59
N SER A 102 -11.44 25.13 2.37
CA SER A 102 -12.10 24.67 1.17
C SER A 102 -13.62 24.85 1.25
N HIS A 103 -14.40 23.77 1.33
CA HIS A 103 -15.84 23.83 1.10
C HIS A 103 -16.54 24.52 2.22
N MET A 104 -15.84 24.68 3.33
CA MET A 104 -16.37 25.50 4.40
C MET A 104 -16.65 26.92 3.91
N PHE A 105 -15.77 27.42 3.06
CA PHE A 105 -15.81 28.83 2.71
C PHE A 105 -16.97 29.17 1.79
N ASP A 106 -17.05 28.49 0.67
CA ASP A 106 -18.19 28.73 -0.23
C ASP A 106 -19.46 27.94 0.16
N GLY A 107 -19.35 26.90 0.96
CA GLY A 107 -20.51 26.13 1.36
C GLY A 107 -21.20 26.68 2.61
N ARG A 108 -20.46 27.27 3.55
CA ARG A 108 -21.08 27.79 4.78
C ARG A 108 -20.87 29.28 4.97
N PHE A 109 -19.64 29.74 4.87
CA PHE A 109 -19.34 31.08 5.32
C PHE A 109 -19.93 32.18 4.45
N ILE A 110 -19.65 32.12 3.18
CA ILE A 110 -20.07 33.17 2.27
C ILE A 110 -21.58 33.26 2.18
N PRO A 111 -22.26 32.09 2.06
CA PRO A 111 -23.70 32.13 2.10
C PRO A 111 -24.28 32.91 3.27
N LEU A 112 -23.71 32.76 4.47
CA LEU A 112 -24.23 33.41 5.67
C LEU A 112 -23.74 34.84 5.83
N ALA A 113 -22.54 35.14 5.34
CA ALA A 113 -21.96 36.45 5.54
C ALA A 113 -22.25 37.45 4.40
N ARG A 114 -22.47 36.95 3.18
CA ARG A 114 -22.89 37.78 2.06
C ARG A 114 -24.04 37.07 1.37
N PRO A 115 -25.21 37.03 2.01
CA PRO A 115 -26.32 36.25 1.46
C PRO A 115 -26.80 36.70 0.08
N GLU A 116 -26.71 37.99 -0.21
CA GLU A 116 -27.16 38.55 -1.47
C GLU A 116 -26.29 38.14 -2.64
N VAL A 117 -24.98 38.04 -2.43
CA VAL A 117 -24.09 37.60 -3.51
C VAL A 117 -24.22 36.10 -3.80
N LYS A 118 -24.02 35.71 -5.05
CA LYS A 118 -23.95 34.31 -5.42
C LYS A 118 -22.50 34.01 -5.77
N TRP A 119 -21.89 33.01 -5.13
CA TRP A 119 -20.44 32.76 -5.30
C TRP A 119 -20.06 31.30 -5.16
N THR A 120 -19.15 30.86 -6.00
CA THR A 120 -18.66 29.50 -5.96
C THR A 120 -17.17 29.54 -6.17
N HIS A 121 -16.49 28.51 -5.70
CA HIS A 121 -15.07 28.43 -5.85
C HIS A 121 -14.73 28.36 -7.35
N GLU A 122 -15.63 27.83 -8.16
CA GLU A 122 -15.39 27.75 -9.61
C GLU A 122 -15.29 29.15 -10.20
N GLN A 123 -16.25 30.02 -9.85
CA GLN A 123 -16.20 31.43 -10.22
C GLN A 123 -14.81 31.99 -9.87
N GLY A 124 -14.39 31.74 -8.64
CA GLY A 124 -13.18 32.29 -8.12
C GLY A 124 -11.96 31.72 -8.80
N SER A 125 -12.04 30.46 -9.23
CA SER A 125 -10.89 29.85 -9.86
C SER A 125 -10.61 30.63 -11.12
N VAL A 126 -11.67 30.98 -11.83
CA VAL A 126 -11.55 31.71 -13.07
C VAL A 126 -10.94 33.09 -12.85
N MET A 127 -11.45 33.83 -11.89
CA MET A 127 -10.94 35.14 -11.59
C MET A 127 -9.48 35.09 -11.11
N MET A 128 -9.18 34.13 -10.25
CA MET A 128 -7.84 33.95 -9.75
C MET A 128 -6.88 33.58 -10.89
N PHE A 129 -7.38 32.78 -11.83
CA PHE A 129 -6.59 32.41 -12.97
C PHE A 129 -6.23 33.62 -13.86
N GLU A 130 -7.25 34.41 -14.18
CA GLU A 130 -7.09 35.68 -14.88
C GLU A 130 -6.03 36.52 -14.18
N HIS A 131 -6.19 36.67 -12.87
CA HIS A 131 -5.26 37.46 -12.07
C HIS A 131 -3.86 36.87 -12.11
N LEU A 132 -3.76 35.56 -12.07
CA LEU A 132 -2.47 34.90 -12.08
C LEU A 132 -1.74 35.15 -13.41
N ILE A 133 -2.46 34.99 -14.51
CA ILE A 133 -1.89 35.25 -15.82
C ILE A 133 -1.37 36.67 -15.91
N ASN A 134 -2.23 37.63 -15.60
CA ASN A 134 -1.91 39.05 -15.78
C ASN A 134 -0.79 39.49 -14.86
N SER A 135 -0.90 39.14 -13.59
CA SER A 135 0.10 39.54 -12.62
C SER A 135 1.46 38.97 -12.87
N ASN A 136 1.60 37.97 -13.71
CA ASN A 136 2.89 37.28 -13.86
C ASN A 136 3.45 37.18 -15.29
N GLY A 137 2.84 37.88 -16.23
CA GLY A 137 3.35 37.90 -17.58
C GLY A 137 3.46 36.51 -18.12
N ILE A 138 2.38 35.73 -17.98
CA ILE A 138 2.37 34.36 -18.43
C ILE A 138 2.06 34.31 -19.93
N LYS A 139 1.27 35.26 -20.41
CA LYS A 139 0.89 35.29 -21.82
C LYS A 139 2.06 35.18 -22.78
N PRO A 140 3.14 35.95 -22.56
CA PRO A 140 4.31 35.78 -23.45
C PRO A 140 4.82 34.35 -23.47
N VAL A 141 4.87 33.73 -22.29
CA VAL A 141 5.40 32.38 -22.16
C VAL A 141 4.49 31.38 -22.88
N MET A 142 3.18 31.56 -22.77
CA MET A 142 2.22 30.73 -23.52
C MET A 142 2.46 30.76 -25.03
N GLU A 143 2.69 31.97 -25.55
CA GLU A 143 2.97 32.15 -26.96
C GLU A 143 4.28 31.45 -27.29
N GLN A 144 5.30 31.64 -26.45
CA GLN A 144 6.59 30.97 -26.65
C GLN A 144 6.48 29.45 -26.85
N TYR A 145 5.46 28.82 -26.25
CA TYR A 145 5.30 27.37 -26.38
C TYR A 145 4.19 27.00 -27.32
N GLY A 146 3.73 27.94 -28.11
CA GLY A 146 2.77 27.64 -29.16
C GLY A 146 1.31 27.74 -28.77
N LEU A 147 1.01 28.42 -27.67
CA LEU A 147 -0.38 28.66 -27.32
C LEU A 147 -0.87 30.02 -27.83
N ILE A 148 -2.18 30.08 -28.09
CA ILE A 148 -2.85 31.29 -28.57
C ILE A 148 -3.78 31.84 -27.48
N PRO A 149 -3.27 32.74 -26.62
CA PRO A 149 -3.98 33.26 -25.46
C PRO A 149 -5.43 33.62 -25.64
N GLU A 150 -5.78 34.21 -26.78
CA GLU A 150 -7.15 34.65 -26.95
C GLU A 150 -8.06 33.44 -26.89
N GLU A 151 -7.77 32.43 -27.71
CA GLU A 151 -8.57 31.22 -27.80
C GLU A 151 -8.39 30.32 -26.57
N ASP A 152 -7.15 30.16 -26.17
CA ASP A 152 -6.78 29.17 -25.21
C ASP A 152 -7.19 29.54 -23.79
N ILE A 153 -7.06 30.80 -23.42
CA ILE A 153 -7.49 31.24 -22.12
C ILE A 153 -8.98 31.09 -22.01
N CYS A 154 -9.68 31.34 -23.09
CA CYS A 154 -11.11 31.10 -23.10
C CYS A 154 -11.39 29.61 -22.83
N PHE A 155 -10.70 28.77 -23.56
CA PHE A 155 -10.84 27.33 -23.51
C PHE A 155 -10.65 26.83 -22.08
N ILE A 156 -9.57 27.30 -21.47
CA ILE A 156 -9.21 26.93 -20.12
C ILE A 156 -10.28 27.32 -19.12
N LYS A 157 -10.82 28.52 -19.26
CA LYS A 157 -11.83 28.97 -18.38
C LYS A 157 -13.08 28.16 -18.58
N GLU A 158 -13.37 27.80 -19.81
CA GLU A 158 -14.61 27.07 -20.08
C GLU A 158 -14.52 25.66 -19.48
N GLN A 159 -13.34 25.07 -19.56
CA GLN A 159 -13.12 23.77 -19.01
C GLN A 159 -13.44 23.76 -17.52
N ILE A 160 -13.09 24.85 -16.84
CA ILE A 160 -13.32 24.99 -15.40
C ILE A 160 -14.76 25.32 -15.04
N VAL A 161 -15.34 26.30 -15.74
CA VAL A 161 -16.61 26.83 -15.29
C VAL A 161 -17.79 26.53 -16.22
N GLY A 162 -17.53 26.03 -17.44
CA GLY A 162 -18.56 25.85 -18.46
C GLY A 162 -18.57 27.06 -19.39
N PRO A 163 -19.61 27.17 -20.24
CA PRO A 163 -19.70 28.33 -21.14
C PRO A 163 -19.74 29.64 -20.37
N LEU A 164 -19.09 30.66 -20.93
CA LEU A 164 -19.03 31.99 -20.29
C LEU A 164 -20.30 32.82 -20.58
N GLU A 165 -21.09 32.41 -21.56
CA GLU A 165 -22.46 32.91 -21.71
C GLU A 165 -23.39 32.04 -20.84
N LEU A 172 -27.29 24.66 -30.32
CA LEU A 172 -26.15 25.58 -30.30
C LEU A 172 -24.93 24.90 -29.64
N TRP A 173 -23.75 25.00 -30.26
CA TRP A 173 -22.50 24.68 -29.55
C TRP A 173 -22.15 25.93 -28.75
N PRO A 174 -22.19 25.85 -27.40
CA PRO A 174 -21.97 27.05 -26.60
C PRO A 174 -20.53 27.38 -26.28
N TYR A 175 -19.58 26.57 -26.73
CA TYR A 175 -18.19 26.81 -26.39
C TYR A 175 -17.50 27.54 -27.51
N LYS A 176 -16.62 28.45 -27.13
CA LYS A 176 -15.88 29.25 -28.08
C LYS A 176 -14.45 28.74 -28.18
N GLY A 177 -13.86 28.34 -27.05
CA GLY A 177 -12.43 27.97 -27.02
C GLY A 177 -12.00 26.84 -27.94
N ARG A 178 -12.92 25.94 -28.25
CA ARG A 178 -12.65 24.82 -29.15
C ARG A 178 -13.96 24.36 -29.80
N PRO A 179 -13.88 23.84 -31.03
CA PRO A 179 -15.01 23.35 -31.81
C PRO A 179 -15.55 21.97 -31.41
N GLU A 180 -16.73 21.65 -31.93
CA GLU A 180 -17.44 20.38 -31.63
C GLU A 180 -16.62 19.12 -31.82
N ASN A 181 -15.67 19.18 -32.75
CA ASN A 181 -14.79 18.05 -33.04
C ASN A 181 -13.79 17.77 -31.90
N LYS A 182 -13.56 18.76 -31.03
CA LYS A 182 -12.73 18.59 -29.86
C LYS A 182 -13.61 18.68 -28.60
N SER A 183 -14.88 18.30 -28.73
CA SER A 183 -15.83 18.34 -27.65
C SER A 183 -15.35 17.53 -26.44
N PHE A 184 -14.70 16.41 -26.74
CA PHE A 184 -14.21 15.50 -25.70
C PHE A 184 -13.18 16.11 -24.75
N LEU A 185 -12.47 17.14 -25.16
CA LEU A 185 -11.55 17.79 -24.23
C LEU A 185 -12.25 18.48 -23.06
N TYR A 186 -13.51 18.83 -23.22
CA TYR A 186 -14.25 19.48 -22.13
C TYR A 186 -14.69 18.50 -21.10
N GLU A 187 -14.74 17.23 -21.48
CA GLU A 187 -15.17 16.20 -20.56
C GLU A 187 -14.08 15.78 -19.58
N ILE A 188 -12.87 16.34 -19.65
CA ILE A 188 -11.75 15.78 -18.89
C ILE A 188 -11.59 16.36 -17.49
N VAL A 189 -11.51 17.68 -17.38
CA VAL A 189 -11.17 18.32 -16.12
C VAL A 189 -12.38 18.54 -15.27
N SER A 190 -13.48 18.92 -15.88
CA SER A 190 -14.68 19.19 -15.08
C SER A 190 -15.93 18.91 -15.89
N ASN A 191 -16.40 17.67 -15.79
CA ASN A 191 -17.37 17.13 -16.69
C ASN A 191 -18.78 17.53 -16.27
N LYS A 192 -19.36 18.50 -16.98
CA LYS A 192 -20.65 19.03 -16.61
C LYS A 192 -21.75 18.09 -17.02
N ARG A 193 -21.47 17.20 -17.97
CA ARG A 193 -22.47 16.27 -18.45
C ARG A 193 -22.79 15.16 -17.45
N ASN A 194 -21.77 14.57 -16.84
CA ASN A 194 -22.00 13.48 -15.92
C ASN A 194 -21.07 13.42 -14.69
N GLY A 195 -20.13 14.35 -14.57
CA GLY A 195 -19.30 14.44 -13.38
C GLY A 195 -18.13 13.48 -13.37
N ILE A 196 -17.95 12.70 -14.43
CA ILE A 196 -16.86 11.74 -14.47
C ILE A 196 -15.62 12.42 -15.02
N ASP A 197 -14.73 12.84 -14.13
CA ASP A 197 -13.58 13.62 -14.51
C ASP A 197 -12.39 13.29 -13.63
N VAL A 198 -11.22 13.81 -14.01
CA VAL A 198 -10.00 13.45 -13.32
C VAL A 198 -9.88 14.08 -11.96
N ASP A 199 -10.67 15.12 -11.68
CA ASP A 199 -10.66 15.76 -10.36
C ASP A 199 -11.03 14.73 -9.29
N LYS A 200 -12.14 14.04 -9.55
CA LYS A 200 -12.61 12.99 -8.68
C LYS A 200 -11.60 11.95 -8.52
N TRP A 201 -11.00 11.54 -9.63
CA TRP A 201 -10.06 10.45 -9.54
C TRP A 201 -8.93 10.77 -8.61
N ASP A 202 -8.44 12.01 -8.63
CA ASP A 202 -7.33 12.32 -7.78
C ASP A 202 -7.82 12.38 -6.37
N TYR A 203 -8.94 13.03 -6.09
CA TYR A 203 -9.32 13.14 -4.70
C TYR A 203 -9.68 11.80 -4.08
N PHE A 204 -10.27 10.88 -4.87
CA PHE A 204 -10.55 9.55 -4.32
C PHE A 204 -9.30 8.90 -3.84
N ALA A 205 -8.30 8.87 -4.71
CA ALA A 205 -7.06 8.25 -4.33
C ALA A 205 -6.35 9.01 -3.20
N ARG A 206 -6.38 10.32 -3.23
CA ARG A 206 -5.51 11.08 -2.36
C ARG A 206 -6.16 11.09 -1.00
N ASP A 207 -7.44 11.41 -0.97
CA ASP A 207 -8.18 11.37 0.28
C ASP A 207 -8.11 10.00 0.93
N CYS A 208 -8.27 8.91 0.18
CA CYS A 208 -8.22 7.58 0.83
C CYS A 208 -6.89 7.25 1.47
N HIS A 209 -5.83 7.47 0.73
CA HIS A 209 -4.46 7.42 1.27
C HIS A 209 -4.23 8.21 2.58
N HIS A 210 -4.85 9.37 2.71
CA HIS A 210 -4.63 10.20 3.88
C HIS A 210 -5.58 9.90 5.02
N LEU A 211 -6.83 9.61 4.71
CA LEU A 211 -7.82 9.33 5.70
C LEU A 211 -7.59 7.99 6.33
N GLY A 212 -7.01 7.08 5.56
CA GLY A 212 -6.84 5.70 5.99
C GLY A 212 -8.10 4.93 5.67
N ILE A 213 -8.68 5.21 4.52
CA ILE A 213 -9.85 4.49 4.02
C ILE A 213 -9.38 3.91 2.70
N GLN A 214 -10.07 2.93 2.15
CA GLN A 214 -9.63 2.44 0.87
C GLN A 214 -10.58 2.67 -0.32
N ASN A 215 -9.94 3.12 -1.41
CA ASN A 215 -10.57 3.57 -2.66
C ASN A 215 -10.98 2.40 -3.55
N ASN A 216 -12.26 2.34 -3.90
CA ASN A 216 -12.81 1.25 -4.69
C ASN A 216 -12.86 1.55 -6.22
N PHE A 217 -12.19 2.63 -6.68
CA PHE A 217 -12.18 3.01 -8.13
C PHE A 217 -10.83 3.12 -8.86
N ASP A 218 -10.66 2.32 -9.91
CA ASP A 218 -9.44 2.29 -10.68
C ASP A 218 -9.46 3.22 -11.90
N TYR A 219 -8.91 4.42 -11.73
CA TYR A 219 -8.91 5.41 -12.76
C TYR A 219 -7.95 5.08 -13.87
N LYS A 220 -6.83 4.45 -13.55
CA LYS A 220 -5.91 4.05 -14.59
C LYS A 220 -6.57 3.09 -15.53
N ARG A 221 -7.30 2.13 -14.98
CA ARG A 221 -8.06 1.19 -15.81
C ARG A 221 -9.01 1.92 -16.74
N PHE A 222 -9.74 2.87 -16.18
CA PHE A 222 -10.68 3.64 -16.95
C PHE A 222 -10.01 4.38 -18.08
N ILE A 223 -8.86 5.00 -17.81
CA ILE A 223 -8.11 5.65 -18.88
C ILE A 223 -7.73 4.68 -19.97
N LYS A 224 -7.31 3.47 -19.63
CA LYS A 224 -6.93 2.51 -20.68
C LYS A 224 -8.10 2.13 -21.55
N PHE A 225 -9.31 2.13 -21.01
CA PHE A 225 -10.47 1.74 -21.84
C PHE A 225 -11.26 2.92 -22.41
N ALA A 226 -10.75 4.13 -22.26
CA ALA A 226 -11.47 5.29 -22.77
C ALA A 226 -11.19 5.48 -24.27
N ARG A 227 -12.27 5.67 -25.04
CA ARG A 227 -12.17 6.04 -26.46
C ARG A 227 -13.07 7.23 -26.74
N VAL A 228 -12.81 7.91 -27.84
CA VAL A 228 -13.66 8.98 -28.31
C VAL A 228 -14.51 8.43 -29.44
N CYS A 229 -15.81 8.73 -29.41
CA CYS A 229 -16.76 8.31 -30.44
C CYS A 229 -17.68 9.46 -30.80
N GLU A 230 -18.34 9.35 -31.96
CA GLU A 230 -19.33 10.34 -32.32
C GLU A 230 -20.61 10.05 -31.58
N VAL A 231 -21.20 11.08 -30.98
CA VAL A 231 -22.50 10.99 -30.37
C VAL A 231 -23.19 12.31 -30.66
N ASP A 232 -24.31 12.26 -31.38
CA ASP A 232 -25.10 13.46 -31.73
C ASP A 232 -24.25 14.55 -32.35
N ASN A 233 -23.44 14.20 -33.34
CA ASN A 233 -22.54 15.17 -33.99
C ASN A 233 -21.56 15.86 -33.04
N GLU A 234 -21.35 15.29 -31.85
CA GLU A 234 -20.24 15.66 -30.99
C GLU A 234 -19.29 14.48 -30.93
N LEU A 235 -18.01 14.77 -30.72
CA LEU A 235 -17.06 13.71 -30.37
C LEU A 235 -16.89 13.67 -28.86
N ARG A 236 -17.40 12.61 -28.24
CA ARG A 236 -17.37 12.45 -26.79
C ARG A 236 -16.50 11.28 -26.34
N ILE A 237 -16.00 11.38 -25.12
CA ILE A 237 -15.30 10.27 -24.49
C ILE A 237 -16.29 9.17 -24.14
N CYS A 238 -15.96 7.95 -24.53
CA CYS A 238 -16.81 6.81 -24.29
C CYS A 238 -16.06 5.78 -23.53
N ALA A 239 -16.80 5.04 -22.74
CA ALA A 239 -16.23 4.02 -21.89
C ALA A 239 -16.64 2.66 -22.41
N ARG A 240 -15.75 1.69 -22.28
CA ARG A 240 -16.07 0.34 -22.68
C ARG A 240 -17.32 -0.16 -21.91
N ASP A 241 -18.25 -0.81 -22.61
CA ASP A 241 -19.55 -1.21 -22.03
C ASP A 241 -19.43 -1.94 -20.70
N LYS A 242 -18.56 -2.92 -20.63
CA LYS A 242 -18.49 -3.76 -19.44
C LYS A 242 -17.93 -3.04 -18.22
N GLU A 243 -17.35 -1.87 -18.41
CA GLU A 243 -16.88 -1.04 -17.32
C GLU A 243 -18.00 -0.27 -16.63
N VAL A 244 -19.25 -0.47 -17.04
CA VAL A 244 -20.35 0.27 -16.51
C VAL A 244 -20.51 0.04 -15.02
N GLY A 245 -20.33 -1.20 -14.58
CA GLY A 245 -20.32 -1.50 -13.16
C GLY A 245 -19.30 -0.68 -12.37
N ASN A 246 -18.09 -0.56 -12.90
CA ASN A 246 -17.05 0.25 -12.25
C ASN A 246 -17.46 1.68 -12.07
N LEU A 247 -18.24 2.19 -13.00
CA LEU A 247 -18.75 3.56 -12.92
C LEU A 247 -19.77 3.71 -11.82
N TYR A 248 -20.72 2.78 -11.75
CA TYR A 248 -21.65 2.82 -10.67
C TYR A 248 -20.90 2.83 -9.35
N ASP A 249 -19.86 2.01 -9.28
CA ASP A 249 -19.05 1.84 -8.08
C ASP A 249 -18.24 3.10 -7.74
N MET A 250 -17.78 3.81 -8.76
CA MET A 250 -17.19 5.08 -8.60
C MET A 250 -18.08 5.98 -7.80
N PHE A 251 -19.35 6.09 -8.16
CA PHE A 251 -20.25 6.98 -7.41
C PHE A 251 -20.68 6.41 -6.07
N HIS A 252 -20.78 5.09 -5.98
CA HIS A 252 -20.97 4.51 -4.67
C HIS A 252 -19.80 4.91 -3.73
N THR A 253 -18.60 4.88 -4.25
CA THR A 253 -17.43 5.25 -3.49
C THR A 253 -17.46 6.69 -3.07
N ARG A 254 -17.83 7.55 -3.99
CA ARG A 254 -18.01 8.95 -3.68
C ARG A 254 -19.00 9.14 -2.55
N ASN A 255 -20.13 8.49 -2.64
CA ASN A 255 -21.15 8.64 -1.62
C ASN A 255 -20.70 8.16 -0.25
N SER A 256 -19.93 7.08 -0.27
CA SER A 256 -19.36 6.50 0.91
C SER A 256 -18.30 7.40 1.55
N LEU A 257 -17.49 8.06 0.74
CA LEU A 257 -16.54 9.00 1.26
C LEU A 257 -17.21 10.19 1.91
N HIS A 258 -18.34 10.60 1.34
CA HIS A 258 -19.06 11.70 1.95
C HIS A 258 -19.65 11.26 3.29
N ARG A 259 -20.24 10.07 3.30
CA ARG A 259 -20.87 9.54 4.52
C ARG A 259 -19.88 9.41 5.63
N ARG A 260 -18.72 8.83 5.36
CA ARG A 260 -17.77 8.57 6.41
C ARG A 260 -16.90 9.77 6.74
N ALA A 261 -16.61 10.62 5.77
CA ALA A 261 -15.54 11.63 5.98
C ALA A 261 -15.95 13.05 5.64
N TYR A 262 -16.35 13.32 4.42
CA TYR A 262 -16.59 14.72 4.10
C TYR A 262 -17.77 15.31 4.83
N GLN A 263 -18.73 14.47 5.19
CA GLN A 263 -19.85 14.90 6.00
C GLN A 263 -19.85 14.27 7.40
N HIS A 264 -18.70 13.87 7.91
CA HIS A 264 -18.65 13.44 9.28
C HIS A 264 -19.30 14.47 10.20
N LYS A 265 -20.19 14.03 11.08
CA LYS A 265 -20.99 14.91 11.91
C LYS A 265 -20.10 15.87 12.72
N VAL A 266 -18.99 15.38 13.23
CA VAL A 266 -18.11 16.23 14.02
C VAL A 266 -17.23 17.11 13.13
N GLY A 267 -16.87 16.59 11.97
CA GLY A 267 -16.10 17.34 11.04
C GLY A 267 -16.91 18.53 10.62
N ASN A 268 -18.18 18.29 10.34
CA ASN A 268 -19.08 19.36 9.95
C ASN A 268 -19.31 20.37 11.07
N ILE A 269 -19.34 19.93 12.31
CA ILE A 269 -19.57 20.88 13.39
C ILE A 269 -18.37 21.77 13.61
N ILE A 270 -17.20 21.22 13.35
CA ILE A 270 -16.01 22.00 13.48
C ILE A 270 -15.98 23.04 12.38
N ASP A 271 -16.42 22.65 11.19
CA ASP A 271 -16.53 23.56 10.08
C ASP A 271 -17.47 24.68 10.46
N THR A 272 -18.54 24.31 11.11
CA THR A 272 -19.51 25.27 11.59
C THR A 272 -18.95 26.22 12.65
N MET A 273 -18.19 25.70 13.59
CA MET A 273 -17.64 26.56 14.63
C MET A 273 -16.61 27.49 14.01
N ILE A 274 -15.87 27.02 13.04
CA ILE A 274 -14.91 27.89 12.42
C ILE A 274 -15.62 28.98 11.64
N THR A 275 -16.72 28.62 10.99
CA THR A 275 -17.53 29.58 10.27
C THR A 275 -18.07 30.65 11.24
N ASP A 276 -18.58 30.20 12.38
CA ASP A 276 -19.11 31.10 13.40
C ASP A 276 -18.05 32.08 13.86
N ALA A 277 -16.82 31.60 14.01
CA ALA A 277 -15.74 32.48 14.45
C ALA A 277 -15.39 33.44 13.37
N PHE A 278 -15.45 32.99 12.12
CA PHE A 278 -15.14 33.88 11.02
C PHE A 278 -16.15 34.99 10.97
N LEU A 279 -17.42 34.65 11.23
CA LEU A 279 -18.48 35.64 11.22
C LEU A 279 -18.20 36.69 12.27
N LYS A 280 -17.86 36.27 13.48
CA LYS A 280 -17.57 37.23 14.56
C LYS A 280 -16.26 38.00 14.40
N ALA A 281 -15.44 37.64 13.42
CA ALA A 281 -14.21 38.35 13.16
C ALA A 281 -14.29 39.16 11.89
N ASP A 282 -15.36 38.96 11.12
CA ASP A 282 -15.43 39.49 9.76
C ASP A 282 -15.36 41.01 9.76
N ASP A 283 -15.96 41.62 10.77
CA ASP A 283 -15.98 43.07 10.94
C ASP A 283 -14.61 43.69 11.21
N TYR A 284 -13.69 42.92 11.79
CA TYR A 284 -12.44 43.45 12.33
C TYR A 284 -11.19 43.02 11.59
N ILE A 285 -11.26 41.95 10.82
CA ILE A 285 -10.09 41.54 10.07
C ILE A 285 -10.04 42.32 8.77
N GLU A 286 -8.88 42.90 8.48
CA GLU A 286 -8.69 43.66 7.25
C GLU A 286 -7.56 43.07 6.42
N ILE A 287 -7.81 43.00 5.12
CA ILE A 287 -6.91 42.36 4.18
C ILE A 287 -6.68 43.31 3.03
N THR A 288 -5.41 43.60 2.76
CA THR A 288 -5.06 44.62 1.82
C THR A 288 -5.12 44.09 0.40
N GLY A 289 -5.93 44.72 -0.42
CA GLY A 289 -6.07 44.36 -1.80
C GLY A 289 -5.30 45.27 -2.71
N ALA A 290 -5.85 45.44 -3.92
CA ALA A 290 -5.21 46.24 -4.95
C ALA A 290 -5.22 47.72 -4.60
N GLY A 291 -4.07 48.35 -4.79
CA GLY A 291 -3.87 49.77 -4.49
C GLY A 291 -3.98 50.14 -3.01
N GLY A 292 -3.57 49.23 -2.13
CA GLY A 292 -3.71 49.47 -0.70
C GLY A 292 -5.12 49.46 -0.15
N LYS A 293 -6.13 49.26 -1.01
CA LYS A 293 -7.52 49.20 -0.57
C LYS A 293 -7.78 48.00 0.34
N LYS A 294 -8.66 48.15 1.33
CA LYS A 294 -8.84 47.11 2.35
C LYS A 294 -10.18 46.37 2.34
N TYR A 295 -10.11 45.06 2.55
CA TYR A 295 -11.28 44.22 2.47
C TYR A 295 -11.48 43.39 3.70
N ARG A 296 -12.66 42.82 3.79
CA ARG A 296 -12.97 41.87 4.84
C ARG A 296 -12.82 40.47 4.34
N ILE A 297 -12.80 39.53 5.27
CA ILE A 297 -12.83 38.13 4.91
C ILE A 297 -13.94 37.87 3.89
N SER A 298 -15.11 38.42 4.15
CA SER A 298 -16.26 38.23 3.27
C SER A 298 -16.23 39.05 1.97
N THR A 299 -15.35 40.05 1.85
CA THR A 299 -15.29 40.85 0.61
C THR A 299 -14.02 40.63 -0.18
N ALA A 300 -13.09 39.89 0.40
CA ALA A 300 -11.85 39.58 -0.32
C ALA A 300 -12.10 38.90 -1.67
N ILE A 301 -13.21 38.21 -1.79
CA ILE A 301 -13.59 37.60 -3.08
C ILE A 301 -13.78 38.58 -4.25
N ASP A 302 -13.84 39.87 -3.95
CA ASP A 302 -14.03 40.91 -4.98
C ASP A 302 -12.71 41.40 -5.57
N ASP A 303 -11.61 41.25 -4.83
CA ASP A 303 -10.30 41.58 -5.35
C ASP A 303 -9.32 40.42 -5.19
N MET A 304 -8.85 39.90 -6.33
CA MET A 304 -8.00 38.73 -6.35
C MET A 304 -6.66 38.91 -5.67
N GLU A 305 -6.19 40.13 -5.63
CA GLU A 305 -4.94 40.41 -4.94
C GLU A 305 -5.12 40.24 -3.44
N ALA A 306 -6.30 40.58 -2.95
CA ALA A 306 -6.62 40.34 -1.55
C ALA A 306 -6.94 38.85 -1.29
N TYR A 307 -7.67 38.23 -2.23
CA TYR A 307 -8.07 36.82 -2.07
C TYR A 307 -6.83 35.92 -2.01
N THR A 308 -5.80 36.31 -2.77
CA THR A 308 -4.50 35.65 -2.73
C THR A 308 -3.96 35.46 -1.34
N LYS A 309 -4.24 36.40 -0.47
CA LYS A 309 -3.71 36.36 0.90
C LYS A 309 -4.66 35.74 1.88
N LEU A 310 -5.81 35.26 1.38
CA LEU A 310 -6.84 34.72 2.24
C LEU A 310 -6.73 33.21 2.26
N THR A 311 -6.24 32.66 3.37
CA THR A 311 -5.99 31.22 3.50
C THR A 311 -6.34 30.67 4.88
N ASP A 312 -5.92 29.45 5.17
CA ASP A 312 -6.18 28.84 6.48
C ASP A 312 -5.54 29.63 7.62
N ASN A 313 -4.55 30.45 7.26
CA ASN A 313 -3.85 31.29 8.19
C ASN A 313 -4.77 32.17 9.02
N ILE A 314 -5.84 32.63 8.40
CA ILE A 314 -6.85 33.43 9.07
C ILE A 314 -7.26 32.83 10.40
N PHE A 315 -7.49 31.53 10.38
CA PHE A 315 -7.80 30.79 11.60
C PHE A 315 -6.81 31.07 12.74
N LEU A 316 -5.52 31.08 12.45
CA LEU A 316 -4.50 31.29 13.48
C LEU A 316 -4.31 32.76 13.85
N GLU A 317 -4.48 33.61 12.85
CA GLU A 317 -4.46 35.02 13.07
C GLU A 317 -5.47 35.34 14.19
N ILE A 318 -6.66 34.78 14.06
CA ILE A 318 -7.72 34.95 15.04
C ILE A 318 -7.41 34.29 16.37
N LEU A 319 -6.93 33.07 16.32
CA LEU A 319 -6.63 32.37 17.52
C LEU A 319 -5.54 33.08 18.35
N TYR A 320 -4.57 33.65 17.67
CA TYR A 320 -3.46 34.25 18.36
C TYR A 320 -3.66 35.72 18.65
N SER A 321 -4.73 36.31 18.17
CA SER A 321 -4.98 37.73 18.40
C SER A 321 -5.13 38.08 19.88
N THR A 322 -4.79 39.32 20.21
CA THR A 322 -4.98 39.89 21.57
C THR A 322 -6.01 41.00 21.61
N ASP A 323 -6.35 41.52 20.43
CA ASP A 323 -7.41 42.49 20.31
C ASP A 323 -8.71 41.97 20.93
N PRO A 324 -9.26 42.70 21.91
CA PRO A 324 -10.53 42.27 22.49
C PRO A 324 -11.73 42.40 21.55
N LYS A 325 -11.60 43.10 20.42
CA LYS A 325 -12.66 43.08 19.40
C LYS A 325 -12.94 41.63 19.04
N LEU A 326 -11.86 40.86 18.95
CA LEU A 326 -11.90 39.48 18.51
C LEU A 326 -12.10 38.48 19.64
N LYS A 327 -12.45 38.93 20.85
CA LYS A 327 -12.55 38.01 21.95
C LYS A 327 -13.56 36.93 21.66
N ASP A 328 -14.69 37.28 21.07
CA ASP A 328 -15.77 36.30 20.83
C ASP A 328 -15.35 35.23 19.80
N ALA A 329 -14.75 35.68 18.70
CA ALA A 329 -14.23 34.79 17.67
C ALA A 329 -13.11 33.91 18.22
N ARG A 330 -12.14 34.53 18.88
CA ARG A 330 -11.05 33.82 19.52
C ARG A 330 -11.57 32.80 20.53
N GLU A 331 -12.63 33.12 21.25
CA GLU A 331 -13.09 32.19 22.28
C GLU A 331 -13.68 30.94 21.68
N ILE A 332 -14.28 31.05 20.51
CA ILE A 332 -14.84 29.89 19.83
C ILE A 332 -13.72 28.95 19.38
N LEU A 333 -12.67 29.50 18.78
CA LEU A 333 -11.55 28.69 18.37
C LEU A 333 -10.88 27.99 19.53
N LYS A 334 -10.86 28.63 20.68
CA LYS A 334 -10.29 27.98 21.88
C LYS A 334 -11.13 26.79 22.31
N GLN A 335 -12.44 26.86 22.12
CA GLN A 335 -13.30 25.76 22.52
C GLN A 335 -13.04 24.54 21.65
N ILE A 336 -12.66 24.82 20.41
CA ILE A 336 -12.20 23.77 19.51
C ILE A 336 -10.94 23.09 20.05
N GLU A 337 -9.93 23.87 20.36
CA GLU A 337 -8.69 23.35 20.97
C GLU A 337 -8.90 22.50 22.22
N TYR A 338 -9.84 22.88 23.09
CA TYR A 338 -10.12 22.13 24.33
C TYR A 338 -11.13 21.03 24.07
N ARG A 339 -11.68 21.03 22.88
CA ARG A 339 -12.58 20.01 22.43
C ARG A 339 -13.91 20.09 23.14
N ASN A 340 -14.30 21.31 23.51
CA ASN A 340 -15.65 21.55 23.95
C ASN A 340 -16.41 22.00 22.75
N LEU A 341 -16.95 21.05 22.02
CA LEU A 341 -17.60 21.34 20.76
C LEU A 341 -19.07 21.39 20.94
N PHE A 342 -19.78 22.03 20.00
CA PHE A 342 -21.21 21.93 19.95
C PHE A 342 -21.48 20.44 19.93
N LYS A 343 -22.57 20.01 20.53
CA LYS A 343 -22.84 18.57 20.61
C LYS A 343 -23.88 18.09 19.61
N TYR A 344 -23.54 17.01 18.93
CA TYR A 344 -24.44 16.34 18.02
C TYR A 344 -25.59 15.76 18.79
N VAL A 345 -26.79 16.04 18.31
CA VAL A 345 -27.99 15.52 18.93
C VAL A 345 -28.48 14.28 18.18
N GLY A 346 -28.55 14.35 16.85
CA GLY A 346 -28.95 13.19 16.08
C GLY A 346 -29.19 13.52 14.64
N GLU A 347 -29.61 12.51 13.90
CA GLU A 347 -29.73 12.60 12.46
C GLU A 347 -31.03 11.97 12.08
N THR A 348 -31.69 12.55 11.10
CA THR A 348 -32.93 12.03 10.56
C THR A 348 -32.99 12.40 9.08
N GLN A 349 -33.97 11.86 8.37
CA GLN A 349 -34.23 12.22 6.97
C GLN A 349 -35.70 12.55 6.73
N PRO A 350 -35.97 13.33 5.70
CA PRO A 350 -37.35 13.54 5.27
C PRO A 350 -37.96 12.28 4.78
N THR A 351 -39.28 12.25 4.76
CA THR A 351 -40.01 11.06 4.35
C THR A 351 -40.64 11.25 2.97
N GLY A 352 -40.63 10.17 2.20
CA GLY A 352 -41.12 10.13 0.84
C GLY A 352 -40.61 11.25 -0.04
N GLN A 353 -41.54 12.09 -0.47
CA GLN A 353 -41.23 13.15 -1.40
C GLN A 353 -40.59 14.39 -0.76
N ILE A 354 -40.71 14.54 0.56
CA ILE A 354 -40.42 15.83 1.21
C ILE A 354 -39.03 16.30 0.83
N LYS A 355 -38.91 17.52 0.34
CA LYS A 355 -37.62 18.10 0.03
C LYS A 355 -37.54 19.51 0.59
N ILE A 356 -36.35 19.88 1.05
CA ILE A 356 -36.14 21.08 1.83
C ILE A 356 -35.23 22.01 1.07
N LYS A 357 -35.64 23.26 0.86
CA LYS A 357 -34.82 24.19 0.13
C LYS A 357 -34.02 25.12 1.02
N ARG A 358 -33.02 25.76 0.43
CA ARG A 358 -32.05 26.60 1.13
C ARG A 358 -32.69 27.73 1.91
N GLU A 359 -33.72 28.32 1.32
CA GLU A 359 -34.48 29.38 1.98
C GLU A 359 -35.12 28.96 3.31
N ASP A 360 -35.49 27.69 3.45
CA ASP A 360 -36.04 27.22 4.71
C ASP A 360 -34.98 26.97 5.80
N TYR A 361 -33.70 26.90 5.44
CA TYR A 361 -32.65 26.48 6.40
C TYR A 361 -32.64 27.31 7.68
N GLU A 362 -32.71 28.63 7.52
CA GLU A 362 -32.65 29.52 8.67
C GLU A 362 -33.79 29.30 9.68
N SER A 363 -34.92 28.80 9.22
CA SER A 363 -36.10 28.65 10.08
C SER A 363 -36.17 27.31 10.85
N LEU A 364 -35.23 26.40 10.59
CA LEU A 364 -35.29 25.07 11.20
C LEU A 364 -34.92 25.03 12.68
N PRO A 365 -33.87 25.78 13.09
CA PRO A 365 -33.61 25.82 14.54
C PRO A 365 -34.85 26.26 15.34
N LYS A 366 -35.65 27.14 14.73
CA LYS A 366 -36.84 27.70 15.31
C LYS A 366 -37.91 26.61 15.45
N GLU A 367 -38.08 25.79 14.41
CA GLU A 367 -39.01 24.69 14.49
C GLU A 367 -38.67 23.68 15.58
N VAL A 368 -37.40 23.43 15.79
CA VAL A 368 -36.97 22.41 16.74
C VAL A 368 -37.27 22.92 18.15
N ALA A 369 -36.98 24.18 18.38
CA ALA A 369 -37.26 24.84 19.64
C ALA A 369 -38.77 24.92 19.92
N SER A 370 -39.58 24.93 18.87
CA SER A 370 -41.04 24.98 18.97
C SER A 370 -41.69 23.65 19.28
N ALA A 371 -40.96 22.57 19.06
CA ALA A 371 -41.47 21.28 19.47
C ALA A 371 -41.78 21.30 20.99
N LYS A 372 -42.84 20.58 21.39
CA LYS A 372 -43.23 20.55 22.79
C LYS A 372 -43.34 19.11 23.27
N PRO A 373 -42.21 18.54 23.65
CA PRO A 373 -42.20 17.15 24.07
C PRO A 373 -42.79 16.99 25.45
N LYS A 374 -43.56 15.91 25.64
CA LYS A 374 -44.23 15.65 26.91
C LYS A 374 -43.24 14.94 27.81
N VAL A 375 -42.29 15.71 28.34
CA VAL A 375 -41.24 15.16 29.19
C VAL A 375 -40.79 16.22 30.17
N LEU A 376 -40.23 15.77 31.30
CA LEU A 376 -39.71 16.66 32.33
C LEU A 376 -38.44 17.38 31.90
N LEU A 377 -38.48 18.71 31.87
CA LEU A 377 -37.34 19.49 31.45
C LEU A 377 -36.84 20.44 32.52
N ASP A 378 -35.56 20.29 32.85
CA ASP A 378 -34.86 21.22 33.73
C ASP A 378 -34.67 22.56 33.01
N VAL A 379 -34.04 22.51 31.84
CA VAL A 379 -33.82 23.70 31.01
C VAL A 379 -34.72 23.73 29.78
N LYS A 380 -35.01 24.94 29.33
CA LYS A 380 -35.84 25.17 28.19
C LYS A 380 -34.89 25.75 27.16
N LEU A 381 -34.95 25.28 25.92
CA LEU A 381 -33.95 25.64 24.94
C LEU A 381 -34.50 26.57 23.89
N LYS A 382 -33.64 27.43 23.37
CA LYS A 382 -34.01 28.48 22.43
C LYS A 382 -33.49 28.20 21.02
N ALA A 383 -34.06 28.86 20.01
CA ALA A 383 -33.65 28.63 18.63
C ALA A 383 -32.14 28.85 18.43
N GLU A 384 -31.60 29.91 19.02
CA GLU A 384 -30.17 30.16 18.94
C GLU A 384 -29.27 29.08 19.55
N ASP A 385 -29.84 28.23 20.40
CA ASP A 385 -29.11 27.10 20.97
C ASP A 385 -29.00 25.88 20.01
N PHE A 386 -29.74 25.90 18.91
CA PHE A 386 -29.74 24.79 17.98
C PHE A 386 -29.03 25.14 16.69
N ILE A 387 -28.26 24.18 16.20
CA ILE A 387 -27.78 24.21 14.83
C ILE A 387 -28.38 23.07 14.08
N VAL A 388 -28.79 23.33 12.86
CA VAL A 388 -29.38 22.31 12.02
C VAL A 388 -28.72 22.30 10.63
N ASP A 389 -28.00 21.23 10.34
CA ASP A 389 -27.29 21.08 9.12
C ASP A 389 -28.08 20.18 8.20
N VAL A 390 -28.34 20.64 6.99
CA VAL A 390 -29.05 19.87 6.00
C VAL A 390 -28.08 19.51 4.89
N ILE A 391 -28.01 18.23 4.57
CA ILE A 391 -26.98 17.75 3.70
C ILE A 391 -27.61 17.03 2.54
N ASN A 392 -27.27 17.48 1.34
CA ASN A 392 -27.79 16.88 0.13
C ASN A 392 -26.86 15.84 -0.43
N MET A 393 -27.22 14.56 -0.32
CA MET A 393 -26.39 13.48 -0.82
C MET A 393 -26.95 13.02 -2.13
N ASP A 394 -26.13 13.05 -3.17
CA ASP A 394 -26.60 12.53 -4.46
C ASP A 394 -25.46 11.92 -5.24
N TYR A 395 -25.73 11.52 -6.48
CA TYR A 395 -24.72 11.03 -7.38
C TYR A 395 -24.20 12.15 -8.30
N GLY A 396 -24.24 13.36 -7.82
CA GLY A 396 -23.67 14.47 -8.53
C GLY A 396 -24.62 15.22 -9.44
N MET A 397 -25.84 14.74 -9.58
CA MET A 397 -26.78 15.34 -10.51
C MET A 397 -28.17 15.40 -9.93
N GLN A 398 -28.27 15.81 -8.68
CA GLN A 398 -29.50 15.79 -7.94
C GLN A 398 -30.20 14.46 -8.14
N GLU A 399 -31.46 14.47 -8.57
CA GLU A 399 -32.28 13.26 -8.75
C GLU A 399 -31.84 12.38 -9.93
N LYS A 400 -31.04 12.95 -10.83
CA LYS A 400 -30.59 12.23 -12.02
C LYS A 400 -29.46 11.21 -11.82
N ASN A 401 -29.53 10.14 -12.61
CA ASN A 401 -28.56 9.07 -12.66
C ASN A 401 -27.54 9.40 -13.68
N PRO A 402 -26.29 9.67 -13.25
CA PRO A 402 -25.30 10.14 -14.19
C PRO A 402 -24.89 9.10 -15.21
N ILE A 403 -25.14 7.83 -14.95
CA ILE A 403 -24.76 6.81 -15.91
C ILE A 403 -25.68 6.84 -17.12
N ASP A 404 -26.90 7.35 -16.95
CA ASP A 404 -27.78 7.62 -18.07
C ASP A 404 -27.19 8.67 -19.00
N HIS A 405 -26.20 9.41 -18.54
CA HIS A 405 -25.57 10.44 -19.37
C HIS A 405 -24.14 10.07 -19.71
N VAL A 406 -23.89 8.77 -19.83
CA VAL A 406 -22.62 8.25 -20.23
C VAL A 406 -22.79 7.43 -21.50
N SER A 407 -21.80 7.57 -22.38
CA SER A 407 -21.78 6.85 -23.62
C SER A 407 -20.75 5.71 -23.54
N PHE A 408 -21.12 4.55 -24.07
CA PHE A 408 -20.27 3.35 -24.06
C PHE A 408 -19.99 2.83 -25.46
N TYR A 409 -18.89 2.10 -25.61
CA TYR A 409 -18.56 1.45 -26.86
C TYR A 409 -18.22 -0.01 -26.68
N CYS A 410 -18.70 -0.86 -27.57
CA CYS A 410 -18.48 -2.30 -27.45
C CYS A 410 -17.23 -2.70 -28.16
N LYS A 411 -16.71 -3.85 -27.80
CA LYS A 411 -15.44 -4.35 -28.41
C LYS A 411 -15.61 -4.72 -29.87
N THR A 412 -16.77 -5.26 -30.25
CA THR A 412 -17.02 -5.66 -31.65
C THR A 412 -17.28 -4.46 -32.57
N ALA A 413 -17.72 -3.30 -32.03
CA ALA A 413 -17.85 -2.04 -32.81
C ALA A 413 -17.37 -0.81 -32.03
N PRO A 414 -16.05 -0.65 -31.93
CA PRO A 414 -15.41 0.35 -31.07
C PRO A 414 -15.69 1.81 -31.40
N ASN A 415 -16.12 2.10 -32.62
CA ASN A 415 -16.43 3.48 -32.96
C ASN A 415 -17.90 3.82 -32.77
N ARG A 416 -18.70 2.82 -32.42
CA ARG A 416 -20.14 3.01 -32.32
C ARG A 416 -20.57 3.17 -30.88
N ALA A 417 -20.99 4.38 -30.54
CA ALA A 417 -21.39 4.73 -29.19
C ALA A 417 -22.75 4.13 -28.90
N ILE A 418 -23.00 3.79 -27.64
CA ILE A 418 -24.28 3.27 -27.22
C ILE A 418 -24.62 3.76 -25.82
N ARG A 419 -25.85 3.48 -25.39
CA ARG A 419 -26.34 3.85 -24.08
C ARG A 419 -26.68 2.57 -23.31
N ILE A 420 -26.56 2.62 -21.98
CA ILE A 420 -26.86 1.48 -21.13
C ILE A 420 -27.73 1.92 -19.98
N THR A 421 -28.84 1.21 -19.76
CA THR A 421 -29.83 1.60 -18.74
C THR A 421 -29.51 0.86 -17.50
N LYS A 422 -30.08 1.32 -16.40
CA LYS A 422 -29.83 0.74 -15.11
C LYS A 422 -30.21 -0.75 -15.09
N ASN A 423 -31.32 -1.09 -15.73
CA ASN A 423 -31.84 -2.45 -15.69
C ASN A 423 -30.95 -3.40 -16.47
N GLN A 424 -30.24 -2.86 -17.45
CA GLN A 424 -29.22 -3.65 -18.16
C GLN A 424 -27.99 -3.95 -17.31
N VAL A 425 -27.87 -3.36 -16.13
CA VAL A 425 -26.72 -3.64 -15.29
C VAL A 425 -27.07 -4.50 -14.10
N SER A 426 -28.00 -4.06 -13.27
CA SER A 426 -28.27 -4.76 -12.02
C SER A 426 -29.51 -4.25 -11.33
N GLN A 427 -30.14 -5.16 -10.60
CA GLN A 427 -31.26 -4.84 -9.76
C GLN A 427 -30.80 -4.47 -8.37
N LEU A 428 -29.53 -4.71 -8.08
CA LEU A 428 -28.96 -4.34 -6.80
C LEU A 428 -28.47 -2.90 -6.75
N LEU A 429 -28.80 -2.11 -7.75
CA LEU A 429 -28.47 -0.71 -7.72
C LEU A 429 -29.54 0.07 -6.95
N PRO A 430 -29.22 1.30 -6.54
CA PRO A 430 -30.21 2.18 -5.89
C PRO A 430 -31.37 2.53 -6.81
N GLU A 431 -32.56 2.74 -6.26
CA GLU A 431 -33.68 3.21 -7.08
C GLU A 431 -33.72 4.73 -7.11
N LYS A 432 -33.17 5.38 -6.08
CA LYS A 432 -33.05 6.83 -6.06
C LYS A 432 -31.59 7.24 -6.03
N PHE A 433 -31.31 8.44 -6.53
CA PHE A 433 -29.96 8.97 -6.60
C PHE A 433 -29.76 10.28 -5.87
N ALA A 434 -30.69 10.62 -4.98
CA ALA A 434 -30.56 11.82 -4.16
C ALA A 434 -31.28 11.65 -2.86
N GLU A 435 -30.81 12.29 -1.81
CA GLU A 435 -31.50 12.25 -0.53
C GLU A 435 -30.98 13.37 0.35
N GLN A 436 -31.65 13.59 1.48
CA GLN A 436 -31.29 14.62 2.39
C GLN A 436 -31.10 14.02 3.76
N LEU A 437 -30.07 14.51 4.45
CA LEU A 437 -29.82 14.17 5.81
C LEU A 437 -29.96 15.43 6.59
N ILE A 438 -30.54 15.30 7.79
CA ILE A 438 -30.66 16.44 8.69
C ILE A 438 -29.94 16.08 9.95
N ARG A 439 -28.97 16.89 10.33
CA ARG A 439 -28.28 16.74 11.58
C ARG A 439 -28.65 17.89 12.45
N VAL A 440 -28.75 17.62 13.74
CA VAL A 440 -29.06 18.66 14.69
C VAL A 440 -28.01 18.61 15.73
N TYR A 441 -27.57 19.78 16.11
CA TYR A 441 -26.59 19.92 17.16
C TYR A 441 -27.07 20.96 18.15
N CYS A 442 -26.57 20.87 19.37
CA CYS A 442 -26.84 21.86 20.40
C CYS A 442 -25.60 22.64 20.83
N LYS A 443 -25.74 23.95 20.95
CA LYS A 443 -24.65 24.78 21.44
C LYS A 443 -24.49 24.74 22.95
N LYS A 444 -25.48 24.24 23.67
CA LYS A 444 -25.38 24.14 25.11
C LYS A 444 -24.90 22.74 25.39
N VAL A 445 -23.74 22.61 26.04
CA VAL A 445 -23.08 21.30 26.13
C VAL A 445 -23.37 20.45 27.35
N ASP A 446 -23.85 21.03 28.44
CA ASP A 446 -24.02 20.26 29.68
C ASP A 446 -25.03 19.13 29.55
N ARG A 447 -24.93 18.17 30.48
CA ARG A 447 -25.77 16.97 30.51
C ARG A 447 -27.23 17.28 30.27
N LYS A 448 -27.72 18.28 30.99
CA LYS A 448 -29.15 18.53 31.04
C LYS A 448 -29.63 19.24 29.80
N SER A 449 -28.83 20.14 29.27
CA SER A 449 -29.17 20.81 28.00
C SER A 449 -29.19 19.82 26.85
N LEU A 450 -28.21 18.93 26.86
CA LEU A 450 -28.13 17.88 25.91
C LEU A 450 -29.32 16.90 26.02
N TYR A 451 -29.63 16.48 27.25
CA TYR A 451 -30.77 15.59 27.45
C TYR A 451 -32.03 16.22 26.86
N ALA A 452 -32.20 17.51 27.12
CA ALA A 452 -33.36 18.24 26.64
C ALA A 452 -33.39 18.28 25.15
N ALA A 453 -32.26 18.69 24.58
CA ALA A 453 -32.12 18.81 23.13
C ALA A 453 -32.54 17.56 22.39
N ARG A 454 -32.25 16.41 22.96
CA ARG A 454 -32.69 15.15 22.37
C ARG A 454 -34.21 15.00 22.31
N GLN A 455 -34.86 15.53 23.32
CA GLN A 455 -36.29 15.42 23.38
C GLN A 455 -36.93 16.32 22.33
N TYR A 456 -36.49 17.57 22.27
CA TYR A 456 -36.95 18.46 21.20
C TYR A 456 -36.77 17.84 19.83
N PHE A 457 -35.55 17.32 19.61
CA PHE A 457 -35.17 16.77 18.32
C PHE A 457 -36.08 15.63 17.92
N VAL A 458 -36.19 14.68 18.82
CA VAL A 458 -36.97 13.49 18.51
C VAL A 458 -38.43 13.87 18.33
N GLN A 459 -38.89 14.82 19.14
CA GLN A 459 -40.28 15.29 19.06
C GLN A 459 -40.51 15.94 17.73
N TRP A 460 -39.55 16.76 17.33
CA TRP A 460 -39.61 17.47 16.07
C TRP A 460 -39.68 16.51 14.90
N CYS A 461 -38.92 15.42 14.98
CA CYS A 461 -38.94 14.39 13.96
C CYS A 461 -40.33 13.83 13.84
N ALA A 462 -40.91 13.47 14.98
CA ALA A 462 -42.26 12.94 15.01
C ALA A 462 -43.26 13.95 14.45
N ASP A 463 -43.13 15.21 14.83
CA ASP A 463 -44.05 16.24 14.37
C ASP A 463 -44.04 16.37 12.87
N ARG A 464 -42.84 16.31 12.29
CA ARG A 464 -42.65 16.53 10.86
C ARG A 464 -42.77 15.27 10.05
N ASN A 465 -43.04 14.14 10.71
CA ASN A 465 -43.08 12.83 10.08
C ASN A 465 -41.78 12.47 9.33
N PHE A 466 -40.65 12.77 9.99
CA PHE A 466 -39.34 12.34 9.52
C PHE A 466 -39.04 10.93 10.01
N THR A 467 -37.95 10.36 9.53
CA THR A 467 -37.56 9.00 9.89
C THR A 467 -37.09 8.96 11.35
N LYS A 468 -37.31 7.82 11.99
CA LYS A 468 -36.94 7.65 13.37
C LYS A 468 -35.45 7.61 13.54
N PRO A 469 -34.88 8.51 14.34
CA PRO A 469 -33.44 8.45 14.52
C PRO A 469 -33.06 7.09 15.00
N GLN A 470 -31.88 6.64 14.62
CA GLN A 470 -31.44 5.27 14.93
C GLN A 470 -31.49 4.96 16.42
N ASP A 471 -31.01 5.90 17.24
CA ASP A 471 -30.98 5.71 18.69
C ASP A 471 -32.18 6.37 19.41
N GLY A 472 -33.23 6.69 18.66
CA GLY A 472 -34.43 7.30 19.22
C GLY A 472 -34.94 6.68 20.51
N ASP A 473 -35.08 5.36 20.53
CA ASP A 473 -35.61 4.67 21.68
C ASP A 473 -34.74 4.80 22.90
N VAL A 474 -33.45 4.94 22.69
CA VAL A 474 -32.54 5.08 23.81
C VAL A 474 -32.47 6.50 24.33
N ILE A 475 -32.44 7.49 23.44
CA ILE A 475 -32.27 8.87 23.89
C ILE A 475 -33.57 9.52 24.31
N ALA A 476 -34.68 9.09 23.72
CA ALA A 476 -36.00 9.64 24.05
C ALA A 476 -37.04 8.51 24.14
N PRO A 477 -36.88 7.65 25.14
CA PRO A 477 -37.79 6.52 25.28
C PRO A 477 -39.25 6.94 25.53
N LEU A 478 -39.44 8.14 26.07
CA LEU A 478 -40.78 8.62 26.37
C LEU A 478 -41.44 9.24 25.15
N ILE A 479 -40.66 9.55 24.12
CA ILE A 479 -41.20 10.26 22.94
C ILE A 479 -41.54 9.31 21.79
N THR A 480 -40.71 8.29 21.59
CA THR A 480 -40.86 7.38 20.47
C THR A 480 -42.15 6.57 20.44
N PRO A 481 -42.72 6.26 21.61
CA PRO A 481 -43.93 5.42 21.59
C PRO A 481 -45.15 6.11 20.96
N GLN A 482 -45.22 7.44 21.04
CA GLN A 482 -46.37 8.16 20.50
C GLN A 482 -46.56 7.91 19.00
N LYS A 483 -45.46 7.73 18.28
CA LYS A 483 -45.53 7.48 16.85
C LYS A 483 -45.73 5.99 16.56
N LYS A 484 -46.87 5.64 15.97
CA LYS A 484 -47.20 4.24 15.65
C LYS A 484 -46.13 3.58 14.76
N GLU A 485 -45.88 4.24 13.63
CA GLU A 485 -44.96 3.77 12.57
C GLU A 485 -43.58 3.40 13.11
N TRP A 486 -43.12 4.15 14.10
CA TRP A 486 -41.86 3.88 14.74
C TRP A 486 -41.86 2.64 15.68
N ASN A 487 -43.01 2.34 16.29
CA ASN A 487 -43.15 1.42 17.43
C ASN A 487 -42.79 2.15 18.72
N THR B 2 -6.62 -8.08 -31.68
CA THR B 2 -5.67 -6.97 -31.29
C THR B 2 -5.35 -7.01 -29.78
N MET B 3 -4.85 -5.90 -29.24
CA MET B 3 -4.08 -5.89 -28.01
C MET B 3 -4.89 -6.25 -26.74
N LYS B 4 -4.25 -6.95 -25.79
CA LYS B 4 -4.90 -7.29 -24.51
C LYS B 4 -4.36 -6.53 -23.29
N VAL B 5 -5.23 -6.38 -22.30
CA VAL B 5 -4.88 -5.76 -21.05
C VAL B 5 -4.88 -6.80 -19.94
N ILE B 6 -3.80 -6.84 -19.18
CA ILE B 6 -3.77 -7.70 -18.01
C ILE B 6 -3.60 -6.92 -16.73
N ASN B 7 -4.46 -7.19 -15.74
CA ASN B 7 -4.33 -6.57 -14.44
C ASN B 7 -3.35 -7.26 -13.51
N ASP B 8 -2.26 -6.54 -13.24
CA ASP B 8 -1.22 -7.02 -12.35
C ASP B 8 -1.20 -6.21 -11.06
N PRO B 9 -1.16 -6.90 -9.91
CA PRO B 9 -1.16 -6.19 -8.63
C PRO B 9 0.08 -5.29 -8.44
N ILE B 10 1.17 -5.55 -9.12
CA ILE B 10 2.33 -4.72 -8.96
C ILE B 10 2.32 -3.52 -9.88
N HIS B 11 1.92 -3.70 -11.14
CA HIS B 11 2.09 -2.66 -12.13
C HIS B 11 0.77 -2.11 -12.62
N GLY B 12 -0.34 -2.69 -12.19
CA GLY B 12 -1.63 -2.27 -12.66
C GLY B 12 -1.92 -2.87 -14.02
N HIS B 13 -2.53 -2.09 -14.91
CA HIS B 13 -2.99 -2.61 -16.16
C HIS B 13 -1.90 -2.54 -17.15
N ILE B 14 -1.48 -3.69 -17.62
CA ILE B 14 -0.48 -3.83 -18.62
C ILE B 14 -1.11 -4.13 -19.97
N GLU B 15 -0.71 -3.38 -21.00
CA GLU B 15 -1.17 -3.62 -22.37
C GLU B 15 -0.22 -4.59 -23.06
N LEU B 16 -0.79 -5.58 -23.74
CA LEU B 16 0.02 -6.58 -24.42
C LEU B 16 -0.28 -6.61 -25.92
N HIS B 17 0.77 -6.42 -26.70
CA HIS B 17 0.68 -6.45 -28.15
C HIS B 17 0.32 -7.89 -28.60
N PRO B 18 -0.54 -8.04 -29.62
CA PRO B 18 -1.04 -9.36 -30.06
C PRO B 18 0.05 -10.41 -30.25
N LEU B 19 1.19 -9.98 -30.75
CA LEU B 19 2.29 -10.91 -30.92
C LEU B 19 2.70 -11.53 -29.62
N LEU B 20 2.79 -10.70 -28.58
CA LEU B 20 3.19 -11.16 -27.25
C LEU B 20 2.17 -12.10 -26.66
N VAL B 21 0.90 -11.77 -26.86
CA VAL B 21 -0.18 -12.67 -26.46
C VAL B 21 -0.01 -14.05 -27.08
N ARG B 22 0.28 -14.06 -28.37
CA ARG B 22 0.48 -15.31 -29.07
C ARG B 22 1.61 -16.11 -28.46
N ILE B 23 2.71 -15.44 -28.12
CA ILE B 23 3.82 -16.12 -27.47
C ILE B 23 3.45 -16.65 -26.08
N ILE B 24 2.63 -15.88 -25.38
CA ILE B 24 2.22 -16.23 -24.03
C ILE B 24 1.32 -17.43 -23.98
N ASP B 25 0.43 -17.52 -24.95
CA ASP B 25 -0.58 -18.56 -24.97
C ASP B 25 -0.07 -19.81 -25.66
N THR B 26 1.02 -20.34 -25.11
CA THR B 26 1.65 -21.56 -25.57
C THR B 26 1.98 -22.41 -24.34
N PRO B 27 2.16 -23.71 -24.54
CA PRO B 27 2.39 -24.58 -23.40
C PRO B 27 3.71 -24.28 -22.76
N GLN B 28 4.65 -23.80 -23.57
CA GLN B 28 6.00 -23.54 -23.09
C GLN B 28 6.01 -22.36 -22.13
N PHE B 29 5.19 -21.36 -22.43
CA PHE B 29 5.12 -20.19 -21.58
C PHE B 29 4.18 -20.43 -20.39
N GLN B 30 3.05 -21.08 -20.62
CA GLN B 30 2.09 -21.27 -19.57
C GLN B 30 2.62 -22.20 -18.49
N ARG B 31 3.61 -22.98 -18.86
CA ARG B 31 4.32 -23.82 -17.94
C ARG B 31 4.82 -23.08 -16.70
N LEU B 32 5.21 -21.82 -16.91
CA LEU B 32 5.70 -20.98 -15.83
C LEU B 32 4.67 -20.74 -14.71
N ARG B 33 3.40 -20.98 -14.96
CA ARG B 33 2.41 -20.91 -13.95
C ARG B 33 2.59 -21.93 -12.83
N TYR B 34 3.41 -22.95 -13.06
CA TYR B 34 3.50 -24.06 -12.14
C TYR B 34 4.88 -24.14 -11.62
N ILE B 35 5.52 -22.97 -11.51
CA ILE B 35 6.88 -22.91 -10.96
C ILE B 35 6.99 -21.73 -10.02
N LYS B 36 7.07 -22.00 -8.71
CA LYS B 36 7.16 -20.93 -7.70
C LYS B 36 8.41 -20.08 -7.90
N GLN B 37 8.20 -18.78 -7.96
CA GLN B 37 9.31 -17.83 -8.00
C GLN B 37 10.38 -18.11 -6.95
N LEU B 38 9.94 -18.35 -5.72
CA LEU B 38 10.85 -18.46 -4.60
C LEU B 38 11.05 -19.89 -4.09
N GLY B 39 10.57 -20.89 -4.81
CA GLY B 39 10.82 -22.29 -4.45
C GLY B 39 10.35 -22.69 -3.04
N GLY B 40 11.27 -23.20 -2.23
CA GLY B 40 11.03 -23.49 -0.80
C GLY B 40 10.66 -22.32 0.11
N GLY B 41 10.82 -21.09 -0.35
CA GLY B 41 10.46 -19.91 0.45
C GLY B 41 9.00 -19.80 0.80
N TYR B 42 8.14 -20.35 -0.05
CA TYR B 42 6.73 -20.47 0.24
C TYR B 42 6.46 -21.19 1.57
N TYR B 43 7.30 -22.16 1.92
CA TYR B 43 7.13 -22.93 3.15
C TYR B 43 7.58 -22.16 4.38
N VAL B 44 8.24 -21.01 4.17
CA VAL B 44 8.57 -20.09 5.24
C VAL B 44 7.72 -18.81 5.21
N PHE B 45 7.52 -18.27 4.02
CA PHE B 45 6.75 -17.06 3.81
C PHE B 45 5.51 -17.41 3.03
N PRO B 46 4.39 -17.59 3.72
CA PRO B 46 3.19 -18.10 3.04
C PRO B 46 2.55 -17.13 2.06
N GLY B 47 2.99 -15.87 2.09
CA GLY B 47 2.62 -14.90 1.07
C GLY B 47 3.20 -15.20 -0.29
N ALA B 48 4.33 -15.91 -0.29
CA ALA B 48 5.11 -16.16 -1.52
C ALA B 48 4.61 -17.31 -2.35
N SER B 49 3.39 -17.19 -2.81
CA SER B 49 2.73 -18.19 -3.63
C SER B 49 2.96 -17.93 -5.09
N HIS B 50 3.58 -16.80 -5.40
CA HIS B 50 3.73 -16.39 -6.78
C HIS B 50 4.68 -17.23 -7.60
N ASN B 51 4.31 -17.38 -8.87
CA ASN B 51 5.02 -18.21 -9.85
C ASN B 51 5.74 -17.36 -10.89
N ARG B 52 6.62 -17.98 -11.64
CA ARG B 52 7.45 -17.28 -12.62
C ARG B 52 6.65 -16.60 -13.69
N PHE B 53 5.46 -17.13 -13.96
CA PHE B 53 4.58 -16.59 -15.00
C PHE B 53 4.31 -15.12 -14.84
N GLU B 54 3.77 -14.76 -13.68
CA GLU B 54 3.44 -13.36 -13.43
C GLU B 54 4.70 -12.49 -13.43
N HIS B 55 5.79 -13.03 -12.91
CA HIS B 55 7.01 -12.27 -12.88
C HIS B 55 7.42 -11.97 -14.32
N SER B 56 7.23 -12.93 -15.18
CA SER B 56 7.62 -12.77 -16.57
C SER B 56 6.83 -11.70 -17.29
N LEU B 57 5.53 -11.64 -17.05
CA LEU B 57 4.75 -10.56 -17.59
C LEU B 57 5.33 -9.26 -17.11
N GLY B 58 5.69 -9.20 -15.83
CA GLY B 58 6.17 -7.96 -15.26
C GLY B 58 7.44 -7.48 -15.91
N VAL B 59 8.34 -8.41 -16.14
CA VAL B 59 9.60 -8.08 -16.77
C VAL B 59 9.35 -7.60 -18.19
N GLY B 60 8.47 -8.29 -18.88
CA GLY B 60 8.12 -7.90 -20.25
C GLY B 60 7.65 -6.48 -20.28
N TYR B 61 6.79 -6.15 -19.32
CA TYR B 61 6.16 -4.84 -19.32
C TYR B 61 7.17 -3.74 -19.00
N LEU B 62 8.01 -3.97 -18.00
CA LEU B 62 9.02 -2.99 -17.67
C LEU B 62 10.03 -2.81 -18.79
N ALA B 63 10.40 -3.89 -19.45
CA ALA B 63 11.30 -3.78 -20.63
C ALA B 63 10.70 -2.81 -21.60
N GLY B 64 9.42 -3.01 -21.89
CA GLY B 64 8.67 -2.13 -22.76
C GLY B 64 8.62 -0.71 -22.29
N CYS B 65 8.36 -0.50 -21.00
CA CYS B 65 8.36 0.86 -20.44
C CYS B 65 9.64 1.59 -20.70
N LEU B 66 10.76 0.94 -20.47
CA LEU B 66 12.04 1.62 -20.51
C LEU B 66 12.45 1.94 -21.97
N VAL B 67 12.30 0.97 -22.85
CA VAL B 67 12.60 1.21 -24.26
C VAL B 67 11.70 2.31 -24.81
N HIS B 68 10.42 2.29 -24.49
CA HIS B 68 9.53 3.37 -24.93
C HIS B 68 9.98 4.70 -24.41
N ALA B 69 10.44 4.73 -23.17
CA ALA B 69 10.77 5.99 -22.53
C ALA B 69 11.99 6.62 -23.20
N LEU B 70 12.91 5.76 -23.60
CA LEU B 70 14.10 6.20 -24.28
C LEU B 70 13.77 6.75 -25.65
N GLY B 71 12.88 6.07 -26.36
CA GLY B 71 12.41 6.55 -27.65
C GLY B 71 11.72 7.89 -27.57
N GLU B 72 10.88 8.09 -26.54
CA GLU B 72 10.17 9.36 -26.38
C GLU B 72 11.17 10.48 -26.11
N LYS B 73 12.11 10.20 -25.22
CA LYS B 73 13.06 11.21 -24.80
C LYS B 73 14.04 11.55 -25.92
N GLN B 74 14.42 10.53 -26.69
CA GLN B 74 15.41 10.70 -27.74
C GLN B 74 14.97 10.00 -29.03
N PRO B 75 14.28 10.74 -29.93
CA PRO B 75 13.93 10.20 -31.23
C PRO B 75 15.15 9.88 -32.10
N GLU B 76 16.22 10.67 -31.89
CA GLU B 76 17.44 10.50 -32.65
C GLU B 76 17.99 9.09 -32.57
N LEU B 77 17.61 8.35 -31.53
CA LEU B 77 17.99 6.95 -31.41
C LEU B 77 17.33 6.08 -32.47
N GLN B 78 16.22 6.53 -33.03
CA GLN B 78 15.51 5.78 -34.06
C GLN B 78 15.15 4.38 -33.57
N ILE B 79 14.54 4.32 -32.40
CA ILE B 79 14.05 3.07 -31.89
C ILE B 79 12.77 2.74 -32.62
N SER B 80 12.68 1.55 -33.19
CA SER B 80 11.52 1.15 -33.96
C SER B 80 10.61 0.29 -33.13
N GLU B 81 9.35 0.21 -33.52
CA GLU B 81 8.43 -0.74 -32.92
C GLU B 81 9.02 -2.13 -32.94
N ARG B 82 9.75 -2.43 -34.01
CA ARG B 82 10.44 -3.72 -34.10
C ARG B 82 11.36 -3.93 -32.91
N ASP B 83 12.17 -2.93 -32.61
CA ASP B 83 13.08 -2.99 -31.46
C ASP B 83 12.32 -3.16 -30.15
N VAL B 84 11.23 -2.42 -29.99
CA VAL B 84 10.43 -2.48 -28.81
C VAL B 84 9.95 -3.90 -28.58
N LEU B 85 9.38 -4.51 -29.61
CA LEU B 85 8.78 -5.83 -29.41
C LEU B 85 9.85 -6.86 -29.12
N CYS B 86 11.02 -6.69 -29.72
CA CYS B 86 12.10 -7.63 -29.49
C CYS B 86 12.58 -7.60 -28.07
N VAL B 87 12.62 -6.40 -27.51
CA VAL B 87 13.02 -6.25 -26.12
C VAL B 87 11.96 -6.82 -25.19
N GLN B 88 10.70 -6.54 -25.47
CA GLN B 88 9.64 -7.11 -24.69
C GLN B 88 9.66 -8.63 -24.73
N ILE B 89 9.92 -9.20 -25.91
CA ILE B 89 9.90 -10.65 -26.01
C ILE B 89 11.03 -11.26 -25.22
N ALA B 90 12.19 -10.64 -25.29
CA ALA B 90 13.28 -11.08 -24.44
C ALA B 90 12.91 -10.98 -22.93
N GLY B 91 12.25 -9.88 -22.57
CA GLY B 91 11.78 -9.71 -21.20
C GLY B 91 10.87 -10.82 -20.76
N LEU B 92 9.84 -11.08 -21.56
CA LEU B 92 8.89 -12.16 -21.26
C LEU B 92 9.57 -13.46 -21.15
N CYS B 93 10.63 -13.67 -21.92
CA CYS B 93 11.13 -15.00 -22.10
C CYS B 93 12.37 -15.36 -21.36
N ARG B 94 12.96 -14.44 -20.59
CA ARG B 94 14.19 -14.83 -19.90
C ARG B 94 14.00 -15.82 -18.76
N ASN B 95 12.78 -15.98 -18.28
CA ASN B 95 12.52 -16.99 -17.26
C ASN B 95 12.03 -18.34 -17.78
N LEU B 96 11.92 -18.46 -19.09
CA LEU B 96 11.43 -19.71 -19.71
C LEU B 96 12.17 -20.96 -19.29
N GLY B 97 13.45 -20.84 -19.00
CA GLY B 97 14.26 -21.99 -18.68
C GLY B 97 14.26 -22.49 -17.25
N HIS B 98 13.55 -21.82 -16.36
CA HIS B 98 13.60 -22.21 -14.96
C HIS B 98 12.96 -23.56 -14.75
N GLY B 99 13.44 -24.30 -13.76
CA GLY B 99 12.95 -25.64 -13.48
C GLY B 99 12.24 -25.62 -12.15
N PRO B 100 11.76 -26.78 -11.70
CA PRO B 100 10.99 -26.86 -10.47
C PRO B 100 11.68 -26.15 -9.30
N PHE B 101 10.88 -25.36 -8.59
CA PHE B 101 11.30 -24.54 -7.48
C PHE B 101 12.40 -23.56 -7.87
N SER B 102 12.40 -23.16 -9.14
CA SER B 102 13.31 -22.15 -9.65
C SER B 102 14.76 -22.46 -9.32
N HIS B 103 15.40 -21.63 -8.48
CA HIS B 103 16.84 -21.73 -8.30
C HIS B 103 17.28 -22.97 -7.59
N MET B 104 16.35 -23.66 -6.93
CA MET B 104 16.67 -24.95 -6.37
C MET B 104 17.16 -25.90 -7.47
N PHE B 105 16.56 -25.79 -8.66
CA PHE B 105 16.82 -26.73 -9.73
C PHE B 105 18.19 -26.59 -10.36
N ASP B 106 18.51 -25.40 -10.83
CA ASP B 106 19.85 -25.17 -11.36
C ASP B 106 20.90 -24.86 -10.28
N GLY B 107 20.48 -24.44 -9.11
CA GLY B 107 21.43 -24.11 -8.06
C GLY B 107 21.83 -25.30 -7.19
N ARG B 108 20.92 -26.26 -6.99
CA ARG B 108 21.26 -27.41 -6.15
C ARG B 108 21.16 -28.73 -6.91
N PHE B 109 20.03 -28.97 -7.54
CA PHE B 109 19.74 -30.32 -8.01
C PHE B 109 20.58 -30.80 -9.20
N ILE B 110 20.67 -29.99 -10.25
CA ILE B 110 21.42 -30.37 -11.42
C ILE B 110 22.92 -30.50 -11.13
N PRO B 111 23.50 -29.52 -10.43
CA PRO B 111 24.88 -29.68 -10.01
C PRO B 111 25.20 -31.02 -9.39
N LEU B 112 24.30 -31.54 -8.55
CA LEU B 112 24.56 -32.78 -7.85
C LEU B 112 24.21 -34.01 -8.67
N ALA B 113 23.22 -33.89 -9.54
CA ALA B 113 22.70 -35.04 -10.22
C ALA B 113 23.37 -35.25 -11.58
N ARG B 114 23.86 -34.18 -12.20
CA ARG B 114 24.60 -34.26 -13.44
C ARG B 114 25.80 -33.36 -13.29
N PRO B 115 26.75 -33.77 -12.44
CA PRO B 115 27.90 -32.90 -12.15
C PRO B 115 28.74 -32.52 -13.37
N GLU B 116 28.84 -33.42 -14.34
CA GLU B 116 29.69 -33.19 -15.52
C GLU B 116 29.11 -32.13 -16.43
N VAL B 117 27.80 -32.07 -16.56
CA VAL B 117 27.18 -31.07 -17.41
C VAL B 117 27.24 -29.68 -16.77
N LYS B 118 27.34 -28.66 -17.59
CA LYS B 118 27.26 -27.27 -17.12
C LYS B 118 25.93 -26.71 -17.60
N TRP B 119 25.09 -26.20 -16.69
CA TRP B 119 23.72 -25.80 -17.06
C TRP B 119 23.20 -24.65 -16.24
N THR B 120 22.51 -23.74 -16.89
CA THR B 120 21.91 -22.61 -16.23
C THR B 120 20.51 -22.44 -16.82
N HIS B 121 19.63 -21.81 -16.04
CA HIS B 121 18.29 -21.55 -16.51
C HIS B 121 18.36 -20.63 -17.75
N GLU B 122 19.42 -19.82 -17.87
CA GLU B 122 19.56 -18.93 -19.04
C GLU B 122 19.74 -19.75 -20.32
N GLN B 123 20.64 -20.74 -20.27
CA GLN B 123 20.80 -21.69 -21.36
C GLN B 123 19.43 -22.22 -21.75
N GLY B 124 18.68 -22.67 -20.75
CA GLY B 124 17.40 -23.31 -20.96
C GLY B 124 16.36 -22.37 -21.48
N SER B 125 16.45 -21.11 -21.09
CA SER B 125 15.49 -20.12 -21.57
C SER B 125 15.62 -20.03 -23.09
N VAL B 126 16.85 -20.00 -23.56
CA VAL B 126 17.11 -19.94 -24.99
C VAL B 126 16.56 -21.15 -25.74
N MET B 127 16.85 -22.33 -25.24
CA MET B 127 16.41 -23.55 -25.87
C MET B 127 14.89 -23.62 -25.87
N MET B 128 14.29 -23.28 -24.74
CA MET B 128 12.84 -23.33 -24.61
C MET B 128 12.20 -22.32 -25.55
N PHE B 129 12.88 -21.20 -25.73
CA PHE B 129 12.40 -20.18 -26.64
C PHE B 129 12.37 -20.67 -28.08
N GLU B 130 13.50 -21.23 -28.51
CA GLU B 130 13.62 -21.86 -29.83
C GLU B 130 12.48 -22.82 -30.03
N HIS B 131 12.30 -23.70 -29.04
CA HIS B 131 11.28 -24.71 -29.10
C HIS B 131 9.91 -24.08 -29.19
N LEU B 132 9.69 -23.01 -28.44
CA LEU B 132 8.40 -22.34 -28.43
C LEU B 132 8.06 -21.75 -29.79
N ILE B 133 9.03 -21.10 -30.40
CA ILE B 133 8.84 -20.48 -31.70
C ILE B 133 8.48 -21.55 -32.73
N ASN B 134 9.30 -22.61 -32.78
CA ASN B 134 9.13 -23.64 -33.79
C ASN B 134 7.86 -24.41 -33.57
N SER B 135 7.60 -24.82 -32.34
CA SER B 135 6.42 -25.62 -32.06
C SER B 135 5.11 -24.90 -32.26
N ASN B 136 5.13 -23.57 -32.43
CA ASN B 136 3.87 -22.81 -32.50
C ASN B 136 3.72 -21.86 -33.68
N GLY B 137 4.61 -21.96 -34.65
CA GLY B 137 4.46 -21.20 -35.88
C GLY B 137 4.39 -19.73 -35.56
N ILE B 138 5.33 -19.29 -34.75
CA ILE B 138 5.36 -17.90 -34.35
C ILE B 138 6.04 -17.05 -35.41
N LYS B 139 7.02 -17.64 -36.09
CA LYS B 139 7.74 -16.90 -37.15
C LYS B 139 6.84 -16.15 -38.15
N PRO B 140 5.80 -16.81 -38.68
CA PRO B 140 4.90 -16.08 -39.58
C PRO B 140 4.30 -14.82 -38.94
N VAL B 141 3.90 -14.97 -37.69
CA VAL B 141 3.25 -13.88 -36.96
C VAL B 141 4.26 -12.73 -36.72
N MET B 142 5.51 -13.07 -36.40
CA MET B 142 6.58 -12.07 -36.30
C MET B 142 6.75 -11.24 -37.57
N GLU B 143 6.74 -11.92 -38.71
CA GLU B 143 6.86 -11.25 -39.99
C GLU B 143 5.64 -10.37 -40.21
N GLN B 144 4.45 -10.89 -39.93
CA GLN B 144 3.23 -10.10 -40.04
C GLN B 144 3.28 -8.75 -39.33
N TYR B 145 4.04 -8.67 -38.23
CA TYR B 145 4.12 -7.43 -37.47
C TYR B 145 5.42 -6.66 -37.74
N GLY B 146 6.14 -7.05 -38.79
CA GLY B 146 7.33 -6.33 -39.20
C GLY B 146 8.64 -6.78 -38.59
N LEU B 147 8.67 -7.98 -38.01
CA LEU B 147 9.94 -8.49 -37.48
C LEU B 147 10.63 -9.36 -38.51
N ILE B 148 11.97 -9.40 -38.41
CA ILE B 148 12.83 -10.19 -39.29
C ILE B 148 13.48 -11.33 -38.51
N PRO B 149 12.82 -12.51 -38.48
CA PRO B 149 13.23 -13.65 -37.65
C PRO B 149 14.73 -13.96 -37.61
N GLU B 150 15.40 -13.82 -38.73
CA GLU B 150 16.79 -14.22 -38.77
C GLU B 150 17.57 -13.34 -37.81
N GLU B 151 17.44 -12.03 -37.97
CA GLU B 151 18.15 -11.05 -37.14
C GLU B 151 17.59 -10.96 -35.73
N ASP B 152 16.26 -10.96 -35.64
CA ASP B 152 15.58 -10.66 -34.40
C ASP B 152 15.63 -11.81 -33.40
N ILE B 153 15.50 -13.05 -33.87
CA ILE B 153 15.61 -14.18 -32.98
C ILE B 153 17.00 -14.25 -32.41
N CYS B 154 17.99 -13.91 -33.20
CA CYS B 154 19.34 -13.83 -32.68
C CYS B 154 19.44 -12.77 -31.58
N PHE B 155 18.92 -11.59 -31.87
CA PHE B 155 18.93 -10.46 -30.97
C PHE B 155 18.32 -10.83 -29.62
N ILE B 156 17.15 -11.44 -29.67
CA ILE B 156 16.42 -11.84 -28.51
C ILE B 156 17.21 -12.82 -27.68
N LYS B 157 17.84 -13.77 -28.32
CA LYS B 157 18.62 -14.77 -27.59
C LYS B 157 19.83 -14.10 -26.96
N GLU B 158 20.41 -13.14 -27.65
CA GLU B 158 21.58 -12.48 -27.14
C GLU B 158 21.24 -11.64 -25.93
N GLN B 159 20.08 -11.02 -25.97
CA GLN B 159 19.62 -10.24 -24.84
C GLN B 159 19.56 -11.09 -23.57
N ILE B 160 19.11 -12.34 -23.74
CA ILE B 160 18.94 -13.26 -22.64
C ILE B 160 20.27 -13.82 -22.15
N VAL B 161 21.07 -14.30 -23.07
CA VAL B 161 22.20 -15.13 -22.69
C VAL B 161 23.58 -14.48 -22.95
N GLY B 162 23.61 -13.36 -23.67
CA GLY B 162 24.85 -12.76 -24.10
C GLY B 162 25.21 -13.26 -25.50
N PRO B 163 26.44 -12.97 -25.96
CA PRO B 163 26.85 -13.41 -27.30
C PRO B 163 26.77 -14.93 -27.42
N LEU B 164 26.37 -15.42 -28.59
CA LEU B 164 26.25 -16.86 -28.83
C LEU B 164 27.60 -17.49 -29.16
N GLU B 165 28.59 -16.67 -29.51
CA GLU B 165 29.99 -17.11 -29.54
C GLU B 165 30.57 -16.91 -28.14
N LEU B 172 36.27 -5.96 -30.43
CA LEU B 172 35.29 -6.62 -31.27
C LEU B 172 33.89 -6.34 -30.70
N TRP B 173 32.93 -5.97 -31.54
CA TRP B 173 31.51 -5.97 -31.13
C TRP B 173 31.03 -7.41 -31.30
N PRO B 174 30.73 -8.10 -30.19
CA PRO B 174 30.40 -9.52 -30.27
C PRO B 174 28.94 -9.84 -30.58
N TYR B 175 28.09 -8.83 -30.73
CA TYR B 175 26.68 -9.09 -30.97
C TYR B 175 26.39 -9.01 -32.46
N LYS B 176 25.51 -9.91 -32.90
CA LYS B 176 25.12 -9.97 -34.31
C LYS B 176 23.71 -9.38 -34.51
N GLY B 177 22.82 -9.60 -33.55
CA GLY B 177 21.41 -9.19 -33.68
C GLY B 177 21.16 -7.71 -33.89
N ARG B 178 22.06 -6.86 -33.37
CA ARG B 178 21.97 -5.40 -33.53
C ARG B 178 23.36 -4.77 -33.42
N PRO B 179 23.56 -3.63 -34.11
CA PRO B 179 24.84 -2.92 -34.14
C PRO B 179 25.14 -2.06 -32.92
N GLU B 180 26.40 -1.61 -32.83
CA GLU B 180 26.90 -0.79 -31.71
C GLU B 180 26.06 0.43 -31.37
N ASN B 181 25.41 1.00 -32.38
CA ASN B 181 24.56 2.16 -32.20
C ASN B 181 23.26 1.84 -31.44
N LYS B 182 22.90 0.57 -31.38
CA LYS B 182 21.77 0.12 -30.57
C LYS B 182 22.27 -0.72 -29.39
N SER B 183 23.49 -0.44 -28.93
CA SER B 183 24.12 -1.18 -27.83
C SER B 183 23.29 -1.14 -26.55
N PHE B 184 22.67 0.01 -26.32
CA PHE B 184 21.82 0.21 -25.15
C PHE B 184 20.64 -0.75 -25.01
N LEU B 185 20.15 -1.32 -26.11
CA LEU B 185 19.06 -2.29 -26.01
C LEU B 185 19.45 -3.56 -25.29
N TYR B 186 20.74 -3.88 -25.28
CA TYR B 186 21.21 -5.08 -24.59
C TYR B 186 21.27 -4.89 -23.09
N GLU B 187 21.29 -3.65 -22.65
CA GLU B 187 21.39 -3.35 -21.24
C GLU B 187 20.05 -3.42 -20.50
N ILE B 188 18.95 -3.73 -21.19
CA ILE B 188 17.63 -3.60 -20.60
C ILE B 188 17.12 -4.85 -19.87
N VAL B 189 17.11 -5.99 -20.55
CA VAL B 189 16.49 -7.19 -20.00
C VAL B 189 17.46 -7.97 -19.14
N SER B 190 18.71 -8.05 -19.54
CA SER B 190 19.69 -8.81 -18.74
C SER B 190 21.08 -8.21 -18.91
N ASN B 191 21.40 -7.29 -18.02
CA ASN B 191 22.56 -6.43 -18.14
C ASN B 191 23.79 -7.12 -17.66
N LYS B 192 24.62 -7.58 -18.61
CA LYS B 192 25.82 -8.35 -18.26
C LYS B 192 26.91 -7.44 -17.74
N ARG B 193 26.83 -6.15 -18.06
CA ARG B 193 27.86 -5.21 -17.63
C ARG B 193 27.80 -4.90 -16.12
N ASN B 194 26.60 -4.67 -15.57
CA ASN B 194 26.48 -4.28 -14.17
C ASN B 194 25.25 -4.83 -13.44
N GLY B 195 24.41 -5.58 -14.13
CA GLY B 195 23.30 -6.24 -13.48
C GLY B 195 22.10 -5.34 -13.24
N ILE B 196 22.14 -4.10 -13.69
CA ILE B 196 21.03 -3.23 -13.49
C ILE B 196 20.07 -3.39 -14.66
N ASP B 197 19.00 -4.14 -14.43
CA ASP B 197 18.05 -4.44 -15.47
C ASP B 197 16.64 -4.54 -14.90
N VAL B 198 15.69 -4.63 -15.79
CA VAL B 198 14.29 -4.65 -15.39
C VAL B 198 13.84 -5.95 -14.70
N ASP B 199 14.60 -7.02 -14.83
CA ASP B 199 14.28 -8.27 -14.18
C ASP B 199 14.28 -8.02 -12.66
N LYS B 200 15.34 -7.38 -12.19
CA LYS B 200 15.47 -7.05 -10.78
C LYS B 200 14.36 -6.19 -10.33
N TRP B 201 14.05 -5.21 -11.12
CA TRP B 201 13.07 -4.28 -10.67
C TRP B 201 11.74 -4.97 -10.45
N ASP B 202 11.38 -5.93 -11.30
CA ASP B 202 10.14 -6.56 -11.12
C ASP B 202 10.22 -7.43 -9.88
N TYR B 203 11.28 -8.20 -9.70
CA TYR B 203 11.26 -9.13 -8.59
C TYR B 203 11.34 -8.43 -7.24
N PHE B 204 12.05 -7.33 -7.18
CA PHE B 204 12.03 -6.53 -5.94
C PHE B 204 10.59 -6.19 -5.55
N ALA B 205 9.85 -5.61 -6.47
CA ALA B 205 8.55 -5.13 -6.16
C ALA B 205 7.59 -6.30 -5.92
N ARG B 206 7.70 -7.35 -6.71
CA ARG B 206 6.75 -8.42 -6.67
C ARG B 206 7.03 -9.24 -5.43
N ASP B 207 8.28 -9.62 -5.22
CA ASP B 207 8.66 -10.33 -4.02
C ASP B 207 8.30 -9.58 -2.74
N CYS B 208 8.55 -8.29 -2.68
CA CYS B 208 8.23 -7.56 -1.45
C CYS B 208 6.73 -7.56 -1.13
N HIS B 209 5.92 -7.25 -2.12
CA HIS B 209 4.47 -7.35 -2.03
C HIS B 209 3.99 -8.71 -1.49
N HIS B 210 4.64 -9.79 -1.87
CA HIS B 210 4.20 -11.10 -1.46
C HIS B 210 4.80 -11.57 -0.16
N LEU B 211 6.06 -11.24 0.11
CA LEU B 211 6.73 -11.66 1.33
C LEU B 211 6.25 -10.86 2.51
N GLY B 212 5.77 -9.65 2.25
CA GLY B 212 5.38 -8.74 3.30
C GLY B 212 6.61 -8.02 3.82
N ILE B 213 7.48 -7.61 2.91
CA ILE B 213 8.67 -6.87 3.22
C ILE B 213 8.52 -5.64 2.39
N GLN B 214 9.25 -4.57 2.69
CA GLN B 214 9.12 -3.41 1.83
C GLN B 214 10.37 -3.01 1.02
N ASN B 215 10.09 -2.74 -0.26
CA ASN B 215 11.10 -2.48 -1.31
C ASN B 215 11.63 -1.04 -1.27
N ASN B 216 12.95 -0.90 -1.17
CA ASN B 216 13.60 0.40 -1.02
C ASN B 216 14.08 0.99 -2.39
N PHE B 217 13.65 0.42 -3.53
CA PHE B 217 14.07 0.91 -4.88
C PHE B 217 12.98 1.33 -5.88
N ASP B 218 13.04 2.61 -6.29
CA ASP B 218 12.08 3.20 -7.23
C ASP B 218 12.49 3.11 -8.71
N TYR B 219 12.02 2.05 -9.38
CA TYR B 219 12.40 1.80 -10.75
C TYR B 219 11.75 2.79 -11.69
N LYS B 220 10.55 3.22 -11.38
CA LYS B 220 9.90 4.21 -12.22
C LYS B 220 10.71 5.45 -12.26
N ARG B 221 11.24 5.87 -11.09
CA ARG B 221 12.06 7.05 -11.04
C ARG B 221 13.25 6.89 -11.95
N PHE B 222 13.91 5.75 -11.83
CA PHE B 222 15.09 5.47 -12.60
C PHE B 222 14.82 5.52 -14.09
N ILE B 223 13.70 4.98 -14.53
CA ILE B 223 13.31 5.08 -15.93
C ILE B 223 13.15 6.53 -16.36
N LYS B 224 12.51 7.37 -15.56
CA LYS B 224 12.37 8.76 -15.92
C LYS B 224 13.73 9.48 -16.08
N PHE B 225 14.75 9.10 -15.35
CA PHE B 225 16.00 9.79 -15.48
C PHE B 225 17.00 9.07 -16.37
N ALA B 226 16.60 8.02 -17.05
CA ALA B 226 17.54 7.29 -17.90
C ALA B 226 17.72 8.00 -19.24
N ARG B 227 18.97 8.18 -19.66
CA ARG B 227 19.31 8.65 -21.02
C ARG B 227 20.33 7.73 -21.67
N VAL B 228 20.43 7.80 -22.99
CA VAL B 228 21.48 7.11 -23.73
C VAL B 228 22.55 8.11 -24.10
N CYS B 229 23.81 7.74 -23.90
CA CYS B 229 24.95 8.59 -24.23
C CYS B 229 26.02 7.75 -24.88
N GLU B 230 26.96 8.43 -25.55
CA GLU B 230 28.10 7.73 -26.12
C GLU B 230 29.11 7.47 -25.03
N VAL B 231 29.60 6.25 -24.98
CA VAL B 231 30.66 5.85 -24.08
C VAL B 231 31.51 4.87 -24.86
N ASP B 232 32.78 5.22 -25.10
CA ASP B 232 33.72 4.35 -25.82
C ASP B 232 33.15 3.83 -27.15
N ASN B 233 32.62 4.73 -27.96
CA ASN B 233 32.01 4.36 -29.25
C ASN B 233 30.86 3.37 -29.17
N GLU B 234 30.29 3.22 -27.97
CA GLU B 234 29.03 2.51 -27.79
C GLU B 234 28.01 3.54 -27.36
N LEU B 235 26.75 3.29 -27.69
CA LEU B 235 25.66 4.03 -27.07
C LEU B 235 25.09 3.23 -25.90
N ARG B 236 25.36 3.73 -24.68
CA ARG B 236 24.91 3.05 -23.46
C ARG B 236 23.87 3.85 -22.67
N ILE B 237 23.07 3.12 -21.90
CA ILE B 237 22.13 3.75 -20.98
C ILE B 237 22.90 4.37 -19.84
N CYS B 238 22.57 5.62 -19.55
CA CYS B 238 23.19 6.37 -18.50
C CYS B 238 22.16 6.85 -17.52
N ALA B 239 22.57 6.96 -16.28
CA ALA B 239 21.72 7.40 -15.20
C ALA B 239 22.15 8.76 -14.72
N ARG B 240 21.19 9.56 -14.31
CA ARG B 240 21.50 10.89 -13.81
C ARG B 240 22.44 10.77 -12.60
N ASP B 241 23.46 11.61 -12.55
CA ASP B 241 24.49 11.51 -11.53
C ASP B 241 23.92 11.36 -10.11
N LYS B 242 23.01 12.21 -9.73
CA LYS B 242 22.56 12.25 -8.35
C LYS B 242 21.75 11.02 -7.94
N GLU B 243 21.35 10.20 -8.91
CA GLU B 243 20.70 8.97 -8.66
C GLU B 243 21.64 7.85 -8.26
N VAL B 244 22.93 8.15 -8.12
CA VAL B 244 23.93 7.14 -7.79
C VAL B 244 23.67 6.49 -6.44
N GLY B 245 23.26 7.28 -5.47
CA GLY B 245 22.84 6.76 -4.18
C GLY B 245 21.70 5.76 -4.27
N ASN B 246 20.71 6.04 -5.09
CA ASN B 246 19.59 5.06 -5.31
C ASN B 246 20.06 3.73 -5.86
N LEU B 247 21.11 3.74 -6.67
CA LEU B 247 21.69 2.53 -7.20
C LEU B 247 22.39 1.71 -6.17
N TYR B 248 23.18 2.38 -5.32
CA TYR B 248 23.82 1.67 -4.22
C TYR B 248 22.78 1.01 -3.34
N ASP B 249 21.70 1.73 -3.10
CA ASP B 249 20.55 1.25 -2.33
C ASP B 249 19.79 0.10 -2.99
N MET B 250 19.69 0.14 -4.31
CA MET B 250 19.19 -0.96 -5.05
C MET B 250 19.91 -2.25 -4.66
N PHE B 251 21.24 -2.24 -4.65
CA PHE B 251 21.95 -3.46 -4.34
C PHE B 251 21.92 -3.78 -2.87
N HIS B 252 21.87 -2.77 -2.02
CA HIS B 252 21.68 -3.05 -0.62
C HIS B 252 20.34 -3.80 -0.45
N THR B 253 19.31 -3.35 -1.15
CA THR B 253 18.02 -3.97 -1.08
C THR B 253 18.07 -5.41 -1.58
N ARG B 254 18.75 -5.62 -2.69
CA ARG B 254 18.96 -6.97 -3.17
C ARG B 254 19.61 -7.85 -2.11
N ASN B 255 20.65 -7.35 -1.50
CA ASN B 255 21.36 -8.14 -0.52
C ASN B 255 20.50 -8.48 0.71
N SER B 256 19.65 -7.53 1.06
CA SER B 256 18.78 -7.64 2.18
C SER B 256 17.65 -8.65 1.91
N LEU B 257 17.16 -8.69 0.69
CA LEU B 257 16.19 -9.67 0.32
C LEU B 257 16.77 -11.05 0.36
N HIS B 258 18.03 -11.18 0.00
CA HIS B 258 18.65 -12.49 0.06
C HIS B 258 18.84 -12.90 1.52
N ARG B 259 19.29 -11.97 2.32
CA ARG B 259 19.52 -12.25 3.72
C ARG B 259 18.25 -12.69 4.39
N ARG B 260 17.18 -11.94 4.22
CA ARG B 260 15.98 -12.24 4.96
C ARG B 260 15.14 -13.34 4.33
N ALA B 261 15.18 -13.48 3.00
CA ALA B 261 14.21 -14.36 2.33
C ALA B 261 14.82 -15.38 1.39
N TYR B 262 15.55 -14.98 0.37
CA TYR B 262 15.98 -15.98 -0.57
C TYR B 262 16.94 -16.98 0.05
N GLN B 263 17.70 -16.56 1.07
CA GLN B 263 18.65 -17.45 1.76
C GLN B 263 18.24 -17.70 3.20
N HIS B 264 16.97 -17.55 3.49
CA HIS B 264 16.50 -17.92 4.81
C HIS B 264 16.96 -19.34 5.16
N LYS B 265 17.51 -19.49 6.36
CA LYS B 265 18.17 -20.73 6.75
C LYS B 265 17.23 -21.92 6.61
N VAL B 266 15.97 -21.73 6.98
CA VAL B 266 15.01 -22.80 6.90
C VAL B 266 14.49 -22.98 5.50
N GLY B 267 14.37 -21.87 4.77
CA GLY B 267 13.95 -21.95 3.39
C GLY B 267 14.95 -22.76 2.62
N ASN B 268 16.24 -22.49 2.88
CA ASN B 268 17.32 -23.25 2.24
C ASN B 268 17.30 -24.73 2.63
N ILE B 269 17.03 -25.02 3.89
CA ILE B 269 17.05 -26.42 4.31
C ILE B 269 15.87 -27.19 3.67
N ILE B 270 14.78 -26.52 3.42
CA ILE B 270 13.69 -27.14 2.73
C ILE B 270 14.06 -27.41 1.30
N ASP B 271 14.77 -26.46 0.69
CA ASP B 271 15.24 -26.63 -0.69
C ASP B 271 16.13 -27.83 -0.74
N THR B 272 16.95 -27.97 0.29
CA THR B 272 17.90 -29.07 0.42
C THR B 272 17.21 -30.41 0.60
N MET B 273 16.20 -30.45 1.44
CA MET B 273 15.41 -31.68 1.59
C MET B 273 14.62 -32.00 0.28
N ILE B 274 14.12 -31.00 -0.42
CA ILE B 274 13.45 -31.30 -1.68
C ILE B 274 14.45 -31.86 -2.70
N THR B 275 15.64 -31.27 -2.73
CA THR B 275 16.66 -31.69 -3.67
C THR B 275 16.98 -33.15 -3.40
N ASP B 276 17.18 -33.46 -2.12
CA ASP B 276 17.48 -34.82 -1.70
C ASP B 276 16.44 -35.79 -2.17
N ALA B 277 15.19 -35.40 -2.07
CA ALA B 277 14.10 -36.28 -2.48
C ALA B 277 14.11 -36.42 -3.99
N PHE B 278 14.47 -35.36 -4.71
CA PHE B 278 14.52 -35.46 -6.16
C PHE B 278 15.61 -36.42 -6.56
N LEU B 279 16.73 -36.39 -5.85
CA LEU B 279 17.82 -37.28 -6.15
C LEU B 279 17.39 -38.73 -5.97
N LYS B 280 16.76 -39.04 -4.86
CA LYS B 280 16.26 -40.40 -4.64
C LYS B 280 15.10 -40.86 -5.53
N ALA B 281 14.52 -39.95 -6.30
CA ALA B 281 13.47 -40.29 -7.23
C ALA B 281 13.95 -40.27 -8.66
N ASP B 282 15.15 -39.76 -8.88
CA ASP B 282 15.59 -39.44 -10.23
C ASP B 282 15.64 -40.67 -11.10
N ASP B 283 16.01 -41.80 -10.48
CA ASP B 283 16.13 -43.09 -11.16
C ASP B 283 14.81 -43.64 -11.65
N TYR B 284 13.71 -43.26 -11.00
CA TYR B 284 12.43 -43.90 -11.19
C TYR B 284 11.39 -43.03 -11.86
N ILE B 285 11.55 -41.71 -11.85
CA ILE B 285 10.57 -40.86 -12.50
C ILE B 285 10.90 -40.78 -13.97
N GLU B 286 9.88 -41.00 -14.81
CA GLU B 286 10.06 -40.91 -16.25
C GLU B 286 9.15 -39.86 -16.86
N ILE B 287 9.72 -39.09 -17.78
CA ILE B 287 9.04 -37.99 -18.42
C ILE B 287 9.17 -38.14 -19.92
N THR B 288 8.04 -38.12 -20.61
CA THR B 288 8.02 -38.41 -22.03
C THR B 288 8.40 -37.19 -22.84
N GLY B 289 9.46 -37.32 -23.61
CA GLY B 289 9.91 -36.26 -24.49
C GLY B 289 9.50 -36.48 -25.91
N ALA B 290 10.34 -36.00 -26.82
CA ALA B 290 10.05 -36.01 -28.25
C ALA B 290 10.07 -37.44 -28.78
N GLY B 291 9.06 -37.76 -29.59
CA GLY B 291 8.90 -39.08 -30.20
C GLY B 291 8.65 -40.20 -29.21
N GLY B 292 7.96 -39.90 -28.11
CA GLY B 292 7.74 -40.88 -27.06
C GLY B 292 8.96 -41.27 -26.22
N LYS B 293 10.14 -40.73 -26.55
CA LYS B 293 11.37 -41.08 -25.83
C LYS B 293 11.29 -40.62 -24.37
N LYS B 294 11.88 -41.36 -23.45
CA LYS B 294 11.71 -41.08 -22.02
C LYS B 294 12.96 -40.57 -21.30
N TYR B 295 12.74 -39.60 -20.42
CA TYR B 295 13.83 -38.95 -19.72
C TYR B 295 13.64 -38.99 -18.23
N ARG B 296 14.70 -38.66 -17.52
CA ARG B 296 14.64 -38.50 -16.09
C ARG B 296 14.48 -37.02 -15.75
N ILE B 297 14.17 -36.75 -14.50
CA ILE B 297 14.19 -35.39 -14.00
C ILE B 297 15.50 -34.71 -14.42
N SER B 298 16.61 -35.40 -14.20
CA SER B 298 17.92 -34.82 -14.47
C SER B 298 18.28 -34.75 -15.94
N THR B 299 17.55 -35.42 -16.82
CA THR B 299 17.89 -35.41 -18.24
C THR B 299 16.86 -34.68 -19.07
N ALA B 300 15.73 -34.33 -18.45
CA ALA B 300 14.69 -33.58 -19.16
C ALA B 300 15.22 -32.27 -19.78
N ILE B 301 16.28 -31.72 -19.20
CA ILE B 301 16.92 -30.54 -19.78
C ILE B 301 17.48 -30.72 -21.20
N ASP B 302 17.55 -31.96 -21.67
CA ASP B 302 18.10 -32.24 -23.01
C ASP B 302 17.03 -32.19 -24.09
N ASP B 303 15.78 -32.42 -23.72
CA ASP B 303 14.68 -32.30 -24.67
C ASP B 303 13.59 -31.35 -24.17
N MET B 304 13.41 -30.26 -24.90
CA MET B 304 12.50 -29.18 -24.50
C MET B 304 11.06 -29.63 -24.41
N GLU B 305 10.70 -30.63 -25.19
CA GLU B 305 9.35 -31.16 -25.12
C GLU B 305 9.11 -31.87 -23.78
N ALA B 306 10.14 -32.50 -23.25
CA ALA B 306 10.07 -33.10 -21.94
C ALA B 306 10.16 -32.04 -20.86
N TYR B 307 11.03 -31.06 -21.07
CA TYR B 307 11.26 -30.05 -20.05
C TYR B 307 9.98 -29.23 -19.83
N THR B 308 9.26 -28.99 -20.91
CA THR B 308 7.96 -28.36 -20.85
C THR B 308 7.07 -28.96 -19.77
N LYS B 309 7.17 -30.27 -19.54
CA LYS B 309 6.32 -30.94 -18.58
C LYS B 309 6.93 -31.07 -17.22
N LEU B 310 8.12 -30.50 -17.03
CA LEU B 310 8.83 -30.61 -15.77
C LEU B 310 8.60 -29.35 -14.94
N THR B 311 7.77 -29.48 -13.88
CA THR B 311 7.38 -28.35 -13.04
C THR B 311 7.31 -28.72 -11.56
N ASP B 312 6.75 -27.82 -10.75
CA ASP B 312 6.63 -28.08 -9.31
C ASP B 312 5.80 -29.31 -9.02
N ASN B 313 5.02 -29.71 -10.01
CA ASN B 313 4.17 -30.88 -9.91
C ASN B 313 4.91 -32.12 -9.49
N ILE B 314 6.14 -32.23 -9.97
CA ILE B 314 6.99 -33.35 -9.60
C ILE B 314 6.97 -33.63 -8.13
N PHE B 315 7.05 -32.56 -7.35
CA PHE B 315 7.03 -32.66 -5.90
C PHE B 315 5.82 -33.46 -5.41
N LEU B 316 4.66 -33.20 -5.97
CA LEU B 316 3.44 -33.87 -5.52
C LEU B 316 3.29 -35.27 -6.09
N GLU B 317 3.79 -35.45 -7.32
CA GLU B 317 3.84 -36.74 -7.94
C GLU B 317 4.56 -37.70 -7.00
N ILE B 318 5.70 -37.26 -6.51
CA ILE B 318 6.46 -38.03 -5.54
C ILE B 318 5.73 -38.20 -4.20
N LEU B 319 5.21 -37.10 -3.67
CA LEU B 319 4.55 -37.16 -2.37
C LEU B 319 3.34 -38.09 -2.39
N TYR B 320 2.62 -38.12 -3.49
CA TYR B 320 1.42 -38.92 -3.57
C TYR B 320 1.67 -40.33 -4.09
N SER B 321 2.87 -40.65 -4.55
CA SER B 321 3.16 -41.96 -5.10
C SER B 321 2.96 -43.08 -4.10
N THR B 322 2.65 -44.27 -4.62
CA THR B 322 2.51 -45.50 -3.82
C THR B 322 3.62 -46.49 -4.14
N ASP B 323 4.29 -46.27 -5.26
CA ASP B 323 5.41 -47.11 -5.66
C ASP B 323 6.44 -47.14 -4.54
N PRO B 324 6.76 -48.34 -4.05
CA PRO B 324 7.81 -48.43 -3.04
C PRO B 324 9.23 -48.14 -3.53
N LYS B 325 9.45 -48.07 -4.85
CA LYS B 325 10.73 -47.56 -5.35
C LYS B 325 10.98 -46.18 -4.76
N LEU B 326 9.90 -45.40 -4.68
CA LEU B 326 9.94 -44.03 -4.25
C LEU B 326 9.74 -43.86 -2.74
N LYS B 327 9.81 -44.94 -1.95
CA LYS B 327 9.55 -44.79 -0.53
C LYS B 327 10.52 -43.80 0.12
N ASP B 328 11.79 -43.86 -0.26
CA ASP B 328 12.80 -43.01 0.37
C ASP B 328 12.58 -41.53 0.06
N ALA B 329 12.33 -41.23 -1.21
CA ALA B 329 12.01 -39.89 -1.65
C ALA B 329 10.73 -39.37 -1.01
N ARG B 330 9.69 -40.16 -1.10
CA ARG B 330 8.41 -39.84 -0.50
C ARG B 330 8.58 -39.59 1.00
N GLU B 331 9.42 -40.37 1.68
CA GLU B 331 9.49 -40.23 3.14
C GLU B 331 10.10 -38.90 3.51
N ILE B 332 11.00 -38.40 2.70
CA ILE B 332 11.61 -37.09 2.97
C ILE B 332 10.56 -35.98 2.89
N LEU B 333 9.76 -36.01 1.82
CA LEU B 333 8.73 -35.00 1.64
C LEU B 333 7.74 -35.03 2.79
N LYS B 334 7.45 -36.22 3.30
CA LYS B 334 6.53 -36.32 4.42
C LYS B 334 7.10 -35.66 5.67
N GLN B 335 8.41 -35.73 5.85
CA GLN B 335 9.03 -35.07 7.01
C GLN B 335 8.92 -33.55 6.92
N ILE B 336 8.92 -33.06 5.69
CA ILE B 336 8.63 -31.67 5.44
C ILE B 336 7.21 -31.33 5.92
N GLU B 337 6.20 -32.06 5.43
CA GLU B 337 4.81 -31.86 5.86
C GLU B 337 4.57 -31.89 7.37
N TYR B 338 5.26 -32.77 8.10
CA TYR B 338 5.13 -32.85 9.55
C TYR B 338 6.04 -31.85 10.22
N ARG B 339 6.89 -31.21 9.43
CA ARG B 339 7.79 -30.17 9.90
C ARG B 339 8.87 -30.76 10.81
N ASN B 340 9.28 -31.99 10.53
CA ASN B 340 10.51 -32.54 11.11
C ASN B 340 11.60 -32.30 10.12
N LEU B 341 12.21 -31.13 10.24
CA LEU B 341 13.25 -30.68 9.32
C LEU B 341 14.60 -30.87 9.95
N PHE B 342 15.59 -30.96 9.08
CA PHE B 342 16.98 -30.87 9.56
C PHE B 342 17.12 -29.58 10.39
N LYS B 343 17.94 -29.61 11.45
CA LYS B 343 18.05 -28.49 12.37
C LYS B 343 19.26 -27.62 12.12
N TYR B 344 19.00 -26.33 12.00
CA TYR B 344 20.06 -25.34 11.89
C TYR B 344 20.90 -25.31 13.17
N VAL B 345 22.20 -25.36 13.00
CA VAL B 345 23.12 -25.33 14.12
C VAL B 345 23.69 -23.94 14.31
N GLY B 346 24.10 -23.30 13.23
CA GLY B 346 24.53 -21.94 13.31
C GLY B 346 25.14 -21.47 12.02
N GLU B 347 25.66 -20.25 12.09
CA GLU B 347 26.18 -19.57 10.92
C GLU B 347 27.48 -18.94 11.32
N THR B 348 28.45 -18.95 10.41
CA THR B 348 29.74 -18.32 10.60
C THR B 348 30.23 -17.86 9.24
N GLN B 349 31.33 -17.08 9.24
CA GLN B 349 32.01 -16.63 8.02
C GLN B 349 33.53 -16.86 8.07
N PRO B 350 34.15 -17.01 6.91
CA PRO B 350 35.60 -17.02 6.83
C PRO B 350 36.19 -15.72 7.27
N THR B 351 37.48 -15.76 7.64
CA THR B 351 38.17 -14.59 8.18
C THR B 351 39.21 -14.08 7.20
N GLY B 352 39.31 -12.75 7.15
CA GLY B 352 40.16 -12.03 6.24
C GLY B 352 40.04 -12.47 4.79
N GLN B 353 41.12 -13.05 4.30
CA GLN B 353 41.25 -13.44 2.90
C GLN B 353 40.62 -14.77 2.56
N ILE B 354 40.33 -15.60 3.57
CA ILE B 354 39.95 -16.99 3.31
C ILE B 354 38.74 -17.07 2.37
N LYS B 355 38.87 -17.83 1.29
CA LYS B 355 37.75 -18.04 0.39
C LYS B 355 37.66 -19.52 0.08
N ILE B 356 36.44 -20.00 -0.06
CA ILE B 356 36.14 -21.42 -0.17
C ILE B 356 35.61 -21.72 -1.53
N LYS B 357 36.22 -22.68 -2.23
CA LYS B 357 35.77 -23.00 -3.56
C LYS B 357 34.84 -24.20 -3.59
N ARG B 358 34.14 -24.35 -4.70
CA ARG B 358 33.11 -25.36 -4.87
C ARG B 358 33.63 -26.76 -4.66
N GLU B 359 34.85 -27.01 -5.12
CA GLU B 359 35.48 -28.31 -4.94
C GLU B 359 35.63 -28.74 -3.49
N ASP B 360 35.78 -27.77 -2.60
CA ASP B 360 35.88 -28.10 -1.18
C ASP B 360 34.53 -28.40 -0.53
N TYR B 361 33.41 -28.06 -1.16
CA TYR B 361 32.09 -28.16 -0.50
C TYR B 361 31.77 -29.54 0.07
N GLU B 362 32.02 -30.57 -0.73
CA GLU B 362 31.72 -31.92 -0.29
C GLU B 362 32.50 -32.35 0.97
N SER B 363 33.66 -31.77 1.20
CA SER B 363 34.54 -32.17 2.30
C SER B 363 34.26 -31.46 3.64
N LEU B 364 33.34 -30.50 3.64
CA LEU B 364 33.09 -29.73 4.86
C LEU B 364 32.35 -30.47 5.97
N PRO B 365 31.32 -31.28 5.62
CA PRO B 365 30.67 -32.04 6.69
C PRO B 365 31.68 -32.91 7.43
N LYS B 366 32.68 -33.36 6.68
CA LYS B 366 33.73 -34.22 7.20
C LYS B 366 34.59 -33.44 8.16
N GLU B 367 34.94 -32.22 7.82
CA GLU B 367 35.74 -31.40 8.74
C GLU B 367 35.05 -31.12 10.06
N VAL B 368 33.73 -30.91 10.02
CA VAL B 368 32.99 -30.53 11.20
C VAL B 368 32.94 -31.73 12.13
N ALA B 369 32.70 -32.90 11.55
CA ALA B 369 32.74 -34.16 12.28
C ALA B 369 34.13 -34.47 12.89
N SER B 370 35.19 -33.96 12.25
CA SER B 370 36.57 -34.16 12.70
C SER B 370 37.00 -33.23 13.82
N ALA B 371 36.25 -32.17 14.05
CA ALA B 371 36.51 -31.33 15.21
C ALA B 371 36.42 -32.16 16.49
N LYS B 372 37.27 -31.84 17.46
CA LYS B 372 37.33 -32.58 18.71
C LYS B 372 37.18 -31.65 19.89
N PRO B 373 35.93 -31.31 20.20
CA PRO B 373 35.70 -30.39 21.29
C PRO B 373 35.93 -31.05 22.65
N LYS B 374 36.53 -30.29 23.57
CA LYS B 374 36.82 -30.81 24.91
C LYS B 374 35.57 -30.65 25.76
N VAL B 375 34.60 -31.52 25.54
CA VAL B 375 33.32 -31.44 26.25
C VAL B 375 32.77 -32.86 26.37
N LEU B 376 31.91 -33.06 27.36
CA LEU B 376 31.22 -34.33 27.55
C LEU B 376 30.16 -34.62 26.47
N LEU B 377 30.34 -35.71 25.73
CA LEU B 377 29.40 -36.08 24.66
C LEU B 377 28.72 -37.43 24.85
N ASP B 378 27.38 -37.39 24.88
CA ASP B 378 26.54 -38.59 24.89
C ASP B 378 26.65 -39.29 23.54
N VAL B 379 26.36 -38.57 22.47
CA VAL B 379 26.46 -39.13 21.12
C VAL B 379 27.66 -38.55 20.39
N LYS B 380 28.17 -39.33 19.45
CA LYS B 380 29.27 -38.95 18.59
C LYS B 380 28.64 -38.81 17.21
N LEU B 381 28.97 -37.74 16.49
CA LEU B 381 28.28 -37.45 15.23
C LEU B 381 29.18 -37.70 14.02
N LYS B 382 28.55 -38.07 12.92
CA LYS B 382 29.23 -38.50 11.71
C LYS B 382 29.07 -37.47 10.59
N ALA B 383 29.94 -37.52 9.58
CA ALA B 383 29.88 -36.55 8.48
C ALA B 383 28.50 -36.53 7.81
N GLU B 384 27.93 -37.71 7.58
CA GLU B 384 26.59 -37.79 6.99
C GLU B 384 25.46 -37.14 7.82
N ASP B 385 25.70 -36.92 9.11
CA ASP B 385 24.77 -36.23 9.98
C ASP B 385 24.82 -34.69 9.83
N PHE B 386 25.82 -34.17 9.12
CA PHE B 386 25.94 -32.74 8.94
C PHE B 386 25.62 -32.34 7.51
N ILE B 387 24.89 -31.23 7.38
CA ILE B 387 24.80 -30.51 6.14
C ILE B 387 25.47 -29.16 6.30
N VAL B 388 26.24 -28.77 5.29
CA VAL B 388 26.93 -27.50 5.32
C VAL B 388 26.65 -26.72 4.05
N ASP B 389 25.96 -25.60 4.18
CA ASP B 389 25.57 -24.78 3.04
C ASP B 389 26.47 -23.56 2.99
N VAL B 390 27.10 -23.32 1.84
CA VAL B 390 28.00 -22.19 1.69
C VAL B 390 27.33 -21.24 0.74
N ILE B 391 27.21 -19.99 1.14
CA ILE B 391 26.43 -19.04 0.39
C ILE B 391 27.29 -17.85 0.05
N ASN B 392 27.39 -17.55 -1.24
CA ASN B 392 28.15 -16.44 -1.73
C ASN B 392 27.30 -15.21 -1.91
N MET B 393 27.41 -14.25 -1.01
CA MET B 393 26.65 -13.01 -1.09
C MET B 393 27.52 -11.94 -1.73
N ASP B 394 27.02 -11.32 -2.80
CA ASP B 394 27.76 -10.21 -3.39
C ASP B 394 26.84 -9.15 -3.94
N TYR B 395 27.40 -8.16 -4.60
CA TYR B 395 26.62 -7.17 -5.34
C TYR B 395 26.47 -7.56 -6.82
N GLY B 396 26.46 -8.86 -7.11
CA GLY B 396 26.21 -9.34 -8.45
C GLY B 396 27.43 -9.52 -9.31
N MET B 397 28.60 -9.10 -8.83
CA MET B 397 29.80 -9.16 -9.67
C MET B 397 31.00 -9.65 -8.86
N GLN B 398 30.80 -10.71 -8.08
CA GLN B 398 31.78 -11.20 -7.12
C GLN B 398 32.38 -9.99 -6.36
N GLU B 399 33.70 -9.86 -6.35
CA GLU B 399 34.40 -8.85 -5.60
C GLU B 399 34.19 -7.44 -6.15
N LYS B 400 33.74 -7.34 -7.39
CA LYS B 400 33.60 -6.04 -8.06
C LYS B 400 32.36 -5.23 -7.63
N ASN B 401 32.55 -3.91 -7.65
CA ASN B 401 31.54 -2.93 -7.38
C ASN B 401 30.85 -2.58 -8.68
N PRO B 402 29.57 -2.96 -8.84
CA PRO B 402 28.91 -2.71 -10.11
C PRO B 402 28.71 -1.25 -10.46
N ILE B 403 28.78 -0.35 -9.48
CA ILE B 403 28.54 1.06 -9.76
C ILE B 403 29.74 1.66 -10.47
N ASP B 404 30.89 1.05 -10.26
CA ASP B 404 32.06 1.38 -11.08
C ASP B 404 31.83 1.04 -12.55
N HIS B 405 30.83 0.22 -12.86
CA HIS B 405 30.54 -0.12 -14.25
C HIS B 405 29.23 0.51 -14.73
N VAL B 406 28.92 1.69 -14.17
CA VAL B 406 27.76 2.45 -14.55
C VAL B 406 28.19 3.83 -15.02
N SER B 407 27.50 4.28 -16.05
CA SER B 407 27.75 5.57 -16.64
C SER B 407 26.64 6.55 -16.25
N PHE B 408 27.03 7.78 -15.91
CA PHE B 408 26.12 8.83 -15.46
C PHE B 408 26.18 10.08 -16.32
N TYR B 409 25.10 10.86 -16.34
CA TYR B 409 25.07 12.12 -17.09
C TYR B 409 24.58 13.24 -16.22
N CYS B 410 25.26 14.37 -16.28
CA CYS B 410 24.92 15.52 -15.44
C CYS B 410 23.88 16.37 -16.13
N LYS B 411 23.19 17.16 -15.33
CA LYS B 411 22.12 18.03 -15.85
C LYS B 411 22.67 19.13 -16.74
N THR B 412 23.85 19.66 -16.41
CA THR B 412 24.44 20.74 -17.20
C THR B 412 25.03 20.25 -18.55
N ALA B 413 25.37 18.96 -18.69
CA ALA B 413 25.80 18.38 -19.99
C ALA B 413 25.22 16.98 -20.22
N PRO B 414 23.93 16.93 -20.56
CA PRO B 414 23.17 15.69 -20.63
C PRO B 414 23.65 14.64 -21.64
N ASN B 415 24.42 15.06 -22.64
CA ASN B 415 24.94 14.08 -23.62
C ASN B 415 26.32 13.55 -23.27
N ARG B 416 26.90 14.09 -22.21
CA ARG B 416 28.25 13.73 -21.83
C ARG B 416 28.24 12.75 -20.66
N ALA B 417 28.65 11.52 -20.95
CA ALA B 417 28.72 10.46 -19.96
C ALA B 417 29.88 10.68 -19.03
N ILE B 418 29.73 10.26 -17.79
CA ILE B 418 30.79 10.31 -16.80
C ILE B 418 30.75 9.12 -15.86
N ARG B 419 31.79 9.00 -15.03
CA ARG B 419 31.95 7.91 -14.10
C ARG B 419 31.96 8.51 -12.71
N ILE B 420 31.49 7.74 -11.73
CA ILE B 420 31.47 8.19 -10.35
C ILE B 420 32.05 7.11 -9.46
N THR B 421 33.00 7.47 -8.61
CA THR B 421 33.69 6.50 -7.78
C THR B 421 33.00 6.45 -6.46
N LYS B 422 33.30 5.42 -5.69
CA LYS B 422 32.68 5.22 -4.40
C LYS B 422 32.92 6.39 -3.46
N ASN B 423 34.13 6.94 -3.51
CA ASN B 423 34.54 8.01 -2.59
C ASN B 423 33.82 9.30 -2.91
N GLN B 424 33.44 9.46 -4.18
CA GLN B 424 32.58 10.59 -4.54
C GLN B 424 31.14 10.49 -4.01
N VAL B 425 30.73 9.34 -3.48
CA VAL B 425 29.37 9.18 -2.97
C VAL B 425 29.28 9.21 -1.46
N SER B 426 30.01 8.31 -0.81
CA SER B 426 29.89 8.20 0.63
C SER B 426 30.97 7.31 1.22
N GLN B 427 31.32 7.61 2.46
CA GLN B 427 32.22 6.77 3.25
C GLN B 427 31.45 5.75 4.06
N LEU B 428 30.13 5.90 4.08
CA LEU B 428 29.25 4.93 4.76
C LEU B 428 28.89 3.72 3.88
N LEU B 429 29.52 3.60 2.72
CA LEU B 429 29.27 2.44 1.89
C LEU B 429 30.17 1.29 2.34
N PRO B 430 29.85 0.07 1.90
CA PRO B 430 30.70 -1.09 2.19
C PRO B 430 32.10 -0.93 1.58
N GLU B 431 33.13 -1.49 2.22
CA GLU B 431 34.45 -1.53 1.61
C GLU B 431 34.61 -2.79 0.75
N LYS B 432 33.85 -3.84 1.05
CA LYS B 432 33.85 -5.06 0.26
C LYS B 432 32.47 -5.32 -0.32
N PHE B 433 32.43 -6.04 -1.43
CA PHE B 433 31.20 -6.33 -2.14
C PHE B 433 30.93 -7.82 -2.35
N ALA B 434 31.64 -8.66 -1.61
CA ALA B 434 31.43 -10.10 -1.66
C ALA B 434 31.80 -10.73 -0.35
N GLU B 435 31.09 -11.78 0.01
CA GLU B 435 31.36 -12.49 1.24
C GLU B 435 30.73 -13.88 1.19
N GLN B 436 31.07 -14.70 2.16
CA GLN B 436 30.60 -16.03 2.26
C GLN B 436 30.03 -16.25 3.62
N LEU B 437 28.90 -16.95 3.62
CA LEU B 437 28.24 -17.39 4.81
C LEU B 437 28.27 -18.87 4.80
N ILE B 438 28.50 -19.42 5.98
CA ILE B 438 28.48 -20.85 6.12
C ILE B 438 27.42 -21.19 7.15
N ARG B 439 26.46 -22.00 6.71
CA ARG B 439 25.42 -22.52 7.61
C ARG B 439 25.63 -23.98 7.80
N VAL B 440 25.41 -24.43 9.02
CA VAL B 440 25.58 -25.82 9.34
C VAL B 440 24.29 -26.27 9.94
N TYR B 441 23.85 -27.43 9.47
CA TYR B 441 22.64 -28.04 9.94
C TYR B 441 22.97 -29.45 10.33
N CYS B 442 22.17 -30.01 11.24
CA CYS B 442 22.27 -31.40 11.64
C CYS B 442 21.03 -32.20 11.22
N LYS B 443 21.24 -33.38 10.67
CA LYS B 443 20.17 -34.26 10.33
C LYS B 443 19.62 -35.01 11.54
N LYS B 444 20.33 -35.03 12.66
CA LYS B 444 19.85 -35.71 13.86
C LYS B 444 19.21 -34.66 14.73
N VAL B 445 17.92 -34.82 14.98
CA VAL B 445 17.13 -33.72 15.53
C VAL B 445 17.04 -33.70 17.06
N ASP B 446 17.25 -34.82 17.75
CA ASP B 446 17.03 -34.88 19.21
C ASP B 446 17.94 -33.95 20.02
N ARG B 447 17.53 -33.66 21.26
CA ARG B 447 18.20 -32.72 22.17
C ARG B 447 19.69 -32.94 22.24
N LYS B 448 20.07 -34.20 22.40
CA LYS B 448 21.46 -34.52 22.67
C LYS B 448 22.31 -34.49 21.42
N SER B 449 21.76 -34.90 20.28
CA SER B 449 22.47 -34.78 19.03
C SER B 449 22.71 -33.31 18.69
N LEU B 450 21.68 -32.51 18.92
CA LEU B 450 21.72 -31.11 18.63
C LEU B 450 22.73 -30.41 19.55
N TYR B 451 22.67 -30.73 20.83
CA TYR B 451 23.66 -30.20 21.78
C TYR B 451 25.08 -30.48 21.34
N ALA B 452 25.30 -31.71 20.90
CA ALA B 452 26.61 -32.14 20.43
C ALA B 452 27.02 -31.36 19.21
N ALA B 453 26.11 -31.32 18.24
CA ALA B 453 26.36 -30.64 16.97
C ALA B 453 26.88 -29.23 17.18
N ARG B 454 26.36 -28.56 18.19
CA ARG B 454 26.77 -27.19 18.48
C ARG B 454 28.21 -27.10 18.91
N GLN B 455 28.64 -28.15 19.61
CA GLN B 455 30.02 -28.20 20.10
C GLN B 455 30.96 -28.42 18.93
N TYR B 456 30.65 -29.40 18.09
CA TYR B 456 31.44 -29.61 16.89
C TYR B 456 31.57 -28.34 16.07
N PHE B 457 30.42 -27.74 15.80
CA PHE B 457 30.32 -26.57 14.94
C PHE B 457 31.20 -25.45 15.48
N VAL B 458 31.00 -25.13 16.75
CA VAL B 458 31.72 -24.01 17.35
C VAL B 458 33.20 -24.32 17.40
N GLN B 459 33.52 -25.57 17.70
CA GLN B 459 34.91 -26.02 17.75
C GLN B 459 35.54 -25.87 16.37
N TRP B 460 34.82 -26.32 15.36
CA TRP B 460 35.27 -26.24 14.01
C TRP B 460 35.55 -24.79 13.59
N CYS B 461 34.68 -23.88 13.99
CA CYS B 461 34.88 -22.45 13.71
C CYS B 461 36.18 -21.98 14.31
N ALA B 462 36.40 -22.35 15.57
CA ALA B 462 37.65 -22.01 16.26
C ALA B 462 38.86 -22.62 15.56
N ASP B 463 38.76 -23.86 15.14
CA ASP B 463 39.87 -24.56 14.49
C ASP B 463 40.26 -23.85 13.21
N ARG B 464 39.27 -23.41 12.46
CA ARG B 464 39.49 -22.84 11.15
C ARG B 464 39.67 -21.35 11.21
N ASN B 465 39.64 -20.78 12.40
CA ASN B 465 39.73 -19.35 12.61
C ASN B 465 38.65 -18.57 11.84
N PHE B 466 37.42 -19.10 11.89
CA PHE B 466 36.24 -18.43 11.38
C PHE B 466 35.67 -17.48 12.44
N THR B 467 34.70 -16.67 12.05
CA THR B 467 34.10 -15.71 12.96
C THR B 467 33.29 -16.43 14.03
N LYS B 468 33.21 -15.82 15.20
CA LYS B 468 32.48 -16.38 16.30
C LYS B 468 30.99 -16.32 16.03
N PRO B 469 30.32 -17.49 16.01
CA PRO B 469 28.87 -17.45 15.85
C PRO B 469 28.24 -16.54 16.88
N GLN B 470 27.17 -15.88 16.49
CA GLN B 470 26.55 -14.87 17.33
C GLN B 470 26.19 -15.40 18.69
N ASP B 471 25.61 -16.59 18.72
CA ASP B 471 25.18 -17.20 19.98
C ASP B 471 26.20 -18.20 20.53
N GLY B 472 27.44 -18.13 20.06
CA GLY B 472 28.51 -19.01 20.52
C GLY B 472 28.62 -19.23 22.03
N ASP B 473 28.63 -18.13 22.77
CA ASP B 473 28.76 -18.22 24.21
C ASP B 473 27.62 -18.92 24.89
N VAL B 474 26.45 -18.87 24.30
CA VAL B 474 25.29 -19.50 24.91
C VAL B 474 25.24 -20.97 24.56
N ILE B 475 25.53 -21.32 23.31
CA ILE B 475 25.37 -22.72 22.88
C ILE B 475 26.59 -23.58 23.23
N ALA B 476 27.76 -22.96 23.27
CA ALA B 476 28.99 -23.68 23.59
C ALA B 476 29.86 -22.82 24.54
N PRO B 477 29.38 -22.65 25.78
CA PRO B 477 30.11 -21.80 26.75
C PRO B 477 31.47 -22.39 27.12
N LEU B 478 31.62 -23.70 26.98
CA LEU B 478 32.89 -24.34 27.30
C LEU B 478 33.90 -24.24 26.18
N ILE B 479 33.46 -23.92 24.97
CA ILE B 479 34.33 -23.93 23.79
C ILE B 479 34.88 -22.53 23.46
N THR B 480 34.02 -21.53 23.61
CA THR B 480 34.36 -20.15 23.23
C THR B 480 35.53 -19.52 24.00
N PRO B 481 35.74 -19.93 25.27
CA PRO B 481 36.84 -19.30 26.01
C PRO B 481 38.23 -19.62 25.46
N GLN B 482 38.39 -20.77 24.83
CA GLN B 482 39.71 -21.16 24.32
C GLN B 482 40.26 -20.18 23.31
N LYS B 483 39.37 -19.56 22.55
CA LYS B 483 39.79 -18.60 21.56
C LYS B 483 39.90 -17.22 22.19
N LYS B 484 41.11 -16.68 22.22
CA LYS B 484 41.38 -15.35 22.81
C LYS B 484 40.54 -14.26 22.15
N GLU B 485 40.66 -14.18 20.82
CA GLU B 485 40.01 -13.16 19.99
C GLU B 485 38.51 -13.05 20.24
N TRP B 486 37.89 -14.17 20.51
CA TRP B 486 36.46 -14.21 20.79
C TRP B 486 36.09 -13.68 22.18
N ASN B 487 37.01 -13.83 23.15
CA ASN B 487 36.74 -13.67 24.59
C ASN B 487 36.16 -14.95 25.19
N THR C 2 7.52 -23.80 22.08
CA THR C 2 6.53 -22.71 22.34
C THR C 2 6.18 -21.93 21.04
N MET C 3 5.64 -20.72 21.18
CA MET C 3 4.86 -20.09 20.12
C MET C 3 5.67 -19.64 18.87
N LYS C 4 5.07 -19.71 17.69
CA LYS C 4 5.71 -19.27 16.45
C LYS C 4 5.12 -18.00 15.83
N VAL C 5 5.96 -17.31 15.05
CA VAL C 5 5.54 -16.12 14.35
C VAL C 5 5.57 -16.36 12.86
N ILE C 6 4.48 -16.04 12.19
CA ILE C 6 4.47 -16.09 10.74
C ILE C 6 4.25 -14.73 10.11
N ASN C 7 5.09 -14.37 9.14
CA ASN C 7 4.88 -13.13 8.39
C ASN C 7 3.90 -13.27 7.23
N ASP C 8 2.78 -12.56 7.36
CA ASP C 8 1.74 -12.51 6.37
C ASP C 8 1.64 -11.13 5.80
N PRO C 9 1.62 -11.02 4.47
CA PRO C 9 1.50 -9.74 3.82
C PRO C 9 0.25 -8.96 4.14
N ILE C 10 -0.81 -9.61 4.56
CA ILE C 10 -2.04 -8.92 4.84
C ILE C 10 -2.11 -8.45 6.29
N HIS C 11 -1.70 -9.29 7.24
CA HIS C 11 -1.86 -8.99 8.65
C HIS C 11 -0.53 -8.73 9.36
N GLY C 12 0.60 -8.90 8.69
CA GLY C 12 1.88 -8.72 9.33
C GLY C 12 2.23 -9.96 10.11
N HIS C 13 2.85 -9.79 11.26
CA HIS C 13 3.38 -10.90 12.00
C HIS C 13 2.31 -11.45 12.86
N ILE C 14 1.96 -12.68 12.59
CA ILE C 14 0.98 -13.41 13.36
C ILE C 14 1.67 -14.38 14.32
N GLU C 15 1.27 -14.33 15.60
CA GLU C 15 1.77 -15.25 16.62
C GLU C 15 0.88 -16.49 16.65
N LEU C 16 1.50 -17.67 16.68
CA LEU C 16 0.76 -18.93 16.68
C LEU C 16 1.07 -19.76 17.91
N HIS C 17 0.02 -20.08 18.65
CA HIS C 17 0.15 -20.87 19.85
C HIS C 17 0.61 -22.27 19.42
N PRO C 18 1.51 -22.91 20.19
CA PRO C 18 2.04 -24.24 19.86
C PRO C 18 1.00 -25.28 19.46
N LEU C 19 -0.15 -25.28 20.12
CA LEU C 19 -1.21 -26.19 19.73
C LEU C 19 -1.62 -26.00 18.28
N LEU C 20 -1.75 -24.74 17.87
CA LEU C 20 -2.15 -24.42 16.50
C LEU C 20 -1.09 -24.81 15.51
N VAL C 21 0.16 -24.59 15.87
CA VAL C 21 1.27 -25.07 15.05
C VAL C 21 1.17 -26.56 14.79
N ARG C 22 0.87 -27.30 15.86
CA ARG C 22 0.77 -28.75 15.76
C ARG C 22 -0.33 -29.15 14.81
N ILE C 23 -1.45 -28.47 14.88
CA ILE C 23 -2.53 -28.71 13.93
C ILE C 23 -2.14 -28.36 12.49
N ILE C 24 -1.37 -27.30 12.36
CA ILE C 24 -0.98 -26.81 11.04
C ILE C 24 -0.03 -27.76 10.37
N ASP C 25 0.86 -28.33 11.17
CA ASP C 25 1.93 -29.12 10.63
C ASP C 25 1.50 -30.56 10.53
N THR C 26 0.46 -30.75 9.74
CA THR C 26 -0.09 -32.05 9.40
C THR C 26 -0.37 -32.10 7.90
N PRO C 27 -0.44 -33.28 7.32
CA PRO C 27 -0.67 -33.38 5.89
C PRO C 27 -2.00 -32.83 5.50
N GLN C 28 -2.96 -32.95 6.40
CA GLN C 28 -4.34 -32.54 6.12
C GLN C 28 -4.44 -31.05 5.97
N PHE C 29 -3.67 -30.33 6.77
CA PHE C 29 -3.67 -28.89 6.73
C PHE C 29 -2.77 -28.39 5.64
N GLN C 30 -1.59 -28.98 5.52
CA GLN C 30 -0.63 -28.52 4.54
C GLN C 30 -1.12 -28.72 3.11
N ARG C 31 -2.08 -29.62 2.97
CA ARG C 31 -2.77 -29.85 1.71
C ARG C 31 -3.33 -28.58 1.09
N LEU C 32 -3.78 -27.68 1.95
CA LEU C 32 -4.30 -26.41 1.51
C LEU C 32 -3.29 -25.54 0.76
N ARG C 33 -2.00 -25.83 0.84
CA ARG C 33 -1.02 -25.12 0.05
C ARG C 33 -1.16 -25.35 -1.43
N TYR C 34 -1.92 -26.37 -1.83
CA TYR C 34 -1.97 -26.77 -3.24
C TYR C 34 -3.37 -26.61 -3.76
N ILE C 35 -4.08 -25.63 -3.22
CA ILE C 35 -5.42 -25.35 -3.66
C ILE C 35 -5.59 -23.86 -3.78
N LYS C 36 -5.73 -23.39 -5.02
CA LYS C 36 -5.89 -21.97 -5.27
C LYS C 36 -7.16 -21.43 -4.69
N GLN C 37 -7.03 -20.34 -3.95
CA GLN C 37 -8.18 -19.66 -3.38
C GLN C 37 -9.24 -19.41 -4.46
N LEU C 38 -8.82 -18.91 -5.60
CA LEU C 38 -9.76 -18.41 -6.60
C LEU C 38 -9.89 -19.31 -7.80
N GLY C 39 -9.31 -20.50 -7.74
CA GLY C 39 -9.50 -21.47 -8.81
C GLY C 39 -9.06 -20.98 -10.18
N GLY C 40 -9.97 -21.02 -11.17
CA GLY C 40 -9.74 -20.52 -12.54
C GLY C 40 -9.47 -19.02 -12.66
N GLY C 41 -9.70 -18.25 -11.59
CA GLY C 41 -9.41 -16.82 -11.59
C GLY C 41 -7.95 -16.48 -11.80
N TYR C 42 -7.06 -17.36 -11.38
CA TYR C 42 -5.65 -17.19 -11.67
C TYR C 42 -5.36 -17.02 -13.15
N TYR C 43 -6.16 -17.69 -13.99
CA TYR C 43 -5.97 -17.64 -15.45
C TYR C 43 -6.47 -16.37 -16.10
N VAL C 44 -7.20 -15.57 -15.32
CA VAL C 44 -7.57 -14.23 -15.72
C VAL C 44 -6.77 -13.12 -14.98
N PHE C 45 -6.58 -13.32 -13.66
CA PHE C 45 -5.87 -12.39 -12.78
C PHE C 45 -4.62 -13.06 -12.30
N PRO C 46 -3.52 -12.83 -12.98
CA PRO C 46 -2.28 -13.50 -12.65
C PRO C 46 -1.69 -13.18 -11.29
N GLY C 47 -2.17 -12.13 -10.63
CA GLY C 47 -1.81 -11.90 -9.25
C GLY C 47 -2.33 -12.95 -8.29
N ALA C 48 -3.44 -13.57 -8.65
CA ALA C 48 -4.20 -14.48 -7.80
C ALA C 48 -3.65 -15.88 -7.75
N SER C 49 -2.43 -15.99 -7.29
CA SER C 49 -1.71 -17.23 -7.15
C SER C 49 -1.98 -17.84 -5.77
N HIS C 50 -2.66 -17.12 -4.89
CA HIS C 50 -2.75 -17.53 -3.52
C HIS C 50 -3.64 -18.73 -3.29
N ASN C 51 -3.25 -19.50 -2.26
CA ASN C 51 -3.84 -20.76 -1.92
C ASN C 51 -4.56 -20.69 -0.61
N ARG C 52 -5.45 -21.67 -0.37
CA ARG C 52 -6.32 -21.67 0.80
C ARG C 52 -5.54 -21.70 2.11
N PHE C 53 -4.31 -22.17 2.05
CA PHE C 53 -3.43 -22.22 3.23
C PHE C 53 -3.27 -20.88 3.92
N GLU C 54 -2.82 -19.91 3.15
CA GLU C 54 -2.53 -18.59 3.73
C GLU C 54 -3.84 -17.95 4.19
N HIS C 55 -4.89 -18.18 3.43
CA HIS C 55 -6.18 -17.62 3.82
C HIS C 55 -6.62 -18.20 5.17
N SER C 56 -6.32 -19.47 5.39
CA SER C 56 -6.69 -20.13 6.64
C SER C 56 -5.93 -19.60 7.84
N LEU C 57 -4.64 -19.35 7.68
CA LEU C 57 -3.93 -18.68 8.74
C LEU C 57 -4.61 -17.37 9.05
N GLY C 58 -4.98 -16.64 8.01
CA GLY C 58 -5.53 -15.30 8.21
C GLY C 58 -6.81 -15.33 8.98
N VAL C 59 -7.65 -16.30 8.64
CA VAL C 59 -8.91 -16.44 9.34
C VAL C 59 -8.65 -16.82 10.80
N GLY C 60 -7.72 -17.72 11.01
CA GLY C 60 -7.39 -18.11 12.35
C GLY C 60 -7.01 -16.91 13.17
N TYR C 61 -6.16 -16.07 12.61
CA TYR C 61 -5.63 -14.94 13.34
C TYR C 61 -6.70 -13.92 13.68
N LEU C 62 -7.54 -13.61 12.72
CA LEU C 62 -8.61 -12.66 12.96
C LEU C 62 -9.61 -13.20 13.98
N ALA C 63 -9.90 -14.49 13.94
CA ALA C 63 -10.83 -15.08 14.95
C ALA C 63 -10.27 -14.78 16.30
N GLY C 64 -8.97 -15.01 16.46
CA GLY C 64 -8.25 -14.72 17.67
C GLY C 64 -8.31 -13.27 18.09
N CYS C 65 -8.07 -12.35 17.13
CA CYS C 65 -8.17 -10.94 17.41
C CYS C 65 -9.50 -10.56 17.99
N LEU C 66 -10.57 -11.03 17.40
CA LEU C 66 -11.91 -10.60 17.81
C LEU C 66 -12.30 -11.15 19.19
N VAL C 67 -12.05 -12.42 19.40
CA VAL C 67 -12.37 -13.03 20.69
C VAL C 67 -11.53 -12.37 21.79
N HIS C 68 -10.25 -12.11 21.53
CA HIS C 68 -9.43 -11.39 22.52
C HIS C 68 -9.95 -10.01 22.80
N ALA C 69 -10.41 -9.32 21.78
CA ALA C 69 -10.89 -7.95 21.95
C ALA C 69 -12.16 -7.93 22.83
N LEU C 70 -13.01 -8.92 22.66
CA LEU C 70 -14.21 -9.01 23.44
C LEU C 70 -13.89 -9.27 24.89
N GLY C 71 -12.94 -10.17 25.12
CA GLY C 71 -12.51 -10.45 26.48
C GLY C 71 -11.90 -9.25 27.16
N GLU C 72 -11.10 -8.47 26.45
CA GLU C 72 -10.48 -7.26 27.03
C GLU C 72 -11.53 -6.25 27.38
N LYS C 73 -12.48 -6.04 26.47
CA LYS C 73 -13.52 -5.05 26.66
C LYS C 73 -14.50 -5.47 27.76
N GLN C 74 -14.82 -6.76 27.82
CA GLN C 74 -15.77 -7.26 28.78
C GLN C 74 -15.27 -8.53 29.48
N PRO C 75 -14.62 -8.37 30.65
CA PRO C 75 -14.19 -9.51 31.45
C PRO C 75 -15.36 -10.33 31.96
N GLU C 76 -16.49 -9.65 32.21
CA GLU C 76 -17.68 -10.29 32.72
C GLU C 76 -18.13 -11.46 31.87
N LEU C 77 -17.73 -11.48 30.61
CA LEU C 77 -18.03 -12.58 29.73
C LEU C 77 -17.29 -13.82 30.14
N GLN C 78 -16.19 -13.68 30.86
CA GLN C 78 -15.40 -14.83 31.30
C GLN C 78 -14.97 -15.70 30.12
N ILE C 79 -14.38 -15.07 29.13
CA ILE C 79 -13.83 -15.80 28.02
C ILE C 79 -12.52 -16.39 28.50
N SER C 80 -12.35 -17.69 28.30
CA SER C 80 -11.13 -18.38 28.73
C SER C 80 -10.18 -18.58 27.57
N GLU C 81 -8.91 -18.80 27.89
CA GLU C 81 -7.93 -19.19 26.90
C GLU C 81 -8.43 -20.40 26.13
N ARG C 82 -9.12 -21.28 26.81
CA ARG C 82 -9.73 -22.42 26.16
C ARG C 82 -10.66 -21.99 25.04
N ASP C 83 -11.54 -21.05 25.33
CA ASP C 83 -12.47 -20.52 24.34
C ASP C 83 -11.73 -19.90 23.18
N VAL C 84 -10.68 -19.14 23.48
CA VAL C 84 -9.89 -18.47 22.47
C VAL C 84 -9.31 -19.47 21.49
N LEU C 85 -8.66 -20.51 22.01
CA LEU C 85 -8.03 -21.49 21.13
C LEU C 85 -9.03 -22.26 20.31
N CYS C 86 -10.20 -22.53 20.89
CA CYS C 86 -11.22 -23.24 20.15
C CYS C 86 -11.72 -22.43 18.98
N VAL C 87 -11.84 -21.13 19.17
CA VAL C 87 -12.29 -20.26 18.10
C VAL C 87 -11.21 -20.16 17.02
N GLN C 88 -9.96 -20.04 17.43
CA GLN C 88 -8.88 -19.99 16.49
C GLN C 88 -8.83 -21.26 15.68
N ILE C 89 -9.02 -22.40 16.33
CA ILE C 89 -8.91 -23.67 15.63
C ILE C 89 -10.00 -23.75 14.58
N ALA C 90 -11.19 -23.33 14.95
CA ALA C 90 -12.27 -23.32 14.00
C ALA C 90 -11.92 -22.39 12.83
N GLY C 91 -11.34 -21.25 13.14
CA GLY C 91 -10.90 -20.32 12.10
C GLY C 91 -9.93 -20.93 11.12
N LEU C 92 -8.88 -21.53 11.66
CA LEU C 92 -7.91 -22.24 10.84
C LEU C 92 -8.50 -23.32 9.99
N CYS C 93 -9.51 -23.97 10.52
CA CYS C 93 -9.96 -25.21 9.93
C CYS C 93 -11.20 -25.15 9.09
N ARG C 94 -11.86 -24.00 8.96
CA ARG C 94 -13.05 -24.00 8.12
C ARG C 94 -12.84 -24.15 6.62
N ASN C 95 -11.64 -23.98 6.14
CA ASN C 95 -11.34 -24.23 4.74
C ASN C 95 -10.74 -25.59 4.45
N LEU C 96 -10.59 -26.42 5.49
CA LEU C 96 -10.03 -27.76 5.32
C LEU C 96 -10.70 -28.62 4.25
N GLY C 97 -12.00 -28.43 4.07
CA GLY C 97 -12.77 -29.26 3.17
C GLY C 97 -12.77 -28.87 1.70
N HIS C 98 -12.11 -27.78 1.35
CA HIS C 98 -12.14 -27.33 -0.05
C HIS C 98 -11.43 -28.32 -0.96
N GLY C 99 -11.91 -28.42 -2.19
CA GLY C 99 -11.33 -29.33 -3.15
C GLY C 99 -10.65 -28.56 -4.24
N PRO C 100 -10.11 -29.26 -5.25
CA PRO C 100 -9.34 -28.62 -6.30
C PRO C 100 -10.06 -27.41 -6.90
N PHE C 101 -9.32 -26.32 -7.03
CA PHE C 101 -9.81 -25.05 -7.53
C PHE C 101 -10.95 -24.48 -6.68
N SER C 102 -10.96 -24.84 -5.42
CA SER C 102 -11.92 -24.31 -4.46
C SER C 102 -13.36 -24.44 -4.93
N HIS C 103 -14.04 -23.33 -5.21
CA HIS C 103 -15.47 -23.36 -5.43
C HIS C 103 -15.84 -24.04 -6.72
N MET C 104 -14.89 -24.22 -7.62
CA MET C 104 -15.15 -25.03 -8.78
C MET C 104 -15.59 -26.44 -8.37
N PHE C 105 -15.00 -26.98 -7.31
CA PHE C 105 -15.18 -28.37 -6.95
C PHE C 105 -16.57 -28.65 -6.37
N ASP C 106 -16.95 -27.91 -5.33
CA ASP C 106 -18.27 -28.08 -4.77
C ASP C 106 -19.32 -27.26 -5.50
N GLY C 107 -18.94 -26.27 -6.26
CA GLY C 107 -19.92 -25.46 -6.99
C GLY C 107 -20.28 -25.99 -8.36
N ARG C 108 -19.34 -26.63 -9.05
CA ARG C 108 -19.62 -27.17 -10.38
C ARG C 108 -19.45 -28.68 -10.49
N PHE C 109 -18.30 -29.18 -10.06
CA PHE C 109 -17.94 -30.54 -10.40
C PHE C 109 -18.77 -31.62 -9.69
N ILE C 110 -18.87 -31.51 -8.37
CA ILE C 110 -19.57 -32.50 -7.59
C ILE C 110 -21.05 -32.51 -7.95
N PRO C 111 -21.67 -31.33 -8.03
CA PRO C 111 -23.07 -31.29 -8.46
C PRO C 111 -23.34 -32.07 -9.73
N LEU C 112 -22.43 -31.99 -10.70
CA LEU C 112 -22.64 -32.69 -11.97
C LEU C 112 -22.21 -34.16 -11.94
N ALA C 113 -21.20 -34.48 -11.14
CA ALA C 113 -20.61 -35.80 -11.15
C ALA C 113 -21.26 -36.74 -10.12
N ARG C 114 -21.79 -36.18 -9.04
CA ARG C 114 -22.53 -36.95 -8.05
C ARG C 114 -23.77 -36.12 -7.72
N PRO C 115 -24.70 -35.99 -8.68
CA PRO C 115 -25.91 -35.19 -8.46
C PRO C 115 -26.75 -35.56 -7.24
N GLU C 116 -26.82 -36.86 -6.92
CA GLU C 116 -27.66 -37.35 -5.82
C GLU C 116 -27.12 -36.93 -4.46
N VAL C 117 -25.80 -36.94 -4.31
CA VAL C 117 -25.22 -36.56 -3.04
C VAL C 117 -25.35 -35.06 -2.84
N LYS C 118 -25.51 -34.65 -1.59
CA LYS C 118 -25.51 -33.24 -1.26
C LYS C 118 -24.20 -32.98 -0.52
N TRP C 119 -23.39 -32.04 -1.00
CA TRP C 119 -22.03 -31.88 -0.46
C TRP C 119 -21.60 -30.45 -0.48
N THR C 120 -20.93 -30.04 0.58
CA THR C 120 -20.39 -28.72 0.66
C THR C 120 -19.01 -28.85 1.27
N HIS C 121 -18.17 -27.86 0.99
CA HIS C 121 -16.84 -27.86 1.54
C HIS C 121 -16.94 -27.80 3.06
N GLU C 122 -17.99 -27.22 3.60
CA GLU C 122 -18.16 -27.16 5.06
C GLU C 122 -18.30 -28.57 5.66
N GLN C 123 -19.15 -29.40 5.05
CA GLN C 123 -19.26 -30.82 5.44
C GLN C 123 -17.85 -31.40 5.50
N GLY C 124 -17.11 -31.17 4.42
CA GLY C 124 -15.79 -31.77 4.27
C GLY C 124 -14.78 -31.24 5.24
N SER C 125 -14.93 -29.98 5.61
CA SER C 125 -14.01 -29.39 6.57
C SER C 125 -14.12 -30.17 7.88
N VAL C 126 -15.35 -30.50 8.26
CA VAL C 126 -15.61 -31.24 9.49
C VAL C 126 -14.98 -32.62 9.47
N MET C 127 -15.20 -33.32 8.38
CA MET C 127 -14.67 -34.67 8.25
C MET C 127 -13.16 -34.65 8.24
N MET C 128 -12.61 -33.69 7.50
CA MET C 128 -11.16 -33.58 7.38
C MET C 128 -10.57 -33.22 8.73
N PHE C 129 -11.30 -32.41 9.47
CA PHE C 129 -10.87 -32.05 10.80
C PHE C 129 -10.78 -33.27 11.74
N GLU C 130 -11.87 -34.06 11.75
CA GLU C 130 -11.94 -35.31 12.51
C GLU C 130 -10.74 -36.17 12.17
N HIS C 131 -10.53 -36.34 10.87
CA HIS C 131 -9.45 -37.16 10.39
C HIS C 131 -8.11 -36.60 10.83
N LEU C 132 -7.97 -35.28 10.80
CA LEU C 132 -6.72 -34.66 11.19
C LEU C 132 -6.40 -34.91 12.66
N ILE C 133 -7.40 -34.72 13.51
CA ILE C 133 -7.23 -34.96 14.94
C ILE C 133 -6.80 -36.39 15.23
N ASN C 134 -7.56 -37.34 14.68
CA ASN C 134 -7.32 -38.75 14.95
C ASN C 134 -6.00 -39.19 14.37
N SER C 135 -5.74 -38.85 13.12
CA SER C 135 -4.51 -39.30 12.48
C SER C 135 -3.24 -38.75 13.07
N ASN C 136 -3.32 -37.75 13.95
CA ASN C 136 -2.11 -37.09 14.43
C ASN C 136 -1.97 -36.97 15.95
N GLY C 137 -2.85 -37.64 16.68
CA GLY C 137 -2.75 -37.65 18.13
C GLY C 137 -2.78 -36.24 18.68
N ILE C 138 -3.76 -35.48 18.24
CA ILE C 138 -3.85 -34.08 18.66
C ILE C 138 -4.55 -34.01 19.99
N LYS C 139 -5.46 -34.95 20.24
CA LYS C 139 -6.23 -34.94 21.47
C LYS C 139 -5.38 -34.82 22.74
N PRO C 140 -4.31 -35.62 22.87
CA PRO C 140 -3.44 -35.45 24.03
C PRO C 140 -2.92 -34.01 24.19
N VAL C 141 -2.54 -33.41 23.06
CA VAL C 141 -1.96 -32.07 23.08
C VAL C 141 -3.01 -31.04 23.48
N MET C 142 -4.24 -31.19 22.99
CA MET C 142 -5.35 -30.35 23.44
C MET C 142 -5.55 -30.36 24.96
N GLU C 143 -5.48 -31.57 25.53
CA GLU C 143 -5.64 -31.74 26.97
C GLU C 143 -4.47 -31.05 27.65
N GLN C 144 -3.26 -31.27 27.15
CA GLN C 144 -2.07 -30.60 27.71
C GLN C 144 -2.21 -29.08 27.84
N TYR C 145 -2.99 -28.44 26.97
CA TYR C 145 -3.15 -26.99 27.03
C TYR C 145 -4.49 -26.59 27.63
N GLY C 146 -5.18 -27.53 28.26
CA GLY C 146 -6.40 -27.22 28.99
C GLY C 146 -7.70 -27.33 28.22
N LEU C 147 -7.68 -28.02 27.08
CA LEU C 147 -8.91 -28.23 26.33
C LEU C 147 -9.55 -29.56 26.69
N ILE C 148 -10.87 -29.62 26.58
CA ILE C 148 -11.67 -30.82 26.85
C ILE C 148 -12.27 -31.37 25.55
N PRO C 149 -11.54 -32.29 24.87
CA PRO C 149 -11.89 -32.78 23.55
C PRO C 149 -13.34 -33.13 23.31
N GLU C 150 -14.01 -33.68 24.30
CA GLU C 150 -15.37 -34.11 24.08
C GLU C 150 -16.23 -32.90 23.74
N GLU C 151 -16.18 -31.89 24.60
CA GLU C 151 -16.95 -30.66 24.45
C GLU C 151 -16.41 -29.78 23.34
N ASP C 152 -15.09 -29.65 23.30
CA ASP C 152 -14.45 -28.67 22.46
C ASP C 152 -14.48 -29.06 21.00
N ILE C 153 -14.25 -30.33 20.70
CA ILE C 153 -14.28 -30.77 19.32
C ILE C 153 -15.68 -30.60 18.79
N CYS C 154 -16.67 -30.82 19.62
CA CYS C 154 -18.04 -30.56 19.21
C CYS C 154 -18.20 -29.07 18.86
N PHE C 155 -17.74 -28.23 19.78
CA PHE C 155 -17.85 -26.79 19.67
C PHE C 155 -17.24 -26.32 18.36
N ILE C 156 -16.04 -26.80 18.09
CA ILE C 156 -15.28 -26.45 16.89
C ILE C 156 -16.02 -26.84 15.62
N LYS C 157 -16.59 -28.02 15.62
CA LYS C 157 -17.33 -28.47 14.47
C LYS C 157 -18.60 -27.64 14.30
N GLU C 158 -19.22 -27.28 15.39
CA GLU C 158 -20.46 -26.52 15.29
C GLU C 158 -20.18 -25.14 14.75
N GLN C 159 -19.05 -24.56 15.15
CA GLN C 159 -18.64 -23.25 14.65
C GLN C 159 -18.53 -23.23 13.14
N ILE C 160 -18.02 -24.34 12.60
CA ILE C 160 -17.82 -24.47 11.18
C ILE C 160 -19.12 -24.77 10.44
N VAL C 161 -19.89 -25.72 10.94
CA VAL C 161 -20.98 -26.25 10.14
C VAL C 161 -22.38 -25.94 10.68
N GLY C 162 -22.45 -25.44 11.91
CA GLY C 162 -23.73 -25.24 12.59
C GLY C 162 -24.04 -26.45 13.47
N PRO C 163 -25.29 -26.54 13.95
CA PRO C 163 -25.65 -27.67 14.82
C PRO C 163 -25.47 -28.99 14.08
N LEU C 164 -25.02 -30.02 14.80
CA LEU C 164 -24.82 -31.34 14.21
C LEU C 164 -26.14 -32.11 14.07
N GLU C 165 -27.19 -31.67 14.76
CA GLU C 165 -28.55 -32.09 14.48
C GLU C 165 -29.12 -31.13 13.43
N LEU C 172 -35.50 -23.65 21.12
CA LEU C 172 -34.49 -24.63 21.49
C LEU C 172 -33.10 -24.01 21.27
N TRP C 173 -32.16 -24.19 22.20
CA TRP C 173 -30.73 -23.91 21.96
C TRP C 173 -30.17 -25.17 21.33
N PRO C 174 -29.80 -25.10 20.04
CA PRO C 174 -29.40 -26.32 19.34
C PRO C 174 -27.94 -26.68 19.47
N TYR C 175 -27.16 -25.87 20.18
CA TYR C 175 -25.72 -26.15 20.27
C TYR C 175 -25.41 -26.88 21.54
N LYS C 176 -24.48 -27.82 21.44
CA LYS C 176 -24.04 -28.61 22.57
C LYS C 176 -22.66 -28.13 23.10
N GLY C 177 -21.76 -27.74 22.19
CA GLY C 177 -20.38 -27.39 22.55
C GLY C 177 -20.20 -26.23 23.52
N ARG C 178 -21.15 -25.30 23.52
CA ARG C 178 -21.16 -24.20 24.49
C ARG C 178 -22.60 -23.73 24.73
N PRO C 179 -22.87 -23.20 25.93
CA PRO C 179 -24.20 -22.69 26.33
C PRO C 179 -24.59 -21.31 25.77
N GLU C 180 -25.87 -20.97 25.93
CA GLU C 180 -26.44 -19.70 25.44
C GLU C 180 -25.69 -18.45 25.87
N ASN C 181 -25.06 -18.51 27.03
CA ASN C 181 -24.27 -17.38 27.54
C ASN C 181 -22.96 -17.15 26.76
N LYS C 182 -22.51 -18.15 26.00
CA LYS C 182 -21.37 -18.00 25.12
C LYS C 182 -21.85 -18.11 23.66
N SER C 183 -23.10 -17.70 23.40
CA SER C 183 -23.70 -17.72 22.06
C SER C 183 -22.88 -16.92 21.05
N PHE C 184 -22.32 -15.80 21.51
CA PHE C 184 -21.52 -14.93 20.67
C PHE C 184 -20.30 -15.58 20.04
N LEU C 185 -19.75 -16.61 20.64
CA LEU C 185 -18.60 -17.28 20.05
C LEU C 185 -18.93 -17.97 18.72
N TYR C 186 -20.20 -18.29 18.50
CA TYR C 186 -20.60 -18.95 17.26
C TYR C 186 -20.73 -17.98 16.14
N GLU C 187 -20.86 -16.71 16.47
CA GLU C 187 -20.96 -15.67 15.44
C GLU C 187 -19.61 -15.22 14.82
N ILE C 188 -18.49 -15.80 15.25
CA ILE C 188 -17.18 -15.28 14.85
C ILE C 188 -16.60 -15.88 13.57
N VAL C 189 -16.54 -17.19 13.50
CA VAL C 189 -15.87 -17.84 12.39
C VAL C 189 -16.78 -18.03 11.20
N SER C 190 -18.03 -18.36 11.47
CA SER C 190 -18.92 -18.64 10.37
C SER C 190 -20.33 -18.33 10.82
N ASN C 191 -20.72 -17.09 10.58
CA ASN C 191 -21.93 -16.54 11.13
C ASN C 191 -23.15 -16.93 10.32
N LYS C 192 -23.91 -17.90 10.84
CA LYS C 192 -25.07 -18.43 10.11
C LYS C 192 -26.25 -17.46 10.13
N ARG C 193 -26.27 -16.58 11.11
CA ARG C 193 -27.36 -15.61 11.23
C ARG C 193 -27.34 -14.52 10.15
N ASN C 194 -26.17 -13.95 9.86
CA ASN C 194 -26.09 -12.85 8.89
C ASN C 194 -24.84 -12.82 8.01
N GLY C 195 -23.92 -13.76 8.21
CA GLY C 195 -22.77 -13.88 7.31
C GLY C 195 -21.66 -12.93 7.62
N ILE C 196 -21.78 -12.16 8.69
CA ILE C 196 -20.74 -11.25 9.04
C ILE C 196 -19.74 -11.94 9.94
N ASP C 197 -18.63 -12.38 9.35
CA ASP C 197 -17.61 -13.14 10.07
C ASP C 197 -16.19 -12.81 9.59
N VAL C 198 -15.20 -13.34 10.30
CA VAL C 198 -13.85 -13.06 10.00
C VAL C 198 -13.34 -13.72 8.72
N ASP C 199 -14.04 -14.72 8.23
CA ASP C 199 -13.65 -15.38 6.98
C ASP C 199 -13.66 -14.37 5.84
N LYS C 200 -14.79 -13.66 5.74
CA LYS C 200 -14.96 -12.63 4.75
C LYS C 200 -13.89 -11.61 4.88
N TRP C 201 -13.64 -11.19 6.10
CA TRP C 201 -12.70 -10.10 6.29
C TRP C 201 -11.34 -10.44 5.75
N ASP C 202 -10.90 -11.68 5.93
CA ASP C 202 -9.61 -12.05 5.43
C ASP C 202 -9.66 -12.11 3.92
N TYR C 203 -10.68 -12.73 3.34
CA TYR C 203 -10.62 -12.87 1.87
C TYR C 203 -10.77 -11.53 1.13
N PHE C 204 -11.56 -10.59 1.66
CA PHE C 204 -11.64 -9.28 1.08
C PHE C 204 -10.24 -8.72 0.97
N ALA C 205 -9.53 -8.71 2.08
CA ALA C 205 -8.24 -8.07 2.10
C ALA C 205 -7.26 -8.83 1.26
N ARG C 206 -7.32 -10.16 1.32
CA ARG C 206 -6.26 -10.94 0.74
C ARG C 206 -6.49 -10.95 -0.75
N ASP C 207 -7.73 -11.23 -1.15
CA ASP C 207 -8.07 -11.21 -2.57
C ASP C 207 -7.78 -9.86 -3.24
N CYS C 208 -8.12 -8.77 -2.59
CA CYS C 208 -7.86 -7.44 -3.19
C CYS C 208 -6.37 -7.21 -3.41
N HIS C 209 -5.57 -7.47 -2.40
CA HIS C 209 -4.11 -7.42 -2.50
C HIS C 209 -3.56 -8.20 -3.71
N HIS C 210 -4.16 -9.34 -4.01
CA HIS C 210 -3.64 -10.21 -5.06
C HIS C 210 -4.21 -9.92 -6.42
N LEU C 211 -5.49 -9.57 -6.48
CA LEU C 211 -6.12 -9.27 -7.73
C LEU C 211 -5.72 -7.94 -8.27
N GLY C 212 -5.35 -7.04 -7.37
CA GLY C 212 -5.03 -5.66 -7.74
C GLY C 212 -6.30 -4.83 -7.79
N ILE C 213 -7.18 -5.06 -6.83
CA ILE C 213 -8.42 -4.33 -6.69
C ILE C 213 -8.33 -3.77 -5.32
N GLN C 214 -9.13 -2.77 -4.98
CA GLN C 214 -9.07 -2.27 -3.63
C GLN C 214 -10.32 -2.45 -2.75
N ASN C 215 -10.03 -2.90 -1.53
CA ASN C 215 -11.03 -3.33 -0.52
C ASN C 215 -11.66 -2.15 0.22
N ASN C 216 -12.99 -2.07 0.20
CA ASN C 216 -13.72 -0.94 0.80
C ASN C 216 -14.21 -1.22 2.25
N PHE C 217 -13.76 -2.32 2.90
CA PHE C 217 -14.20 -2.68 4.29
C PHE C 217 -13.13 -2.81 5.39
N ASP C 218 -13.26 -1.98 6.43
CA ASP C 218 -12.33 -1.97 7.55
C ASP C 218 -12.73 -2.91 8.72
N TYR C 219 -12.17 -4.12 8.72
CA TYR C 219 -12.47 -5.11 9.72
C TYR C 219 -11.86 -4.80 11.07
N LYS C 220 -10.67 -4.21 11.10
CA LYS C 220 -10.10 -3.80 12.34
C LYS C 220 -11.00 -2.81 13.05
N ARG C 221 -11.55 -1.87 12.32
CA ARG C 221 -12.44 -0.90 12.90
C ARG C 221 -13.61 -1.64 13.54
N PHE C 222 -14.19 -2.57 12.78
CA PHE C 222 -15.34 -3.26 13.20
C PHE C 222 -15.05 -4.02 14.51
N ILE C 223 -13.89 -4.62 14.60
CA ILE C 223 -13.51 -5.27 15.84
C ILE C 223 -13.47 -4.30 17.01
N LYS C 224 -12.93 -3.11 16.80
CA LYS C 224 -12.84 -2.18 17.90
C LYS C 224 -14.21 -1.78 18.39
N PHE C 225 -15.23 -1.78 17.55
CA PHE C 225 -16.54 -1.33 18.00
C PHE C 225 -17.49 -2.47 18.36
N ALA C 226 -17.00 -3.69 18.35
CA ALA C 226 -17.87 -4.83 18.62
C ALA C 226 -18.07 -5.02 20.14
N ARG C 227 -19.32 -5.18 20.56
CA ARG C 227 -19.64 -5.54 21.94
C ARG C 227 -20.63 -6.70 21.95
N VAL C 228 -20.71 -7.35 23.10
CA VAL C 228 -21.69 -8.40 23.31
C VAL C 228 -22.83 -7.83 24.16
N CYS C 229 -24.06 -8.10 23.75
CA CYS C 229 -25.25 -7.65 24.46
C CYS C 229 -26.24 -8.79 24.53
N GLU C 230 -27.21 -8.67 25.44
CA GLU C 230 -28.29 -9.62 25.46
C GLU C 230 -29.28 -9.30 24.36
N VAL C 231 -29.67 -10.32 23.61
CA VAL C 231 -30.75 -10.23 22.64
C VAL C 231 -31.52 -11.52 22.71
N ASP C 232 -32.79 -11.45 23.08
CA ASP C 232 -33.68 -12.65 23.21
C ASP C 232 -33.06 -13.76 24.05
N ASN C 233 -32.58 -13.42 25.25
CA ASN C 233 -31.91 -14.39 26.13
C ASN C 233 -30.69 -15.08 25.53
N GLU C 234 -30.15 -14.51 24.45
CA GLU C 234 -28.85 -14.94 23.94
C GLU C 234 -27.91 -13.79 24.17
N LEU C 235 -26.64 -14.09 24.34
CA LEU C 235 -25.60 -13.06 24.28
C LEU C 235 -25.01 -13.03 22.88
N ARG C 236 -25.30 -11.97 22.14
CA ARG C 236 -24.83 -11.83 20.76
C ARG C 236 -23.85 -10.68 20.59
N ILE C 237 -23.03 -10.79 19.56
CA ILE C 237 -22.16 -9.70 19.15
C ILE C 237 -22.99 -8.60 18.53
N CYS C 238 -22.78 -7.39 19.04
CA CYS C 238 -23.48 -6.22 18.54
C CYS C 238 -22.50 -5.19 18.03
N ALA C 239 -22.96 -4.45 17.04
CA ALA C 239 -22.12 -3.48 16.38
C ALA C 239 -22.62 -2.13 16.78
N ARG C 240 -21.71 -1.18 16.90
CA ARG C 240 -22.11 0.16 17.16
C ARG C 240 -23.05 0.70 16.05
N ASP C 241 -24.12 1.38 16.45
CA ASP C 241 -25.18 1.80 15.50
C ASP C 241 -24.62 2.49 14.25
N LYS C 242 -23.74 3.46 14.44
CA LYS C 242 -23.33 4.28 13.33
C LYS C 242 -22.48 3.52 12.32
N GLU C 243 -22.03 2.33 12.68
CA GLU C 243 -21.29 1.51 11.77
C GLU C 243 -22.14 0.79 10.79
N VAL C 244 -23.45 1.04 10.81
CA VAL C 244 -24.40 0.31 9.96
C VAL C 244 -24.11 0.52 8.48
N GLY C 245 -23.72 1.74 8.11
CA GLY C 245 -23.29 2.07 6.74
C GLY C 245 -22.11 1.23 6.28
N ASN C 246 -21.14 1.05 7.17
CA ASN C 246 -20.01 0.20 6.86
C ASN C 246 -20.40 -1.21 6.54
N LEU C 247 -21.43 -1.70 7.22
CA LEU C 247 -21.93 -3.07 7.00
C LEU C 247 -22.62 -3.24 5.67
N TYR C 248 -23.47 -2.28 5.32
CA TYR C 248 -24.02 -2.28 3.98
C TYR C 248 -22.92 -2.28 2.92
N ASP C 249 -21.85 -1.50 3.17
CA ASP C 249 -20.70 -1.38 2.26
C ASP C 249 -19.91 -2.66 2.18
N MET C 250 -19.80 -3.35 3.31
CA MET C 250 -19.20 -4.64 3.32
C MET C 250 -19.84 -5.57 2.27
N PHE C 251 -21.17 -5.63 2.23
CA PHE C 251 -21.83 -6.49 1.25
C PHE C 251 -21.85 -5.93 -0.15
N HIS C 252 -21.92 -4.62 -0.30
CA HIS C 252 -21.63 -4.02 -1.61
C HIS C 252 -20.23 -4.47 -2.14
N THR C 253 -19.23 -4.46 -1.27
CA THR C 253 -17.90 -4.87 -1.67
C THR C 253 -17.84 -6.32 -2.07
N ARG C 254 -18.45 -7.16 -1.27
CA ARG C 254 -18.57 -8.56 -1.63
C ARG C 254 -19.20 -8.75 -3.01
N ASN C 255 -20.27 -8.03 -3.27
CA ASN C 255 -20.93 -8.17 -4.55
C ASN C 255 -20.08 -7.72 -5.73
N SER C 256 -19.33 -6.66 -5.47
CA SER C 256 -18.42 -6.06 -6.43
C SER C 256 -17.24 -6.96 -6.74
N LEU C 257 -16.74 -7.64 -5.73
CA LEU C 257 -15.71 -8.66 -5.96
C LEU C 257 -16.23 -9.85 -6.80
N HIS C 258 -17.48 -10.24 -6.59
CA HIS C 258 -18.03 -11.32 -7.37
C HIS C 258 -18.21 -10.84 -8.82
N ARG C 259 -18.75 -9.64 -8.99
CA ARG C 259 -18.96 -9.10 -10.31
C ARG C 259 -17.67 -9.04 -11.09
N ARG C 260 -16.62 -8.48 -10.51
CA ARG C 260 -15.41 -8.25 -11.26
C ARG C 260 -14.52 -9.43 -11.32
N ALA C 261 -14.53 -10.27 -10.29
CA ALA C 261 -13.51 -11.32 -10.20
C ALA C 261 -14.05 -12.72 -10.01
N TYR C 262 -14.77 -12.99 -8.96
CA TYR C 262 -15.12 -14.39 -8.71
C TYR C 262 -16.06 -14.95 -9.79
N GLN C 263 -16.85 -14.08 -10.44
CA GLN C 263 -17.69 -14.48 -11.53
C GLN C 263 -17.28 -13.88 -12.85
N HIS C 264 -16.02 -13.53 -12.99
CA HIS C 264 -15.57 -13.10 -14.29
C HIS C 264 -15.96 -14.12 -15.37
N LYS C 265 -16.53 -13.65 -16.46
CA LYS C 265 -17.09 -14.51 -17.50
C LYS C 265 -16.07 -15.51 -18.02
N VAL C 266 -14.84 -15.07 -18.18
CA VAL C 266 -13.82 -15.96 -18.68
C VAL C 266 -13.29 -16.87 -17.57
N GLY C 267 -13.26 -16.34 -16.37
CA GLY C 267 -12.79 -17.09 -15.24
C GLY C 267 -13.72 -18.26 -15.09
N ASN C 268 -14.99 -17.96 -15.17
CA ASN C 268 -16.02 -19.00 -15.07
C ASN C 268 -15.99 -20.04 -16.21
N ILE C 269 -15.70 -19.61 -17.44
CA ILE C 269 -15.61 -20.55 -18.53
C ILE C 269 -14.40 -21.46 -18.38
N ILE C 270 -13.33 -20.96 -17.80
CA ILE C 270 -12.20 -21.80 -17.55
C ILE C 270 -12.54 -22.82 -16.48
N ASP C 271 -13.28 -22.39 -15.47
CA ASP C 271 -13.71 -23.28 -14.41
C ASP C 271 -14.56 -24.38 -15.03
N THR C 272 -15.39 -23.99 -15.99
CA THR C 272 -16.25 -24.90 -16.70
C THR C 272 -15.46 -25.92 -17.55
N MET C 273 -14.45 -25.44 -18.26
CA MET C 273 -13.62 -26.34 -19.06
C MET C 273 -12.85 -27.27 -18.15
N ILE C 274 -12.40 -26.78 -17.02
CA ILE C 274 -11.68 -27.67 -16.11
C ILE C 274 -12.64 -28.75 -15.57
N THR C 275 -13.84 -28.35 -15.23
CA THR C 275 -14.84 -29.26 -14.71
C THR C 275 -15.12 -30.33 -15.75
N ASP C 276 -15.29 -29.90 -16.99
CA ASP C 276 -15.50 -30.79 -18.09
C ASP C 276 -14.44 -31.83 -18.22
N ALA C 277 -13.22 -31.39 -18.08
CA ALA C 277 -12.08 -32.29 -18.19
C ALA C 277 -12.11 -33.26 -17.02
N PHE C 278 -12.50 -32.79 -15.86
CA PHE C 278 -12.50 -33.64 -14.69
C PHE C 278 -13.51 -34.70 -14.88
N LEU C 279 -14.65 -34.33 -15.47
CA LEU C 279 -15.72 -35.30 -15.73
C LEU C 279 -15.22 -36.38 -16.67
N LYS C 280 -14.56 -36.01 -17.76
CA LYS C 280 -13.98 -36.99 -18.68
C LYS C 280 -12.77 -37.80 -18.17
N ALA C 281 -12.25 -37.44 -17.02
CA ALA C 281 -11.16 -38.18 -16.40
C ALA C 281 -11.61 -38.95 -15.18
N ASP C 282 -12.83 -38.69 -14.74
CA ASP C 282 -13.28 -39.21 -13.45
C ASP C 282 -13.29 -40.74 -13.42
N ASP C 283 -13.61 -41.35 -14.55
CA ASP C 283 -13.62 -42.81 -14.69
C ASP C 283 -12.25 -43.48 -14.55
N TYR C 284 -11.20 -42.74 -14.90
CA TYR C 284 -9.87 -43.32 -15.07
C TYR C 284 -8.84 -42.89 -14.03
N ILE C 285 -9.08 -41.79 -13.33
CA ILE C 285 -8.14 -41.36 -12.30
C ILE C 285 -8.44 -42.11 -11.02
N GLU C 286 -7.40 -42.67 -10.42
CA GLU C 286 -7.54 -43.41 -9.17
C GLU C 286 -6.66 -42.81 -8.09
N ILE C 287 -7.24 -42.69 -6.91
CA ILE C 287 -6.61 -42.07 -5.76
C ILE C 287 -6.71 -43.00 -4.59
N THR C 288 -5.56 -43.30 -3.99
CA THR C 288 -5.49 -44.33 -2.99
C THR C 288 -5.91 -43.81 -1.65
N GLY C 289 -6.94 -44.41 -1.09
CA GLY C 289 -7.44 -44.04 0.21
C GLY C 289 -6.94 -44.96 1.30
N ALA C 290 -7.79 -45.13 2.31
CA ALA C 290 -7.45 -45.92 3.49
C ALA C 290 -7.36 -47.40 3.14
N GLY C 291 -6.30 -48.03 3.65
CA GLY C 291 -6.04 -49.44 3.43
C GLY C 291 -5.73 -49.81 1.99
N GLY C 292 -5.09 -48.92 1.24
CA GLY C 292 -4.85 -49.14 -0.19
C GLY C 292 -6.09 -49.10 -1.09
N LYS C 293 -7.28 -48.91 -0.53
CA LYS C 293 -8.52 -48.89 -1.33
C LYS C 293 -8.52 -47.69 -2.28
N LYS C 294 -9.12 -47.83 -3.46
CA LYS C 294 -9.02 -46.80 -4.49
C LYS C 294 -10.31 -46.05 -4.81
N TYR C 295 -10.18 -44.73 -5.01
CA TYR C 295 -11.34 -43.87 -5.24
C TYR C 295 -11.19 -43.06 -6.49
N ARG C 296 -12.29 -42.47 -6.92
CA ARG C 296 -12.28 -41.56 -8.04
C ARG C 296 -12.25 -40.14 -7.53
N ILE C 297 -11.97 -39.22 -8.43
CA ILE C 297 -12.05 -37.80 -8.10
C ILE C 297 -13.39 -37.53 -7.39
N SER C 298 -14.47 -38.03 -7.96
CA SER C 298 -15.80 -37.77 -7.44
C SER C 298 -16.15 -38.56 -6.17
N THR C 299 -15.36 -39.57 -5.81
CA THR C 299 -15.66 -40.35 -4.60
C THR C 299 -14.64 -40.16 -3.50
N ALA C 300 -13.55 -39.47 -3.80
CA ALA C 300 -12.55 -39.16 -2.79
C ALA C 300 -13.13 -38.44 -1.57
N ILE C 301 -14.21 -37.71 -1.77
CA ILE C 301 -14.92 -37.09 -0.64
C ILE C 301 -15.44 -38.06 0.43
N ASP C 302 -15.43 -39.36 0.15
CA ASP C 302 -15.91 -40.36 1.09
C ASP C 302 -14.83 -40.87 2.02
N ASP C 303 -13.58 -40.80 1.59
CA ASP C 303 -12.47 -41.15 2.46
C ASP C 303 -11.48 -40.00 2.58
N MET C 304 -11.35 -39.49 3.80
CA MET C 304 -10.48 -38.35 4.09
C MET C 304 -9.01 -38.59 3.81
N GLU C 305 -8.56 -39.82 3.89
CA GLU C 305 -7.18 -40.12 3.57
C GLU C 305 -6.94 -39.95 2.07
N ALA C 306 -7.94 -40.26 1.26
CA ALA C 306 -7.85 -40.03 -0.16
C ALA C 306 -8.02 -38.56 -0.47
N TYR C 307 -8.98 -37.92 0.22
CA TYR C 307 -9.30 -36.54 -0.07
C TYR C 307 -8.06 -35.64 0.20
N THR C 308 -7.30 -36.00 1.23
CA THR C 308 -6.06 -35.39 1.56
C THR C 308 -5.15 -35.23 0.36
N LYS C 309 -5.16 -36.18 -0.55
CA LYS C 309 -4.28 -36.15 -1.70
C LYS C 309 -4.93 -35.56 -2.94
N LEU C 310 -6.15 -35.06 -2.79
CA LEU C 310 -6.89 -34.52 -3.92
C LEU C 310 -6.75 -33.01 -3.93
N THR C 311 -5.94 -32.51 -4.86
CA THR C 311 -5.61 -31.07 -4.92
C THR C 311 -5.52 -30.56 -6.37
N ASP C 312 -5.01 -29.34 -6.54
CA ASP C 312 -4.90 -28.75 -7.88
C ASP C 312 -3.99 -29.57 -8.77
N ASN C 313 -3.17 -30.42 -8.15
CA ASN C 313 -2.28 -31.30 -8.86
C ASN C 313 -2.96 -32.17 -9.90
N ILE C 314 -4.17 -32.60 -9.58
CA ILE C 314 -4.98 -33.34 -10.51
C ILE C 314 -4.98 -32.77 -11.92
N PHE C 315 -5.16 -31.46 -11.98
CA PHE C 315 -5.13 -30.75 -13.25
C PHE C 315 -3.89 -31.08 -14.09
N LEU C 316 -2.73 -31.12 -13.44
CA LEU C 316 -1.50 -31.40 -14.18
C LEU C 316 -1.28 -32.88 -14.47
N GLU C 317 -1.74 -33.71 -13.54
CA GLU C 317 -1.70 -35.13 -13.74
C GLU C 317 -2.37 -35.43 -15.09
N ILE C 318 -3.52 -34.83 -15.29
CA ILE C 318 -4.27 -35.02 -16.50
C ILE C 318 -3.58 -34.41 -17.70
N LEU C 319 -3.12 -33.20 -17.54
CA LEU C 319 -2.48 -32.51 -18.64
C LEU C 319 -1.24 -33.25 -19.12
N TYR C 320 -0.52 -33.84 -18.19
CA TYR C 320 0.73 -34.48 -18.54
C TYR C 320 0.56 -35.94 -18.90
N SER C 321 -0.63 -36.50 -18.70
CA SER C 321 -0.84 -37.94 -18.99
C SER C 321 -0.59 -38.32 -20.45
N THR C 322 -0.21 -39.58 -20.67
CA THR C 322 -0.04 -40.17 -22.01
C THR C 322 -1.07 -41.26 -22.30
N ASP C 323 -1.73 -41.73 -21.24
CA ASP C 323 -2.81 -42.67 -21.39
C ASP C 323 -3.86 -42.13 -22.35
N PRO C 324 -4.14 -42.89 -23.44
CA PRO C 324 -5.20 -42.44 -24.34
C PRO C 324 -6.61 -42.53 -23.77
N LYS C 325 -6.81 -43.22 -22.64
CA LYS C 325 -8.10 -43.11 -21.94
C LYS C 325 -8.44 -41.66 -21.68
N LEU C 326 -7.41 -40.90 -21.31
CA LEU C 326 -7.53 -39.50 -20.92
C LEU C 326 -7.39 -38.53 -22.09
N LYS C 327 -7.41 -39.00 -23.33
CA LYS C 327 -7.16 -38.09 -24.44
C LYS C 327 -8.16 -36.96 -24.46
N ASP C 328 -9.43 -37.27 -24.19
CA ASP C 328 -10.49 -36.24 -24.27
C ASP C 328 -10.34 -35.17 -23.19
N ALA C 329 -10.10 -35.62 -21.97
CA ALA C 329 -9.83 -34.73 -20.84
C ALA C 329 -8.57 -33.90 -21.09
N ARG C 330 -7.47 -34.57 -21.44
CA ARG C 330 -6.21 -33.89 -21.74
C ARG C 330 -6.39 -32.88 -22.87
N GLU C 331 -7.21 -33.18 -23.86
CA GLU C 331 -7.32 -32.28 -24.98
C GLU C 331 -7.99 -30.98 -24.59
N ILE C 332 -8.91 -31.07 -23.64
CA ILE C 332 -9.59 -29.87 -23.17
C ILE C 332 -8.60 -28.94 -22.45
N LEU C 333 -7.79 -29.49 -21.57
CA LEU C 333 -6.80 -28.70 -20.86
C LEU C 333 -5.81 -28.06 -21.80
N LYS C 334 -5.48 -28.74 -22.89
CA LYS C 334 -4.58 -28.15 -23.86
C LYS C 334 -5.20 -26.94 -24.54
N GLN C 335 -6.50 -26.97 -24.74
CA GLN C 335 -7.16 -25.82 -25.37
C GLN C 335 -7.07 -24.59 -24.47
N ILE C 336 -7.07 -24.85 -23.17
CA ILE C 336 -6.88 -23.81 -22.19
C ILE C 336 -5.50 -23.19 -22.36
N GLU C 337 -4.46 -24.02 -22.36
CA GLU C 337 -3.10 -23.55 -22.60
C GLU C 337 -2.90 -22.72 -23.85
N TYR C 338 -3.57 -23.09 -24.94
CA TYR C 338 -3.47 -22.35 -26.21
C TYR C 338 -4.44 -21.19 -26.25
N ARG C 339 -5.31 -21.15 -25.25
CA ARG C 339 -6.26 -20.08 -25.08
C ARG C 339 -7.34 -20.13 -26.15
N ASN C 340 -7.64 -21.33 -26.62
CA ASN C 340 -8.83 -21.54 -27.44
C ASN C 340 -9.92 -21.96 -26.49
N LEU C 341 -10.59 -20.95 -25.96
CA LEU C 341 -11.59 -21.18 -24.96
C LEU C 341 -12.95 -21.12 -25.60
N PHE C 342 -13.93 -21.73 -24.94
CA PHE C 342 -15.30 -21.52 -25.33
C PHE C 342 -15.53 -20.02 -25.34
N LYS C 343 -16.36 -19.53 -26.25
CA LYS C 343 -16.50 -18.08 -26.41
C LYS C 343 -17.76 -17.55 -25.75
N TYR C 344 -17.58 -16.49 -24.99
CA TYR C 344 -18.68 -15.79 -24.37
C TYR C 344 -19.53 -15.14 -25.45
N VAL C 345 -20.83 -15.35 -25.36
CA VAL C 345 -21.76 -14.77 -26.30
C VAL C 345 -22.41 -13.52 -25.72
N GLY C 346 -22.88 -13.60 -24.48
CA GLY C 346 -23.43 -12.43 -23.83
C GLY C 346 -24.09 -12.75 -22.52
N GLU C 347 -24.68 -11.75 -21.92
CA GLU C 347 -25.21 -11.83 -20.57
C GLU C 347 -26.53 -11.15 -20.60
N THR C 348 -27.48 -11.72 -19.85
CA THR C 348 -28.80 -11.13 -19.69
C THR C 348 -29.30 -11.49 -18.29
N GLN C 349 -30.42 -10.87 -17.88
CA GLN C 349 -31.12 -11.23 -16.64
C GLN C 349 -32.62 -11.51 -16.86
N PRO C 350 -33.20 -12.32 -15.98
CA PRO C 350 -34.64 -12.46 -15.95
C PRO C 350 -35.33 -11.15 -15.64
N THR C 351 -36.61 -11.06 -16.01
CA THR C 351 -37.39 -9.86 -15.80
C THR C 351 -38.41 -10.04 -14.69
N GLY C 352 -38.56 -8.97 -13.91
CA GLY C 352 -39.45 -8.92 -12.76
C GLY C 352 -39.28 -10.08 -11.80
N GLN C 353 -40.33 -10.88 -11.69
CA GLN C 353 -40.42 -11.97 -10.74
C GLN C 353 -39.68 -13.23 -11.18
N ILE C 354 -39.39 -13.35 -12.47
CA ILE C 354 -38.92 -14.63 -13.02
C ILE C 354 -37.70 -15.15 -12.24
N LYS C 355 -37.76 -16.38 -11.76
CA LYS C 355 -36.64 -17.00 -11.09
C LYS C 355 -36.43 -18.40 -11.63
N ILE C 356 -35.17 -18.80 -11.72
CA ILE C 356 -34.74 -20.03 -12.40
C ILE C 356 -34.11 -20.97 -11.39
N LYS C 357 -34.61 -22.20 -11.32
CA LYS C 357 -34.06 -23.16 -10.38
C LYS C 357 -33.06 -24.11 -11.02
N ARG C 358 -32.29 -24.80 -10.18
CA ARG C 358 -31.22 -25.68 -10.59
C ARG C 358 -31.67 -26.78 -11.53
N GLU C 359 -32.84 -27.32 -11.26
CA GLU C 359 -33.41 -28.36 -12.13
C GLU C 359 -33.61 -27.92 -13.58
N ASP C 360 -33.87 -26.63 -13.80
CA ASP C 360 -34.04 -26.14 -15.16
C ASP C 360 -32.71 -25.94 -15.90
N TYR C 361 -31.58 -25.93 -15.18
CA TYR C 361 -30.30 -25.55 -15.81
C TYR C 361 -29.97 -26.38 -17.03
N GLU C 362 -30.14 -27.70 -16.92
CA GLU C 362 -29.78 -28.59 -18.03
C GLU C 362 -30.57 -28.32 -19.31
N SER C 363 -31.76 -27.75 -19.20
CA SER C 363 -32.63 -27.55 -20.36
C SER C 363 -32.41 -26.23 -21.10
N LEU C 364 -31.56 -25.37 -20.57
CA LEU C 364 -31.38 -24.04 -21.15
C LEU C 364 -30.60 -24.01 -22.46
N PRO C 365 -29.53 -24.80 -22.56
CA PRO C 365 -28.85 -24.82 -23.87
C PRO C 365 -29.84 -25.19 -24.99
N LYS C 366 -30.79 -26.05 -24.64
CA LYS C 366 -31.79 -26.57 -25.56
C LYS C 366 -32.71 -25.42 -25.99
N GLU C 367 -33.13 -24.59 -25.04
CA GLU C 367 -33.97 -23.46 -25.37
C GLU C 367 -33.29 -22.48 -26.33
N VAL C 368 -31.99 -22.27 -26.15
CA VAL C 368 -31.28 -21.25 -26.93
C VAL C 368 -31.14 -21.72 -28.36
N ALA C 369 -30.84 -23.01 -28.50
CA ALA C 369 -30.81 -23.66 -29.80
C ALA C 369 -32.19 -23.67 -30.50
N SER C 370 -33.26 -23.64 -29.70
CA SER C 370 -34.65 -23.66 -30.25
C SER C 370 -35.12 -22.30 -30.72
N ALA C 371 -34.44 -21.25 -30.30
CA ALA C 371 -34.76 -19.92 -30.82
C ALA C 371 -34.62 -19.93 -32.37
N LYS C 372 -35.49 -19.18 -33.03
CA LYS C 372 -35.48 -19.12 -34.47
C LYS C 372 -35.38 -17.68 -34.96
N PRO C 373 -34.15 -17.17 -35.03
CA PRO C 373 -33.97 -15.78 -35.41
C PRO C 373 -34.13 -15.59 -36.91
N LYS C 374 -34.77 -14.49 -37.28
CA LYS C 374 -35.04 -14.20 -38.69
C LYS C 374 -33.81 -13.54 -39.27
N VAL C 375 -32.79 -14.33 -39.54
CA VAL C 375 -31.52 -13.82 -40.05
C VAL C 375 -30.88 -14.89 -40.92
N LEU C 376 -29.99 -14.46 -41.82
CA LEU C 376 -29.20 -15.35 -42.66
C LEU C 376 -28.14 -16.13 -41.86
N LEU C 377 -28.25 -17.47 -41.87
CA LEU C 377 -27.30 -18.33 -41.14
C LEU C 377 -26.53 -19.32 -42.01
N ASP C 378 -25.21 -19.21 -41.96
CA ASP C 378 -24.30 -20.16 -42.62
C ASP C 378 -24.38 -21.49 -41.88
N VAL C 379 -24.12 -21.46 -40.57
CA VAL C 379 -24.20 -22.67 -39.73
C VAL C 379 -25.43 -22.65 -38.83
N LYS C 380 -25.87 -23.85 -38.49
CA LYS C 380 -27.01 -24.05 -37.62
C LYS C 380 -26.40 -24.66 -36.36
N LEU C 381 -26.82 -24.19 -35.19
CA LEU C 381 -26.17 -24.60 -33.94
C LEU C 381 -27.07 -25.49 -33.09
N LYS C 382 -26.42 -26.36 -32.33
CA LYS C 382 -27.10 -27.42 -31.59
C LYS C 382 -26.99 -27.17 -30.08
N ALA C 383 -27.85 -27.80 -29.29
CA ALA C 383 -27.85 -27.60 -27.85
C ALA C 383 -26.47 -27.88 -27.21
N GLU C 384 -25.82 -28.95 -27.65
CA GLU C 384 -24.48 -29.29 -27.14
C GLU C 384 -23.41 -28.23 -27.45
N ASP C 385 -23.67 -27.35 -28.42
CA ASP C 385 -22.75 -26.25 -28.75
C ASP C 385 -22.85 -25.05 -27.76
N PHE C 386 -23.88 -25.05 -26.92
CA PHE C 386 -24.12 -23.94 -26.01
C PHE C 386 -23.84 -24.33 -24.58
N ILE C 387 -23.18 -23.43 -23.88
CA ILE C 387 -23.11 -23.49 -22.44
C ILE C 387 -23.84 -22.31 -21.88
N VAL C 388 -24.61 -22.55 -20.82
CA VAL C 388 -25.40 -21.50 -20.18
C VAL C 388 -25.17 -21.52 -18.68
N ASP C 389 -24.50 -20.48 -18.17
CA ASP C 389 -24.14 -20.39 -16.76
C ASP C 389 -25.13 -19.47 -16.07
N VAL C 390 -25.74 -19.93 -15.00
CA VAL C 390 -26.68 -19.12 -14.27
C VAL C 390 -26.05 -18.78 -12.95
N ILE C 391 -26.04 -17.51 -12.60
CA ILE C 391 -25.32 -17.08 -11.44
C ILE C 391 -26.23 -16.33 -10.52
N ASN C 392 -26.30 -16.79 -9.27
CA ASN C 392 -27.12 -16.16 -8.25
C ASN C 392 -26.35 -15.15 -7.42
N MET C 393 -26.60 -13.87 -7.64
CA MET C 393 -25.93 -12.82 -6.89
C MET C 393 -26.83 -12.33 -5.79
N ASP C 394 -26.34 -12.36 -4.55
CA ASP C 394 -27.13 -11.84 -3.44
C ASP C 394 -26.27 -11.24 -2.36
N TYR C 395 -26.91 -10.82 -1.27
CA TYR C 395 -26.20 -10.38 -0.09
C TYR C 395 -26.01 -11.51 0.92
N GLY C 396 -25.92 -12.73 0.43
CA GLY C 396 -25.60 -13.85 1.28
C GLY C 396 -26.82 -14.57 1.87
N MET C 397 -28.01 -14.03 1.66
CA MET C 397 -29.19 -14.57 2.28
C MET C 397 -30.36 -14.60 1.32
N GLN C 398 -30.08 -15.02 0.08
CA GLN C 398 -31.05 -14.95 -1.01
C GLN C 398 -31.73 -13.58 -1.00
N GLU C 399 -33.06 -13.55 -0.94
CA GLU C 399 -33.85 -12.33 -1.02
C GLU C 399 -33.76 -11.47 0.23
N LYS C 400 -33.29 -12.05 1.32
CA LYS C 400 -33.20 -11.34 2.60
C LYS C 400 -32.01 -10.32 2.71
N ASN C 401 -32.30 -9.25 3.44
CA ASN C 401 -31.34 -8.23 3.80
C ASN C 401 -30.66 -8.58 5.11
N PRO C 402 -29.34 -8.86 5.08
CA PRO C 402 -28.71 -9.41 6.27
C PRO C 402 -28.62 -8.40 7.40
N ILE C 403 -28.76 -7.13 7.08
CA ILE C 403 -28.61 -6.12 8.10
C ILE C 403 -29.84 -6.11 9.00
N ASP C 404 -30.96 -6.57 8.47
CA ASP C 404 -32.15 -6.82 9.28
C ASP C 404 -31.87 -7.88 10.32
N HIS C 405 -30.81 -8.67 10.18
CA HIS C 405 -30.47 -9.71 11.15
C HIS C 405 -29.23 -9.36 11.96
N VAL C 406 -29.03 -8.08 12.18
CA VAL C 406 -27.89 -7.58 12.93
C VAL C 406 -28.38 -6.73 14.07
N SER C 407 -27.69 -6.86 15.19
CA SER C 407 -28.00 -6.15 16.38
C SER C 407 -26.97 -5.07 16.63
N PHE C 408 -27.45 -3.90 17.02
CA PHE C 408 -26.62 -2.72 17.24
C PHE C 408 -26.77 -2.16 18.63
N TYR C 409 -25.74 -1.44 19.09
CA TYR C 409 -25.79 -0.76 20.36
C TYR C 409 -25.40 0.71 20.23
N CYS C 410 -26.11 1.58 20.93
CA CYS C 410 -25.80 3.02 20.91
C CYS C 410 -24.79 3.40 21.97
N LYS C 411 -24.12 4.53 21.78
CA LYS C 411 -23.09 4.96 22.72
C LYS C 411 -23.69 5.35 24.08
N THR C 412 -24.88 5.93 24.07
CA THR C 412 -25.51 6.34 25.31
C THR C 412 -26.07 5.16 26.15
N ALA C 413 -26.36 4.00 25.53
CA ALA C 413 -26.76 2.77 26.28
C ALA C 413 -26.11 1.49 25.71
N PRO C 414 -24.82 1.29 26.03
CA PRO C 414 -23.98 0.28 25.38
C PRO C 414 -24.40 -1.13 25.63
N ASN C 415 -25.18 -1.38 26.66
CA ASN C 415 -25.64 -2.75 26.94
C ASN C 415 -27.00 -3.07 26.35
N ARG C 416 -27.62 -2.06 25.73
CA ARG C 416 -28.93 -2.23 25.17
C ARG C 416 -28.91 -2.41 23.67
N ALA C 417 -29.24 -3.63 23.24
CA ALA C 417 -29.23 -3.98 21.84
C ALA C 417 -30.42 -3.35 21.15
N ILE C 418 -30.27 -3.00 19.88
CA ILE C 418 -31.37 -2.47 19.06
C ILE C 418 -31.28 -2.97 17.63
N ARG C 419 -32.33 -2.68 16.86
CA ARG C 419 -32.43 -3.06 15.44
C ARG C 419 -32.51 -1.79 14.60
N ILE C 420 -32.00 -1.85 13.38
CA ILE C 420 -32.02 -0.69 12.49
C ILE C 420 -32.55 -1.11 11.14
N THR C 421 -33.52 -0.38 10.60
CA THR C 421 -34.14 -0.75 9.35
C THR C 421 -33.46 0.01 8.25
N LYS C 422 -33.70 -0.44 7.02
CA LYS C 422 -33.05 0.12 5.85
C LYS C 422 -33.35 1.61 5.73
N ASN C 423 -34.59 1.98 6.03
CA ASN C 423 -35.02 3.36 5.83
C ASN C 423 -34.38 4.26 6.86
N GLN C 424 -33.98 3.70 8.00
CA GLN C 424 -33.21 4.47 8.96
C GLN C 424 -31.78 4.76 8.51
N VAL C 425 -31.33 4.15 7.41
CA VAL C 425 -29.98 4.37 6.96
C VAL C 425 -29.89 5.23 5.72
N SER C 426 -30.58 4.83 4.66
CA SER C 426 -30.44 5.54 3.41
C SER C 426 -31.46 5.10 2.38
N GLN C 427 -31.80 6.04 1.51
CA GLN C 427 -32.65 5.78 0.36
C GLN C 427 -31.81 5.36 -0.83
N LEU C 428 -30.50 5.52 -0.74
CA LEU C 428 -29.60 5.13 -1.81
C LEU C 428 -29.20 3.66 -1.75
N LEU C 429 -29.82 2.90 -0.86
CA LEU C 429 -29.52 1.49 -0.80
C LEU C 429 -30.35 0.74 -1.84
N PRO C 430 -29.94 -0.50 -2.15
CA PRO C 430 -30.71 -1.34 -3.06
C PRO C 430 -32.11 -1.66 -2.53
N GLU C 431 -33.09 -1.81 -3.41
CA GLU C 431 -34.44 -2.25 -2.98
C GLU C 431 -34.52 -3.77 -2.99
N LYS C 432 -33.68 -4.43 -3.79
CA LYS C 432 -33.60 -5.89 -3.81
C LYS C 432 -32.21 -6.35 -3.40
N PHE C 433 -32.13 -7.56 -2.87
CA PHE C 433 -30.89 -8.14 -2.39
C PHE C 433 -30.51 -9.44 -3.04
N ALA C 434 -31.16 -9.77 -4.16
CA ALA C 434 -30.85 -10.98 -4.92
C ALA C 434 -31.18 -10.80 -6.37
N GLU C 435 -30.43 -11.48 -7.24
CA GLU C 435 -30.67 -11.42 -8.67
C GLU C 435 -29.94 -12.53 -9.36
N GLN C 436 -30.26 -12.71 -10.63
CA GLN C 436 -29.69 -13.77 -11.41
C GLN C 436 -29.13 -13.20 -12.67
N LEU C 437 -27.98 -13.72 -13.03
CA LEU C 437 -27.30 -13.39 -14.27
C LEU C 437 -27.24 -14.64 -15.08
N ILE C 438 -27.43 -14.49 -16.38
CA ILE C 438 -27.33 -15.61 -17.27
C ILE C 438 -26.27 -15.28 -18.29
N ARG C 439 -25.28 -16.15 -18.38
CA ARG C 439 -24.25 -16.01 -19.39
C ARG C 439 -24.41 -17.14 -20.33
N VAL C 440 -24.16 -16.85 -21.60
CA VAL C 440 -24.19 -17.85 -22.61
C VAL C 440 -22.85 -17.86 -23.30
N TYR C 441 -22.36 -19.06 -23.55
CA TYR C 441 -21.12 -19.27 -24.26
C TYR C 441 -21.37 -20.28 -25.36
N CYS C 442 -20.56 -20.19 -26.41
CA CYS C 442 -20.55 -21.15 -27.49
C CYS C 442 -19.27 -21.99 -27.55
N LYS C 443 -19.43 -23.29 -27.71
CA LYS C 443 -18.29 -24.16 -27.88
C LYS C 443 -17.69 -24.14 -29.29
N LYS C 444 -18.40 -23.57 -30.26
CA LYS C 444 -17.87 -23.48 -31.62
C LYS C 444 -17.29 -22.09 -31.75
N VAL C 445 -16.00 -22.01 -32.00
CA VAL C 445 -15.28 -20.74 -31.84
C VAL C 445 -15.16 -19.88 -33.11
N ASP C 446 -15.32 -20.45 -34.30
CA ASP C 446 -15.08 -19.68 -35.54
C ASP C 446 -16.04 -18.50 -35.71
N ARG C 447 -15.63 -17.55 -36.57
CA ARG C 447 -16.38 -16.31 -36.83
C ARG C 447 -17.85 -16.54 -37.06
N LYS C 448 -18.15 -17.52 -37.89
CA LYS C 448 -19.52 -17.70 -38.35
C LYS C 448 -20.36 -18.39 -37.31
N SER C 449 -19.79 -19.33 -36.57
CA SER C 449 -20.52 -19.97 -35.48
C SER C 449 -20.85 -18.96 -34.40
N LEU C 450 -19.86 -18.12 -34.13
CA LEU C 450 -20.00 -17.08 -33.13
C LEU C 450 -21.04 -16.05 -33.55
N TYR C 451 -20.97 -15.62 -34.80
CA TYR C 451 -21.97 -14.71 -35.34
C TYR C 451 -23.37 -15.27 -35.17
N ALA C 452 -23.54 -16.56 -35.48
CA ALA C 452 -24.82 -17.25 -35.35
C ALA C 452 -25.29 -17.32 -33.92
N ALA C 453 -24.39 -17.76 -33.05
CA ALA C 453 -24.66 -17.87 -31.61
C ALA C 453 -25.23 -16.58 -31.02
N ARG C 454 -24.75 -15.45 -31.49
CA ARG C 454 -25.27 -14.18 -31.02
C ARG C 454 -26.72 -13.97 -31.37
N GLN C 455 -27.11 -14.47 -32.54
CA GLN C 455 -28.46 -14.31 -33.03
C GLN C 455 -29.39 -15.17 -32.21
N TYR C 456 -29.02 -16.43 -32.02
CA TYR C 456 -29.79 -17.30 -31.14
C TYR C 456 -29.99 -16.68 -29.78
N PHE C 457 -28.89 -16.23 -29.19
CA PHE C 457 -28.87 -15.73 -27.84
C PHE C 457 -29.81 -14.57 -27.71
N VAL C 458 -29.62 -13.59 -28.58
CA VAL C 458 -30.41 -12.36 -28.49
C VAL C 458 -31.86 -12.68 -28.76
N GLN C 459 -32.11 -13.57 -29.71
CA GLN C 459 -33.47 -13.97 -30.03
C GLN C 459 -34.09 -14.62 -28.81
N TRP C 460 -33.33 -15.52 -28.19
CA TRP C 460 -33.80 -16.22 -27.01
C TRP C 460 -34.17 -15.25 -25.88
N CYS C 461 -33.36 -14.20 -25.71
CA CYS C 461 -33.65 -13.16 -24.71
C CYS C 461 -34.97 -12.50 -24.99
N ALA C 462 -35.16 -12.11 -26.24
CA ALA C 462 -36.42 -11.54 -26.68
C ALA C 462 -37.60 -12.52 -26.45
N ASP C 463 -37.41 -13.79 -26.78
CA ASP C 463 -38.48 -14.79 -26.62
C ASP C 463 -38.90 -14.92 -25.17
N ARG C 464 -37.93 -14.91 -24.28
CA ARG C 464 -38.20 -15.16 -22.87
C ARG C 464 -38.50 -13.90 -22.10
N ASN C 465 -38.51 -12.77 -22.80
CA ASN C 465 -38.67 -11.45 -22.20
C ASN C 465 -37.63 -11.17 -21.09
N PHE C 466 -36.38 -11.50 -21.40
CA PHE C 466 -35.23 -11.14 -20.58
C PHE C 466 -34.74 -9.75 -20.93
N THR C 467 -33.80 -9.25 -20.14
CA THR C 467 -33.25 -7.90 -20.34
C THR C 467 -32.36 -7.87 -21.58
N LYS C 468 -32.32 -6.72 -22.23
CA LYS C 468 -31.57 -6.57 -23.46
C LYS C 468 -30.10 -6.61 -23.16
N PRO C 469 -29.37 -7.55 -23.76
CA PRO C 469 -27.92 -7.54 -23.59
C PRO C 469 -27.34 -6.20 -23.95
N GLN C 470 -26.31 -5.79 -23.23
CA GLN C 470 -25.77 -4.44 -23.36
C GLN C 470 -25.38 -4.13 -24.80
N ASP C 471 -24.74 -5.07 -25.44
CA ASP C 471 -24.28 -4.89 -26.81
C ASP C 471 -25.25 -5.47 -27.86
N GLY C 472 -26.50 -5.72 -27.46
CA GLY C 472 -27.50 -6.30 -28.36
C GLY C 472 -27.59 -5.65 -29.73
N ASP C 473 -27.66 -4.32 -29.76
CA ASP C 473 -27.78 -3.60 -31.01
C ASP C 473 -26.59 -3.75 -31.93
N VAL C 474 -25.41 -3.99 -31.37
CA VAL C 474 -24.22 -4.16 -32.18
C VAL C 474 -24.06 -5.58 -32.69
N ILE C 475 -24.33 -6.57 -31.84
CA ILE C 475 -24.12 -7.95 -32.24
C ILE C 475 -25.28 -8.53 -33.03
N ALA C 476 -26.50 -8.05 -32.77
CA ALA C 476 -27.69 -8.52 -33.47
C ALA C 476 -28.58 -7.32 -33.82
N PRO C 477 -28.12 -6.45 -34.72
CA PRO C 477 -28.91 -5.29 -35.13
C PRO C 477 -30.23 -5.67 -35.81
N LEU C 478 -30.31 -6.85 -36.41
CA LEU C 478 -31.54 -7.28 -37.07
C LEU C 478 -32.56 -7.88 -36.10
N ILE C 479 -32.13 -8.24 -34.90
CA ILE C 479 -33.01 -8.93 -33.94
C ILE C 479 -33.64 -7.96 -32.92
N THR C 480 -32.85 -6.99 -32.47
CA THR C 480 -33.27 -6.07 -31.41
C THR C 480 -34.47 -5.18 -31.76
N PRO C 481 -34.67 -4.85 -33.05
CA PRO C 481 -35.79 -3.97 -33.37
C PRO C 481 -37.16 -4.60 -33.10
N GLN C 482 -37.26 -5.93 -33.20
CA GLN C 482 -38.56 -6.60 -33.04
C GLN C 482 -39.16 -6.35 -31.64
N LYS C 483 -38.30 -6.21 -30.63
CA LYS C 483 -38.77 -5.95 -29.27
C LYS C 483 -38.96 -4.45 -29.04
N LYS C 484 -40.21 -4.06 -28.81
CA LYS C 484 -40.59 -2.65 -28.60
C LYS C 484 -39.80 -2.06 -27.42
N GLU C 485 -39.89 -2.71 -26.28
CA GLU C 485 -39.27 -2.27 -25.02
C GLU C 485 -37.78 -1.96 -25.14
N TRP C 486 -37.10 -2.75 -25.95
CA TRP C 486 -35.71 -2.58 -26.14
C TRP C 486 -35.41 -1.30 -26.91
N ASN C 487 -36.33 -0.83 -27.75
CA ASN C 487 -36.08 0.40 -28.51
C ASN C 487 -36.06 0.16 -30.00
N THR D 2 -14.95 8.25 28.61
CA THR D 2 -13.99 7.11 28.48
C THR D 2 -13.26 7.11 27.11
N MET D 3 -12.68 5.99 26.72
CA MET D 3 -11.59 5.95 25.74
C MET D 3 -12.00 6.32 24.30
N LYS D 4 -11.11 6.98 23.56
CA LYS D 4 -11.37 7.34 22.14
C LYS D 4 -10.54 6.56 21.12
N VAL D 5 -11.11 6.45 19.93
CA VAL D 5 -10.44 5.80 18.82
C VAL D 5 -10.09 6.82 17.75
N ILE D 6 -8.83 6.83 17.31
CA ILE D 6 -8.44 7.69 16.21
C ILE D 6 -7.94 6.91 15.03
N ASN D 7 -8.48 7.21 13.85
CA ASN D 7 -8.03 6.54 12.63
C ASN D 7 -6.82 7.22 12.02
N ASP D 8 -5.72 6.48 12.03
CA ASP D 8 -4.47 6.93 11.50
C ASP D 8 -4.12 6.10 10.28
N PRO D 9 -3.67 6.74 9.23
CA PRO D 9 -3.35 6.01 7.97
C PRO D 9 -2.17 5.05 8.15
N ILE D 10 -1.32 5.26 9.13
CA ILE D 10 -0.16 4.43 9.24
C ILE D 10 -0.46 3.25 10.13
N HIS D 11 -1.17 3.46 11.22
CA HIS D 11 -1.34 2.42 12.23
C HIS D 11 -2.79 1.88 12.28
N GLY D 12 -3.73 2.50 11.56
CA GLY D 12 -5.12 2.15 11.65
C GLY D 12 -5.74 2.79 12.87
N HIS D 13 -6.60 2.07 13.56
CA HIS D 13 -7.37 2.59 14.64
C HIS D 13 -6.58 2.45 15.89
N ILE D 14 -6.29 3.59 16.47
CA ILE D 14 -5.59 3.68 17.71
C ILE D 14 -6.59 3.99 18.81
N GLU D 15 -6.51 3.24 19.91
CA GLU D 15 -7.33 3.51 21.10
C GLU D 15 -6.59 4.46 22.03
N LEU D 16 -7.28 5.48 22.53
CA LEU D 16 -6.65 6.46 23.43
C LEU D 16 -7.33 6.52 24.79
N HIS D 17 -6.54 6.34 25.83
CA HIS D 17 -7.03 6.36 27.18
C HIS D 17 -7.45 7.80 27.52
N PRO D 18 -8.57 7.97 28.25
CA PRO D 18 -9.10 9.31 28.56
C PRO D 18 -8.07 10.30 29.06
N LEU D 19 -7.13 9.83 29.86
CA LEU D 19 -6.09 10.72 30.35
C LEU D 19 -5.31 11.32 29.20
N LEU D 20 -4.98 10.48 28.22
CA LEU D 20 -4.20 10.93 27.06
C LEU D 20 -5.00 11.90 26.21
N VAL D 21 -6.29 11.61 26.07
CA VAL D 21 -7.19 12.55 25.41
C VAL D 21 -7.14 13.92 26.04
N ARG D 22 -7.20 13.93 27.36
CA ARG D 22 -7.17 15.19 28.08
C ARG D 22 -5.90 15.94 27.83
N ILE D 23 -4.77 15.25 27.81
CA ILE D 23 -3.50 15.88 27.50
C ILE D 23 -3.46 16.41 26.06
N ILE D 24 -4.07 15.67 25.16
CA ILE D 24 -4.08 16.02 23.75
C ILE D 24 -4.92 17.24 23.47
N ASP D 25 -6.05 17.34 24.15
CA ASP D 25 -6.99 18.40 23.91
C ASP D 25 -6.66 19.63 24.73
N THR D 26 -5.44 20.14 24.51
CA THR D 26 -4.95 21.35 25.12
C THR D 26 -4.30 22.19 24.03
N PRO D 27 -4.19 23.49 24.25
CA PRO D 27 -3.57 24.34 23.27
C PRO D 27 -2.11 24.01 23.03
N GLN D 28 -1.43 23.52 24.05
CA GLN D 28 -0.02 23.23 23.96
C GLN D 28 0.22 22.05 23.03
N PHE D 29 -0.69 21.08 23.08
CA PHE D 29 -0.53 19.93 22.24
C PHE D 29 -1.07 20.20 20.85
N GLN D 30 -2.22 20.85 20.77
CA GLN D 30 -2.87 21.04 19.49
C GLN D 30 -2.04 21.93 18.62
N ARG D 31 -1.16 22.67 19.26
CA ARG D 31 -0.19 23.50 18.59
C ARG D 31 0.59 22.74 17.53
N LEU D 32 0.86 21.48 17.82
CA LEU D 32 1.61 20.65 16.92
C LEU D 32 0.90 20.39 15.59
N ARG D 33 -0.38 20.71 15.50
CA ARG D 33 -1.05 20.69 14.24
C ARG D 33 -0.54 21.69 13.23
N TYR D 34 0.21 22.68 13.68
CA TYR D 34 0.60 23.78 12.82
C TYR D 34 2.09 23.82 12.68
N ILE D 35 2.69 22.65 12.73
CA ILE D 35 4.14 22.55 12.59
C ILE D 35 4.47 21.36 11.72
N LYS D 36 4.95 21.63 10.51
CA LYS D 36 5.29 20.57 9.55
C LYS D 36 6.41 19.71 10.06
N GLN D 37 6.18 18.43 10.03
CA GLN D 37 7.20 17.48 10.40
C GLN D 37 8.50 17.76 9.68
N LEU D 38 8.41 18.00 8.38
CA LEU D 38 9.59 18.06 7.55
C LEU D 38 9.99 19.48 7.13
N GLY D 39 9.34 20.50 7.69
CA GLY D 39 9.72 21.88 7.47
C GLY D 39 9.69 22.23 5.99
N GLY D 40 10.83 22.70 5.48
CA GLY D 40 10.96 23.06 4.06
C GLY D 40 10.82 21.91 3.05
N GLY D 41 10.82 20.66 3.52
CA GLY D 41 10.68 19.52 2.65
C GLY D 41 9.36 19.47 1.93
N TYR D 42 8.33 20.04 2.52
CA TYR D 42 7.06 20.18 1.84
C TYR D 42 7.19 20.88 0.50
N TYR D 43 8.12 21.82 0.40
CA TYR D 43 8.31 22.63 -0.80
C TYR D 43 9.05 21.87 -1.87
N VAL D 44 9.60 20.72 -1.51
CA VAL D 44 10.16 19.77 -2.48
C VAL D 44 9.29 18.49 -2.70
N PHE D 45 8.74 17.99 -1.60
CA PHE D 45 7.91 16.80 -1.61
C PHE D 45 6.50 17.22 -1.20
N PRO D 46 5.62 17.46 -2.17
CA PRO D 46 4.31 17.96 -1.86
C PRO D 46 3.39 16.98 -1.14
N GLY D 47 3.77 15.69 -1.10
CA GLY D 47 3.12 14.77 -0.22
C GLY D 47 3.31 15.05 1.27
N ALA D 48 4.43 15.69 1.61
CA ALA D 48 4.86 15.91 3.00
C ALA D 48 4.19 17.08 3.69
N SER D 49 2.86 17.00 3.77
CA SER D 49 2.02 18.00 4.37
C SER D 49 1.85 17.71 5.84
N HIS D 50 2.35 16.57 6.30
CA HIS D 50 2.10 16.16 7.66
C HIS D 50 2.82 16.99 8.73
N ASN D 51 2.11 17.12 9.87
CA ASN D 51 2.51 17.93 10.99
C ASN D 51 2.88 17.06 12.16
N ARG D 52 3.59 17.64 13.12
CA ARG D 52 4.11 16.91 14.26
C ARG D 52 3.01 16.26 15.07
N PHE D 53 1.81 16.80 15.00
CA PHE D 53 0.67 16.30 15.76
C PHE D 53 0.40 14.81 15.51
N GLU D 54 0.18 14.46 14.25
CA GLU D 54 -0.13 13.08 13.90
C GLU D 54 1.07 12.18 14.21
N HIS D 55 2.28 12.71 14.03
CA HIS D 55 3.46 11.92 14.35
C HIS D 55 3.44 11.60 15.82
N SER D 56 3.02 12.56 16.61
CA SER D 56 3.04 12.39 18.07
C SER D 56 2.05 11.35 18.53
N LEU D 57 0.87 11.32 17.95
CA LEU D 57 -0.07 10.25 18.23
C LEU D 57 0.56 8.93 17.90
N GLY D 58 1.23 8.85 16.76
CA GLY D 58 1.85 7.61 16.37
C GLY D 58 2.88 7.10 17.36
N VAL D 59 3.73 8.01 17.81
CA VAL D 59 4.77 7.65 18.74
C VAL D 59 4.11 7.19 20.05
N GLY D 60 3.07 7.90 20.46
CA GLY D 60 2.36 7.52 21.67
C GLY D 60 1.86 6.10 21.57
N TYR D 61 1.29 5.77 20.44
CA TYR D 61 0.66 4.48 20.26
C TYR D 61 1.68 3.40 20.23
N LEU D 62 2.77 3.61 19.50
CA LEU D 62 3.83 2.59 19.45
C LEU D 62 4.50 2.40 20.80
N ALA D 63 4.70 3.47 21.55
CA ALA D 63 5.25 3.33 22.92
C ALA D 63 4.38 2.39 23.71
N GLY D 64 3.08 2.61 23.61
CA GLY D 64 2.09 1.73 24.22
C GLY D 64 2.17 0.29 23.77
N CYS D 65 2.27 0.09 22.46
CA CYS D 65 2.37 -1.26 21.93
C CYS D 65 3.51 -2.04 22.51
N LEU D 66 4.67 -1.41 22.60
CA LEU D 66 5.88 -2.10 23.00
C LEU D 66 5.85 -2.43 24.50
N VAL D 67 5.49 -1.45 25.32
CA VAL D 67 5.39 -1.67 26.75
C VAL D 67 4.33 -2.74 27.06
N HIS D 68 3.17 -2.70 26.40
CA HIS D 68 2.19 -3.78 26.54
C HIS D 68 2.74 -5.14 26.15
N ALA D 69 3.50 -5.18 25.07
CA ALA D 69 4.02 -6.46 24.59
C ALA D 69 4.99 -7.09 25.58
N LEU D 70 5.78 -6.25 26.22
CA LEU D 70 6.74 -6.71 27.19
C LEU D 70 6.04 -7.26 28.43
N GLY D 71 5.00 -6.56 28.88
CA GLY D 71 4.19 -7.01 29.99
C GLY D 71 3.51 -8.33 29.72
N GLU D 72 2.99 -8.52 28.51
CA GLU D 72 2.34 -9.79 28.14
C GLU D 72 3.35 -10.92 28.14
N LYS D 73 4.51 -10.68 27.55
CA LYS D 73 5.52 -11.71 27.41
C LYS D 73 6.14 -12.07 28.77
N GLN D 74 6.33 -11.06 29.62
CA GLN D 74 6.99 -11.23 30.88
C GLN D 74 6.24 -10.51 32.00
N PRO D 75 5.29 -11.21 32.65
CA PRO D 75 4.61 -10.69 33.84
C PRO D 75 5.56 -10.40 35.01
N GLU D 76 6.64 -11.18 35.10
CA GLU D 76 7.63 -11.03 36.16
C GLU D 76 8.21 -9.63 36.24
N LEU D 77 8.12 -8.89 35.14
CA LEU D 77 8.53 -7.49 35.12
C LEU D 77 7.61 -6.59 35.94
N GLN D 78 6.37 -7.03 36.17
CA GLN D 78 5.43 -6.26 36.96
C GLN D 78 5.25 -4.86 36.42
N ILE D 79 4.98 -4.79 35.12
CA ILE D 79 4.68 -3.53 34.49
C ILE D 79 3.24 -3.18 34.86
N SER D 80 3.03 -1.98 35.37
CA SER D 80 1.71 -1.54 35.77
C SER D 80 1.09 -0.66 34.69
N GLU D 81 -0.24 -0.57 34.73
CA GLU D 81 -0.96 0.41 33.91
C GLU D 81 -0.36 1.80 34.11
N ARG D 82 0.05 2.10 35.32
CA ARG D 82 0.71 3.35 35.60
C ARG D 82 1.94 3.55 34.72
N ASP D 83 2.79 2.52 34.66
CA ASP D 83 3.98 2.54 33.81
C ASP D 83 3.59 2.73 32.34
N VAL D 84 2.57 2.01 31.90
CA VAL D 84 2.12 2.09 30.53
C VAL D 84 1.75 3.52 30.17
N LEU D 85 0.93 4.16 30.99
CA LEU D 85 0.46 5.48 30.67
C LEU D 85 1.59 6.47 30.68
N CYS D 86 2.54 6.28 31.57
CA CYS D 86 3.68 7.19 31.66
C CYS D 86 4.55 7.14 30.42
N VAL D 87 4.71 5.94 29.88
CA VAL D 87 5.48 5.78 28.67
C VAL D 87 4.72 6.38 27.48
N GLN D 88 3.42 6.14 27.41
CA GLN D 88 2.62 6.71 26.36
C GLN D 88 2.68 8.21 26.41
N ILE D 89 2.61 8.79 27.61
CA ILE D 89 2.60 10.23 27.71
C ILE D 89 3.92 10.79 27.21
N ALA D 90 5.01 10.16 27.60
CA ALA D 90 6.30 10.59 27.12
C ALA D 90 6.32 10.50 25.59
N GLY D 91 5.74 9.42 25.05
CA GLY D 91 5.68 9.23 23.60
C GLY D 91 4.94 10.35 22.90
N LEU D 92 3.73 10.64 23.37
CA LEU D 92 2.96 11.75 22.87
C LEU D 92 3.69 13.06 22.97
N CYS D 93 4.47 13.24 24.01
CA CYS D 93 4.96 14.55 24.35
C CYS D 93 6.39 14.87 23.98
N ARG D 94 7.15 13.93 23.42
CA ARG D 94 8.52 14.29 23.07
C ARG D 94 8.70 15.28 21.92
N ASN D 95 7.65 15.51 21.13
CA ASN D 95 7.71 16.51 20.09
C ASN D 95 7.10 17.85 20.46
N LEU D 96 6.64 17.97 21.71
CA LEU D 96 6.04 19.24 22.18
C LEU D 96 6.91 20.49 22.00
N GLY D 97 8.24 20.34 22.09
CA GLY D 97 9.14 21.47 22.04
C GLY D 97 9.58 21.95 20.67
N HIS D 98 9.10 21.30 19.60
CA HIS D 98 9.53 21.69 18.26
C HIS D 98 8.99 23.06 17.93
N GLY D 99 9.75 23.77 17.11
CA GLY D 99 9.36 25.13 16.72
C GLY D 99 9.04 25.14 15.26
N PRO D 100 8.74 26.33 14.71
CA PRO D 100 8.33 26.43 13.34
C PRO D 100 9.28 25.72 12.39
N PHE D 101 8.69 24.95 11.47
CA PHE D 101 9.41 24.13 10.52
C PHE D 101 10.34 23.13 11.18
N SER D 102 9.99 22.71 12.39
CA SER D 102 10.71 21.66 13.12
C SER D 102 12.21 21.94 13.23
N HIS D 103 13.04 21.13 12.59
CA HIS D 103 14.47 21.17 12.81
C HIS D 103 15.11 22.44 12.24
N MET D 104 14.38 23.14 11.38
CA MET D 104 14.87 24.44 10.94
C MET D 104 15.07 25.35 12.14
N PHE D 105 14.17 25.26 13.12
CA PHE D 105 14.14 26.20 14.20
C PHE D 105 15.32 26.02 15.16
N ASP D 106 15.48 24.82 15.69
CA ASP D 106 16.62 24.58 16.59
C ASP D 106 17.92 24.29 15.85
N GLY D 107 17.83 23.86 14.60
CA GLY D 107 19.02 23.50 13.84
C GLY D 107 19.65 24.70 13.16
N ARG D 108 18.84 25.67 12.72
CA ARG D 108 19.40 26.81 12.00
C ARG D 108 19.11 28.14 12.70
N PHE D 109 17.85 28.39 13.00
CA PHE D 109 17.46 29.74 13.39
C PHE D 109 17.98 30.19 14.76
N ILE D 110 17.76 29.39 15.78
CA ILE D 110 18.15 29.75 17.13
C ILE D 110 19.67 29.88 17.26
N PRO D 111 20.42 28.89 16.73
CA PRO D 111 21.85 29.01 16.73
C PRO D 111 22.35 30.35 16.22
N LEU D 112 21.72 30.86 15.16
CA LEU D 112 22.17 32.11 14.56
C LEU D 112 21.61 33.34 15.25
N ALA D 113 20.42 33.23 15.80
CA ALA D 113 19.74 34.39 16.36
C ALA D 113 20.02 34.60 17.85
N ARG D 114 20.32 33.52 18.56
CA ARG D 114 20.69 33.59 19.97
C ARG D 114 21.88 32.67 20.15
N PRO D 115 23.04 33.08 19.59
CA PRO D 115 24.21 32.19 19.61
C PRO D 115 24.67 31.79 21.01
N GLU D 116 24.51 32.69 21.97
CA GLU D 116 24.99 32.45 23.34
C GLU D 116 24.18 31.37 24.05
N VAL D 117 22.87 31.35 23.82
CA VAL D 117 22.04 30.35 24.46
C VAL D 117 22.25 28.96 23.84
N LYS D 118 22.11 27.93 24.66
CA LYS D 118 22.13 26.56 24.17
C LYS D 118 20.71 26.02 24.25
N TRP D 119 20.17 25.52 23.15
CA TRP D 119 18.73 25.13 23.13
C TRP D 119 18.45 23.98 22.20
N THR D 120 17.59 23.09 22.62
CA THR D 120 17.18 21.97 21.79
C THR D 120 15.68 21.78 21.97
N HIS D 121 15.04 21.16 20.97
CA HIS D 121 13.61 20.93 21.03
C HIS D 121 13.30 20.01 22.21
N GLU D 122 14.26 19.18 22.62
CA GLU D 122 14.05 18.30 23.76
C GLU D 122 13.88 19.11 25.05
N GLN D 123 14.78 20.08 25.26
CA GLN D 123 14.65 21.02 26.38
C GLN D 123 13.24 21.58 26.37
N GLY D 124 12.83 22.06 25.21
CA GLY D 124 11.54 22.71 25.06
C GLY D 124 10.36 21.79 25.26
N SER D 125 10.51 20.53 24.90
CA SER D 125 9.44 19.57 25.08
C SER D 125 9.15 19.48 26.57
N VAL D 126 10.20 19.44 27.36
CA VAL D 126 10.06 19.36 28.81
C VAL D 126 9.36 20.57 29.42
N MET D 127 9.81 21.75 29.02
CA MET D 127 9.23 22.96 29.53
C MET D 127 7.77 23.05 29.10
N MET D 128 7.50 22.72 27.85
CA MET D 128 6.15 22.82 27.31
C MET D 128 5.24 21.82 28.00
N PHE D 129 5.81 20.67 28.33
CA PHE D 129 5.07 19.67 29.07
C PHE D 129 4.68 20.16 30.47
N GLU D 130 5.67 20.69 31.21
CA GLU D 130 5.44 21.34 32.50
C GLU D 130 4.31 22.36 32.38
N HIS D 131 4.42 23.23 31.39
CA HIS D 131 3.44 24.26 31.16
C HIS D 131 2.08 23.66 30.86
N LEU D 132 2.06 22.60 30.08
CA LEU D 132 0.80 21.97 29.71
C LEU D 132 0.10 21.39 30.91
N ILE D 133 0.85 20.68 31.74
CA ILE D 133 0.29 20.10 32.98
C ILE D 133 -0.32 21.18 33.88
N ASN D 134 0.48 22.21 34.17
CA ASN D 134 0.06 23.25 35.09
C ASN D 134 -1.09 24.05 34.54
N SER D 135 -0.98 24.46 33.28
CA SER D 135 -2.02 25.30 32.68
C SER D 135 -3.36 24.63 32.50
N ASN D 136 -3.42 23.32 32.66
CA ASN D 136 -4.67 22.61 32.38
C ASN D 136 -5.18 21.69 33.49
N GLY D 137 -4.58 21.77 34.68
CA GLY D 137 -5.07 20.99 35.80
C GLY D 137 -5.09 19.53 35.47
N ILE D 138 -3.97 19.05 34.93
CA ILE D 138 -3.87 17.66 34.54
C ILE D 138 -3.54 16.80 35.75
N LYS D 139 -2.78 17.37 36.69
CA LYS D 139 -2.37 16.62 37.91
C LYS D 139 -3.52 15.88 38.61
N PRO D 140 -4.66 16.57 38.85
CA PRO D 140 -5.79 15.86 39.45
C PRO D 140 -6.22 14.64 38.64
N VAL D 141 -6.25 14.79 37.32
CA VAL D 141 -6.70 13.72 36.43
C VAL D 141 -5.71 12.54 36.45
N MET D 142 -4.42 12.85 36.49
CA MET D 142 -3.40 11.81 36.69
C MET D 142 -3.60 10.98 37.95
N GLU D 143 -3.89 11.67 39.05
CA GLU D 143 -4.14 10.99 40.33
C GLU D 143 -5.40 10.15 40.17
N GLN D 144 -6.45 10.71 39.56
CA GLN D 144 -7.69 9.97 39.32
C GLN D 144 -7.49 8.64 38.62
N TYR D 145 -6.46 8.54 37.78
CA TYR D 145 -6.19 7.28 37.08
C TYR D 145 -5.01 6.50 37.67
N GLY D 146 -4.59 6.85 38.89
CA GLY D 146 -3.60 6.06 39.60
C GLY D 146 -2.16 6.47 39.40
N LEU D 147 -1.92 7.67 38.88
CA LEU D 147 -0.55 8.15 38.73
C LEU D 147 -0.13 9.01 39.92
N ILE D 148 1.18 8.99 40.20
CA ILE D 148 1.79 9.74 41.29
C ILE D 148 2.65 10.88 40.72
N PRO D 149 2.05 12.05 40.51
CA PRO D 149 2.70 13.17 39.84
C PRO D 149 4.16 13.46 40.21
N GLU D 150 4.51 13.31 41.48
CA GLU D 150 5.84 13.68 41.90
C GLU D 150 6.82 12.79 41.15
N GLU D 151 6.62 11.49 41.26
CA GLU D 151 7.51 10.50 40.67
C GLU D 151 7.36 10.44 39.15
N ASP D 152 6.11 10.46 38.71
CA ASP D 152 5.78 10.16 37.34
C ASP D 152 6.13 11.29 36.39
N ILE D 153 5.88 12.52 36.81
CA ILE D 153 6.26 13.65 35.98
C ILE D 153 7.76 13.70 35.83
N CYS D 154 8.50 13.33 36.86
CA CYS D 154 9.94 13.22 36.74
C CYS D 154 10.32 12.16 35.70
N PHE D 155 9.70 11.00 35.85
CA PHE D 155 9.92 9.87 34.96
C PHE D 155 9.72 10.26 33.48
N ILE D 156 8.60 10.90 33.23
CA ILE D 156 8.21 11.29 31.90
C ILE D 156 9.23 12.24 31.32
N LYS D 157 9.70 13.18 32.13
CA LYS D 157 10.67 14.15 31.66
C LYS D 157 12.00 13.47 31.37
N GLU D 158 12.35 12.50 32.18
CA GLU D 158 13.61 11.82 32.00
C GLU D 158 13.58 10.98 30.72
N GLN D 159 12.43 10.38 30.44
CA GLN D 159 12.26 9.60 29.22
C GLN D 159 12.55 10.44 27.99
N ILE D 160 12.11 11.70 28.04
CA ILE D 160 12.30 12.62 26.95
C ILE D 160 13.71 13.18 26.86
N VAL D 161 14.25 13.62 27.97
CA VAL D 161 15.48 14.42 27.91
C VAL D 161 16.70 13.74 28.51
N GLY D 162 16.49 12.63 29.22
CA GLY D 162 17.55 11.99 29.99
C GLY D 162 17.53 12.48 31.43
N PRO D 163 18.60 12.19 32.18
CA PRO D 163 18.64 12.63 33.57
C PRO D 163 18.56 14.15 33.70
N LEU D 164 17.87 14.61 34.73
CA LEU D 164 17.73 16.05 34.96
C LEU D 164 18.95 16.66 35.65
N GLU D 165 19.80 15.82 36.24
CA GLU D 165 21.13 16.28 36.67
C GLU D 165 22.03 16.18 35.45
N LEU D 172 26.67 4.41 38.21
CA LEU D 172 25.73 5.30 38.89
C LEU D 172 24.40 5.05 38.18
N TRP D 173 23.30 4.98 38.93
CA TRP D 173 21.95 5.09 38.37
C TRP D 173 21.51 6.54 38.47
N PRO D 174 21.52 7.26 37.33
CA PRO D 174 21.20 8.67 37.34
C PRO D 174 19.71 9.02 37.26
N TYR D 175 18.83 8.03 37.17
CA TYR D 175 17.40 8.31 37.05
C TYR D 175 16.72 8.24 38.40
N LYS D 176 15.76 9.14 38.59
CA LYS D 176 14.99 9.22 39.83
C LYS D 176 13.57 8.66 39.64
N GLY D 177 12.97 8.91 38.49
CA GLY D 177 11.57 8.54 38.23
C GLY D 177 11.23 7.07 38.33
N ARG D 178 12.21 6.21 38.08
CA ARG D 178 12.05 4.77 38.21
C ARG D 178 13.40 4.12 38.49
N PRO D 179 13.38 2.99 39.22
CA PRO D 179 14.59 2.26 39.61
C PRO D 179 15.20 1.40 38.50
N GLU D 180 16.41 0.93 38.75
CA GLU D 180 17.18 0.09 37.81
C GLU D 180 16.43 -1.12 37.27
N ASN D 181 15.50 -1.65 38.06
CA ASN D 181 14.71 -2.82 37.66
C ASN D 181 13.68 -2.48 36.57
N LYS D 182 13.38 -1.21 36.41
CA LYS D 182 12.52 -0.76 35.33
C LYS D 182 13.35 0.09 34.33
N SER D 183 14.64 -0.21 34.25
CA SER D 183 15.57 0.50 33.35
C SER D 183 15.10 0.48 31.88
N PHE D 184 14.55 -0.66 31.49
CA PHE D 184 14.07 -0.86 30.14
C PHE D 184 13.00 0.13 29.69
N LEU D 185 12.22 0.71 30.60
CA LEU D 185 11.22 1.68 30.20
C LEU D 185 11.83 2.96 29.62
N TYR D 186 13.08 3.25 29.95
CA TYR D 186 13.76 4.43 29.42
C TYR D 186 14.21 4.24 28.00
N GLU D 187 14.33 2.98 27.59
CA GLU D 187 14.80 2.68 26.26
C GLU D 187 13.72 2.80 25.19
N ILE D 188 12.49 3.12 25.55
CA ILE D 188 11.35 3.00 24.61
C ILE D 188 11.09 4.25 23.77
N VAL D 189 10.93 5.40 24.44
CA VAL D 189 10.53 6.59 23.75
C VAL D 189 11.72 7.34 23.17
N SER D 190 12.83 7.39 23.90
CA SER D 190 13.97 8.13 23.41
C SER D 190 15.24 7.54 23.95
N ASN D 191 15.77 6.62 23.19
CA ASN D 191 16.83 5.74 23.63
C ASN D 191 18.17 6.42 23.51
N LYS D 192 18.71 6.88 24.64
CA LYS D 192 19.97 7.61 24.63
C LYS D 192 21.16 6.69 24.43
N ARG D 193 20.98 5.41 24.74
CA ARG D 193 22.04 4.45 24.62
C ARG D 193 22.38 4.13 23.16
N ASN D 194 21.38 3.93 22.31
CA ASN D 194 21.66 3.56 20.89
C ASN D 194 20.70 4.12 19.85
N GLY D 195 19.69 4.87 20.27
CA GLY D 195 18.82 5.54 19.34
C GLY D 195 17.72 4.66 18.77
N ILE D 196 17.61 3.44 19.23
CA ILE D 196 16.57 2.57 18.72
C ILE D 196 15.34 2.75 19.57
N ASP D 197 14.39 3.51 19.06
CA ASP D 197 13.18 3.83 19.79
C ASP D 197 11.97 3.94 18.88
N VAL D 198 10.80 4.04 19.47
CA VAL D 198 9.58 4.08 18.70
C VAL D 198 9.38 5.39 17.91
N ASP D 199 10.10 6.46 18.26
CA ASP D 199 10.00 7.71 17.54
C ASP D 199 10.41 7.49 16.09
N LYS D 200 11.55 6.84 15.92
CA LYS D 200 12.05 6.50 14.60
C LYS D 200 11.08 5.65 13.85
N TRP D 201 10.53 4.65 14.51
CA TRP D 201 9.67 3.75 13.83
C TRP D 201 8.47 4.45 13.29
N ASP D 202 7.92 5.40 14.03
CA ASP D 202 6.79 6.10 13.47
C ASP D 202 7.24 6.96 12.26
N TYR D 203 8.32 7.72 12.39
CA TYR D 203 8.61 8.67 11.34
C TYR D 203 9.04 7.96 10.08
N PHE D 204 9.73 6.82 10.19
CA PHE D 204 10.03 6.04 9.02
C PHE D 204 8.79 5.74 8.23
N ALA D 205 7.82 5.18 8.93
CA ALA D 205 6.61 4.76 8.26
C ALA D 205 5.80 5.95 7.77
N ARG D 206 5.73 6.99 8.57
CA ARG D 206 4.83 8.07 8.26
C ARG D 206 5.45 8.90 7.16
N ASP D 207 6.72 9.25 7.30
CA ASP D 207 7.43 10.01 6.28
C ASP D 207 7.42 9.24 4.94
N CYS D 208 7.68 7.94 4.94
CA CYS D 208 7.67 7.22 3.66
C CYS D 208 6.32 7.29 2.96
N HIS D 209 5.26 7.03 3.71
CA HIS D 209 3.89 7.16 3.22
C HIS D 209 3.59 8.50 2.58
N HIS D 210 4.17 9.57 3.14
CA HIS D 210 3.90 10.91 2.66
C HIS D 210 4.83 11.35 1.54
N LEU D 211 6.09 10.98 1.62
CA LEU D 211 7.06 11.40 0.64
C LEU D 211 6.88 10.63 -0.63
N GLY D 212 6.35 9.42 -0.52
CA GLY D 212 6.26 8.53 -1.67
C GLY D 212 7.56 7.79 -1.84
N ILE D 213 8.13 7.35 -0.75
CA ILE D 213 9.35 6.55 -0.72
C ILE D 213 8.95 5.30 0.03
N GLN D 214 9.71 4.21 -0.05
CA GLN D 214 9.34 3.05 0.74
C GLN D 214 10.29 2.62 1.87
N ASN D 215 9.67 2.34 3.01
CA ASN D 215 10.33 2.06 4.30
C ASN D 215 10.84 0.61 4.40
N ASN D 216 12.13 0.44 4.68
CA ASN D 216 12.76 -0.89 4.72
C ASN D 216 12.84 -1.51 6.14
N PHE D 217 12.15 -0.91 7.13
CA PHE D 217 12.18 -1.43 8.55
C PHE D 217 10.85 -1.83 9.22
N ASP D 218 10.76 -3.10 9.61
CA ASP D 218 9.58 -3.65 10.24
C ASP D 218 9.57 -3.58 11.78
N TYR D 219 8.97 -2.52 12.29
CA TYR D 219 8.94 -2.27 13.73
C TYR D 219 8.02 -3.24 14.46
N LYS D 220 6.93 -3.66 13.85
CA LYS D 220 6.06 -4.63 14.47
C LYS D 220 6.80 -5.91 14.70
N ARG D 221 7.59 -6.34 13.73
CA ARG D 221 8.40 -7.52 13.91
C ARG D 221 9.29 -7.36 15.12
N PHE D 222 9.95 -6.21 15.19
CA PHE D 222 10.91 -5.96 16.24
C PHE D 222 10.25 -6.03 17.61
N ILE D 223 9.06 -5.48 17.72
CA ILE D 223 8.31 -5.58 18.96
C ILE D 223 8.01 -7.02 19.33
N LYS D 224 7.63 -7.86 18.36
CA LYS D 224 7.36 -9.24 18.69
C LYS D 224 8.60 -9.97 19.22
N PHE D 225 9.79 -9.60 18.80
CA PHE D 225 10.98 -10.31 19.26
C PHE D 225 11.71 -9.63 20.41
N ALA D 226 11.13 -8.59 20.96
CA ALA D 226 11.82 -7.87 22.02
C ALA D 226 11.60 -8.56 23.37
N ARG D 227 12.69 -8.74 24.12
CA ARG D 227 12.62 -9.22 25.50
C ARG D 227 13.46 -8.34 26.38
N VAL D 228 13.20 -8.43 27.68
CA VAL D 228 14.02 -7.74 28.68
C VAL D 228 14.94 -8.75 29.31
N CYS D 229 16.21 -8.41 29.47
CA CYS D 229 17.21 -9.27 30.10
C CYS D 229 18.06 -8.46 31.04
N GLU D 230 18.77 -9.14 31.94
CA GLU D 230 19.70 -8.45 32.79
C GLU D 230 20.98 -8.19 32.01
N VAL D 231 21.48 -6.97 32.09
CA VAL D 231 22.78 -6.60 31.55
C VAL D 231 23.39 -5.64 32.54
N ASP D 232 24.54 -6.01 33.11
CA ASP D 232 25.25 -5.18 34.08
C ASP D 232 24.34 -4.67 35.19
N ASN D 233 23.59 -5.57 35.82
CA ASN D 233 22.65 -5.20 36.89
C ASN D 233 21.58 -4.18 36.48
N GLU D 234 21.40 -4.00 35.17
CA GLU D 234 20.25 -3.28 34.66
C GLU D 234 19.38 -4.29 33.97
N LEU D 235 18.08 -4.01 33.94
CA LEU D 235 17.18 -4.74 33.04
C LEU D 235 16.96 -3.93 31.76
N ARG D 236 17.51 -4.44 30.66
CA ARG D 236 17.44 -3.76 29.38
C ARG D 236 16.62 -4.53 28.35
N ILE D 237 16.09 -3.80 27.38
CA ILE D 237 15.44 -4.40 26.23
C ILE D 237 16.49 -5.03 25.37
N CYS D 238 16.24 -6.29 25.01
CA CYS D 238 17.14 -7.05 24.16
C CYS D 238 16.40 -7.53 22.94
N ALA D 239 17.14 -7.63 21.86
CA ALA D 239 16.59 -8.04 20.60
C ALA D 239 17.11 -9.41 20.29
N ARG D 240 16.28 -10.20 19.64
CA ARG D 240 16.72 -11.50 19.22
C ARG D 240 17.97 -11.39 18.32
N ASP D 241 18.96 -12.25 18.54
CA ASP D 241 20.22 -12.17 17.83
C ASP D 241 20.07 -12.02 16.30
N LYS D 242 19.27 -12.86 15.69
CA LYS D 242 19.24 -12.91 14.25
C LYS D 242 18.63 -11.65 13.63
N GLU D 243 18.00 -10.82 14.44
CA GLU D 243 17.42 -9.59 13.98
C GLU D 243 18.45 -8.50 13.86
N VAL D 244 19.71 -8.84 14.06
CA VAL D 244 20.78 -7.85 14.03
C VAL D 244 20.92 -7.18 12.66
N GLY D 245 20.78 -7.96 11.62
CA GLY D 245 20.72 -7.43 10.25
C GLY D 245 19.60 -6.40 10.06
N ASN D 246 18.41 -6.67 10.57
CA ASN D 246 17.35 -5.71 10.50
C ASN D 246 17.68 -4.38 11.13
N LEU D 247 18.46 -4.42 12.21
CA LEU D 247 18.88 -3.20 12.92
C LEU D 247 19.86 -2.39 12.12
N TYR D 248 20.82 -3.06 11.52
CA TYR D 248 21.72 -2.36 10.62
C TYR D 248 20.94 -1.68 9.50
N ASP D 249 19.93 -2.37 8.99
CA ASP D 249 19.07 -1.90 7.91
C ASP D 249 18.19 -0.75 8.34
N MET D 250 17.77 -0.79 9.58
CA MET D 250 17.08 0.36 10.17
C MET D 250 17.90 1.65 10.01
N PHE D 251 19.17 1.61 10.35
CA PHE D 251 19.99 2.82 10.24
C PHE D 251 20.38 3.11 8.82
N HIS D 252 20.55 2.09 7.98
CA HIS D 252 20.73 2.37 6.57
C HIS D 252 19.52 3.15 6.05
N THR D 253 18.32 2.75 6.47
CA THR D 253 17.10 3.39 6.03
C THR D 253 17.03 4.81 6.49
N ARG D 254 17.37 5.03 7.73
CA ARG D 254 17.49 6.38 8.24
C ARG D 254 18.44 7.25 7.43
N ASN D 255 19.59 6.71 7.11
CA ASN D 255 20.55 7.48 6.36
C ASN D 255 20.06 7.83 4.96
N SER D 256 19.34 6.88 4.39
CA SER D 256 18.81 7.00 3.06
C SER D 256 17.68 8.02 3.01
N LEU D 257 16.87 8.05 4.06
CA LEU D 257 15.88 9.11 4.17
C LEU D 257 16.49 10.51 4.29
N HIS D 258 17.63 10.60 4.97
CA HIS D 258 18.29 11.89 5.12
C HIS D 258 18.87 12.30 3.78
N ARG D 259 19.50 11.34 3.10
CA ARG D 259 20.06 11.61 1.79
C ARG D 259 19.04 12.10 0.79
N ARG D 260 17.93 11.39 0.68
CA ARG D 260 16.97 11.72 -0.35
C ARG D 260 16.04 12.83 0.06
N ALA D 261 15.75 12.98 1.36
CA ALA D 261 14.67 13.87 1.75
C ALA D 261 15.03 14.86 2.80
N TYR D 262 15.43 14.43 3.99
CA TYR D 262 15.59 15.41 5.06
C TYR D 262 16.72 16.40 4.73
N GLN D 263 17.68 15.99 3.93
CA GLN D 263 18.78 16.88 3.55
C GLN D 263 18.79 17.15 2.07
N HIS D 264 17.67 16.99 1.42
CA HIS D 264 17.60 17.40 0.04
C HIS D 264 18.16 18.82 -0.13
N LYS D 265 19.02 18.99 -1.13
CA LYS D 265 19.78 20.26 -1.32
C LYS D 265 18.86 21.47 -1.42
N VAL D 266 17.75 21.30 -2.11
CA VAL D 266 16.81 22.38 -2.28
C VAL D 266 15.95 22.55 -1.06
N GLY D 267 15.65 21.45 -0.39
CA GLY D 267 14.86 21.53 0.82
C GLY D 267 15.62 22.30 1.82
N ASN D 268 16.90 22.01 1.92
CA ASN D 268 17.78 22.74 2.82
C ASN D 268 17.93 24.23 2.49
N ILE D 269 17.96 24.55 1.20
CA ILE D 269 18.12 25.94 0.83
C ILE D 269 16.89 26.73 1.15
N ILE D 270 15.76 26.08 1.08
CA ILE D 270 14.52 26.74 1.43
C ILE D 270 14.52 26.98 2.92
N ASP D 271 15.02 26.01 3.70
CA ASP D 271 15.08 26.13 5.14
C ASP D 271 15.95 27.32 5.48
N THR D 272 17.03 27.46 4.72
CA THR D 272 17.95 28.55 4.86
C THR D 272 17.31 29.91 4.52
N MET D 273 16.59 29.99 3.43
CA MET D 273 15.93 31.22 3.09
C MET D 273 14.85 31.55 4.12
N ILE D 274 14.14 30.55 4.64
CA ILE D 274 13.14 30.84 5.66
C ILE D 274 13.81 31.38 6.90
N THR D 275 14.93 30.77 7.25
CA THR D 275 15.68 31.17 8.43
C THR D 275 16.10 32.65 8.26
N ASP D 276 16.63 32.97 7.09
CA ASP D 276 17.05 34.33 6.76
C ASP D 276 15.96 35.34 6.93
N ALA D 277 14.76 34.97 6.49
CA ALA D 277 13.61 35.85 6.60
C ALA D 277 13.23 35.99 8.06
N PHE D 278 13.39 34.93 8.85
CA PHE D 278 13.02 35.01 10.24
C PHE D 278 13.96 35.96 10.94
N LEU D 279 15.22 35.91 10.57
CA LEU D 279 16.21 36.78 11.16
C LEU D 279 15.85 38.23 10.88
N LYS D 280 15.53 38.56 9.63
CA LYS D 280 15.14 39.92 9.28
C LYS D 280 13.78 40.39 9.84
N ALA D 281 13.02 39.48 10.42
CA ALA D 281 11.73 39.84 11.01
C ALA D 281 11.79 39.79 12.52
N ASP D 282 12.89 39.27 13.06
CA ASP D 282 12.96 38.96 14.47
C ASP D 282 12.80 40.19 15.34
N ASP D 283 13.33 41.31 14.85
CA ASP D 283 13.22 42.60 15.56
C ASP D 283 11.79 43.15 15.67
N TYR D 284 10.93 42.80 14.71
CA TYR D 284 9.65 43.46 14.54
C TYR D 284 8.46 42.61 14.89
N ILE D 285 8.62 41.28 14.91
CA ILE D 285 7.50 40.42 15.27
C ILE D 285 7.42 40.32 16.78
N GLU D 286 6.23 40.55 17.32
CA GLU D 286 6.01 40.49 18.76
C GLU D 286 4.95 39.44 19.09
N ILE D 287 5.23 38.67 20.12
CA ILE D 287 4.39 37.56 20.53
C ILE D 287 4.12 37.71 22.02
N THR D 288 2.84 37.72 22.38
CA THR D 288 2.44 38.01 23.74
C THR D 288 2.58 36.78 24.61
N GLY D 289 3.40 36.89 25.64
CA GLY D 289 3.58 35.83 26.59
C GLY D 289 2.80 36.04 27.86
N ALA D 290 3.35 35.54 28.97
CA ALA D 290 2.70 35.54 30.27
C ALA D 290 2.61 36.97 30.83
N GLY D 291 1.42 37.30 31.33
CA GLY D 291 1.11 38.61 31.86
C GLY D 291 1.16 39.75 30.85
N GLY D 292 0.78 39.46 29.61
CA GLY D 292 0.85 40.47 28.55
C GLY D 292 2.27 40.86 28.10
N LYS D 293 3.31 40.31 28.73
CA LYS D 293 4.68 40.61 28.35
C LYS D 293 4.98 40.15 26.92
N LYS D 294 5.82 40.88 26.20
CA LYS D 294 6.04 40.61 24.78
C LYS D 294 7.42 40.08 24.41
N TYR D 295 7.44 39.12 23.50
CA TYR D 295 8.67 38.46 23.11
C TYR D 295 8.90 38.52 21.63
N ARG D 296 10.11 38.17 21.23
CA ARG D 296 10.46 37.99 19.83
C ARG D 296 10.38 36.52 19.45
N ILE D 297 10.43 36.27 18.16
CA ILE D 297 10.55 34.90 17.66
C ILE D 297 11.68 34.20 18.43
N SER D 298 12.83 34.87 18.53
CA SER D 298 14.01 34.27 19.14
C SER D 298 13.95 34.19 20.64
N THR D 299 13.01 34.87 21.30
CA THR D 299 12.94 34.83 22.76
C THR D 299 11.72 34.11 23.27
N ALA D 300 10.81 33.77 22.36
CA ALA D 300 9.59 33.05 22.73
C ALA D 300 9.89 31.72 23.45
N ILE D 301 11.06 31.17 23.19
CA ILE D 301 11.52 29.98 23.92
C ILE D 301 11.67 30.14 25.43
N ASP D 302 11.64 31.38 25.93
CA ASP D 302 11.80 31.63 27.37
C ASP D 302 10.47 31.59 28.11
N ASP D 303 9.38 31.85 27.40
CA ASP D 303 8.06 31.77 28.00
C ASP D 303 7.12 30.83 27.19
N MET D 304 6.72 29.73 27.82
CA MET D 304 5.95 28.70 27.17
C MET D 304 4.59 29.17 26.70
N GLU D 305 4.05 30.18 27.37
CA GLU D 305 2.76 30.73 26.95
C GLU D 305 2.91 31.44 25.62
N ALA D 306 4.06 32.06 25.41
CA ALA D 306 4.36 32.65 24.13
C ALA D 306 4.73 31.60 23.09
N TYR D 307 5.48 30.58 23.51
CA TYR D 307 5.98 29.57 22.59
C TYR D 307 4.80 28.79 22.01
N THR D 308 3.80 28.59 22.84
CA THR D 308 2.58 27.99 22.42
C THR D 308 2.03 28.60 21.16
N LYS D 309 2.20 29.92 20.99
CA LYS D 309 1.64 30.62 19.83
C LYS D 309 2.63 30.77 18.72
N LEU D 310 3.80 30.16 18.87
CA LEU D 310 4.84 30.22 17.86
C LEU D 310 4.83 28.96 16.98
N THR D 311 4.34 29.10 15.75
CA THR D 311 4.17 27.98 14.83
C THR D 311 4.48 28.36 13.38
N ASP D 312 4.13 27.47 12.43
CA ASP D 312 4.43 27.73 11.02
C ASP D 312 3.72 28.97 10.53
N ASN D 313 2.70 29.37 11.27
CA ASN D 313 1.93 30.55 10.98
C ASN D 313 2.80 31.80 10.80
N ILE D 314 3.87 31.89 11.59
CA ILE D 314 4.81 32.97 11.48
C ILE D 314 5.20 33.26 10.05
N PHE D 315 5.47 32.20 9.31
CA PHE D 315 5.84 32.29 7.91
C PHE D 315 4.82 33.11 7.13
N LEU D 316 3.55 32.87 7.36
CA LEU D 316 2.52 33.57 6.60
C LEU D 316 2.24 34.96 7.11
N GLU D 317 2.38 35.13 8.42
CA GLU D 317 2.25 36.42 9.03
C GLU D 317 3.19 37.37 8.32
N ILE D 318 4.42 36.91 8.14
CA ILE D 318 5.43 37.68 7.44
C ILE D 318 5.10 37.85 5.96
N LEU D 319 4.70 36.78 5.31
CA LEU D 319 4.44 36.84 3.87
C LEU D 319 3.28 37.78 3.55
N TYR D 320 2.29 37.80 4.43
CA TYR D 320 1.13 38.61 4.20
C TYR D 320 1.24 40.00 4.78
N SER D 321 2.28 40.30 5.54
CA SER D 321 2.42 41.63 6.13
C SER D 321 2.50 42.75 5.11
N THR D 322 2.05 43.92 5.50
CA THR D 322 2.19 45.15 4.69
C THR D 322 3.20 46.15 5.31
N ASP D 323 3.54 45.94 6.59
CA ASP D 323 4.50 46.77 7.27
C ASP D 323 5.82 46.79 6.50
N PRO D 324 6.31 47.98 6.14
CA PRO D 324 7.57 48.05 5.42
C PRO D 324 8.78 47.74 6.30
N LYS D 325 8.60 47.68 7.63
CA LYS D 325 9.68 47.14 8.48
C LYS D 325 10.09 45.77 7.98
N LEU D 326 9.06 45.00 7.59
CA LEU D 326 9.21 43.61 7.18
C LEU D 326 9.44 43.43 5.68
N LYS D 327 9.73 44.50 4.95
CA LYS D 327 9.88 44.37 3.52
C LYS D 327 10.97 43.36 3.17
N ASP D 328 12.08 43.41 3.89
CA ASP D 328 13.22 42.55 3.53
C ASP D 328 12.89 41.08 3.75
N ALA D 329 12.30 40.79 4.91
CA ALA D 329 11.87 39.45 5.25
C ALA D 329 10.80 38.95 4.28
N ARG D 330 9.78 39.76 4.08
CA ARG D 330 8.73 39.45 3.15
C ARG D 330 9.29 39.18 1.75
N GLU D 331 10.29 39.93 1.34
CA GLU D 331 10.75 39.81 -0.04
C GLU D 331 11.40 38.48 -0.23
N ILE D 332 12.03 37.95 0.81
CA ILE D 332 12.71 36.67 0.70
C ILE D 332 11.69 35.56 0.51
N LEU D 333 10.63 35.60 1.30
CA LEU D 333 9.56 34.63 1.17
C LEU D 333 8.91 34.69 -0.21
N LYS D 334 8.79 35.87 -0.79
CA LYS D 334 8.23 35.98 -2.11
C LYS D 334 9.12 35.32 -3.14
N GLN D 335 10.43 35.37 -2.94
CA GLN D 335 11.33 34.73 -3.90
C GLN D 335 11.16 33.22 -3.87
N ILE D 336 10.83 32.71 -2.70
CA ILE D 336 10.48 31.31 -2.54
C ILE D 336 9.23 30.97 -3.37
N GLU D 337 8.15 31.72 -3.19
CA GLU D 337 6.95 31.55 -3.98
C GLU D 337 7.17 31.58 -5.50
N TYR D 338 8.05 32.46 -5.99
CA TYR D 338 8.33 32.56 -7.45
C TYR D 338 9.38 31.57 -7.84
N ARG D 339 9.98 30.93 -6.85
CA ARG D 339 10.96 29.88 -7.03
C ARG D 339 12.27 30.44 -7.55
N ASN D 340 12.56 31.68 -7.20
CA ASN D 340 13.89 32.23 -7.44
C ASN D 340 14.68 31.99 -6.19
N LEU D 341 15.26 30.81 -6.16
CA LEU D 341 15.95 30.36 -4.97
C LEU D 341 17.42 30.59 -5.15
N PHE D 342 18.13 30.63 -4.04
CA PHE D 342 19.59 30.55 -4.10
C PHE D 342 19.94 29.30 -4.87
N LYS D 343 21.01 29.33 -5.65
CA LYS D 343 21.31 28.23 -6.56
C LYS D 343 22.38 27.30 -6.01
N TYR D 344 22.08 26.02 -6.01
CA TYR D 344 23.03 25.01 -5.61
C TYR D 344 24.17 24.99 -6.61
N VAL D 345 25.39 25.01 -6.10
CA VAL D 345 26.57 24.97 -6.93
C VAL D 345 27.13 23.56 -7.00
N GLY D 346 27.24 22.89 -5.86
CA GLY D 346 27.67 21.51 -5.85
C GLY D 346 27.91 20.98 -4.45
N GLU D 347 28.40 19.75 -4.39
CA GLU D 347 28.57 19.02 -3.15
C GLU D 347 29.90 18.35 -3.18
N THR D 348 30.56 18.32 -2.02
CA THR D 348 31.85 17.66 -1.89
C THR D 348 31.96 17.17 -0.46
N GLN D 349 32.99 16.36 -0.18
CA GLN D 349 33.29 15.88 1.18
C GLN D 349 34.74 16.09 1.54
N PRO D 350 35.03 16.24 2.84
CA PRO D 350 36.39 16.21 3.32
C PRO D 350 37.07 14.89 3.03
N THR D 351 38.41 14.91 3.02
CA THR D 351 39.18 13.71 2.70
C THR D 351 39.85 13.15 3.93
N GLY D 352 39.87 11.82 3.99
CA GLY D 352 40.40 11.06 5.10
C GLY D 352 39.87 11.51 6.46
N GLN D 353 40.79 12.01 7.27
CA GLN D 353 40.53 12.38 8.65
C GLN D 353 39.85 13.73 8.82
N ILE D 354 39.91 14.58 7.78
CA ILE D 354 39.53 15.98 7.94
C ILE D 354 38.12 16.09 8.52
N LYS D 355 37.97 16.85 9.60
CA LYS D 355 36.66 17.08 10.18
C LYS D 355 36.50 18.55 10.49
N ILE D 356 35.28 19.05 10.32
CA ILE D 356 34.97 20.47 10.38
C ILE D 356 34.02 20.78 11.54
N LYS D 357 34.37 21.76 12.39
CA LYS D 357 33.50 22.17 13.50
C LYS D 357 32.47 23.24 13.17
N ARG D 358 31.42 23.37 14.00
CA ARG D 358 30.30 24.31 13.81
C ARG D 358 30.71 25.80 13.81
N GLU D 359 31.65 26.17 14.67
CA GLU D 359 32.16 27.54 14.75
C GLU D 359 32.86 27.93 13.47
N ASP D 360 33.48 26.94 12.82
CA ASP D 360 34.23 27.16 11.57
C ASP D 360 33.32 27.49 10.39
N TYR D 361 32.05 27.18 10.57
CA TYR D 361 31.06 27.33 9.51
C TYR D 361 31.02 28.73 8.92
N GLU D 362 31.05 29.75 9.79
CA GLU D 362 31.00 31.14 9.33
C GLU D 362 32.16 31.56 8.41
N SER D 363 33.31 30.90 8.51
CA SER D 363 34.49 31.28 7.70
C SER D 363 34.59 30.62 6.31
N LEU D 364 33.69 29.68 6.02
CA LEU D 364 33.77 28.92 4.76
C LEU D 364 33.37 29.69 3.50
N PRO D 365 32.31 30.51 3.58
CA PRO D 365 32.02 31.32 2.40
C PRO D 365 33.24 32.15 1.98
N LYS D 366 34.00 32.58 2.97
CA LYS D 366 35.16 33.42 2.79
C LYS D 366 36.25 32.64 2.05
N GLU D 367 36.44 31.39 2.45
CA GLU D 367 37.42 30.55 1.77
C GLU D 367 37.11 30.32 0.30
N VAL D 368 35.84 30.18 -0.01
CA VAL D 368 35.43 29.83 -1.38
C VAL D 368 35.68 31.03 -2.28
N ALA D 369 35.34 32.21 -1.75
CA ALA D 369 35.58 33.47 -2.43
C ALA D 369 37.10 33.74 -2.62
N SER D 370 37.92 33.19 -1.72
CA SER D 370 39.40 33.34 -1.78
C SER D 370 40.08 32.41 -2.78
N ALA D 371 39.38 31.38 -3.23
CA ALA D 371 39.91 30.56 -4.30
C ALA D 371 40.19 31.43 -5.54
N LYS D 372 41.25 31.10 -6.27
CA LYS D 372 41.61 31.85 -7.45
C LYS D 372 41.74 30.95 -8.66
N PRO D 373 40.61 30.67 -9.33
CA PRO D 373 40.64 29.73 -10.44
C PRO D 373 41.22 30.37 -11.70
N LYS D 374 42.02 29.61 -12.44
CA LYS D 374 42.68 30.13 -13.64
C LYS D 374 41.71 30.02 -14.80
N VAL D 375 40.73 30.92 -14.82
CA VAL D 375 39.69 30.89 -15.83
C VAL D 375 39.23 32.32 -16.07
N LEU D 376 38.65 32.55 -17.25
CA LEU D 376 38.05 33.83 -17.61
C LEU D 376 36.76 34.15 -16.84
N LEU D 377 36.77 35.23 -16.07
CA LEU D 377 35.61 35.61 -15.27
C LEU D 377 35.05 36.97 -15.62
N ASP D 378 33.76 36.98 -15.98
CA ASP D 378 32.99 38.20 -16.19
C ASP D 378 32.78 38.89 -14.84
N VAL D 379 32.18 38.18 -13.89
CA VAL D 379 31.94 38.72 -12.55
C VAL D 379 32.89 38.11 -11.51
N LYS D 380 33.15 38.87 -10.47
CA LYS D 380 34.00 38.45 -9.36
C LYS D 380 33.04 38.33 -8.18
N LEU D 381 33.14 37.25 -7.41
CA LEU D 381 32.14 36.96 -6.37
C LEU D 381 32.71 37.17 -4.98
N LYS D 382 31.81 37.55 -4.06
CA LYS D 382 32.17 37.92 -2.70
C LYS D 382 31.68 36.88 -1.68
N ALA D 383 32.27 36.89 -0.48
CA ALA D 383 31.90 35.92 0.54
C ALA D 383 30.39 35.93 0.84
N GLU D 384 29.79 37.12 0.92
CA GLU D 384 28.35 37.22 1.16
C GLU D 384 27.46 36.60 0.05
N ASP D 385 28.04 36.39 -1.13
CA ASP D 385 27.33 35.74 -2.25
C ASP D 385 27.28 34.21 -2.12
N PHE D 386 28.04 33.66 -1.18
CA PHE D 386 28.11 32.22 -1.00
C PHE D 386 27.42 31.77 0.27
N ILE D 387 26.66 30.68 0.16
CA ILE D 387 26.20 29.94 1.31
C ILE D 387 26.85 28.58 1.28
N VAL D 388 27.30 28.14 2.45
CA VAL D 388 27.94 26.85 2.58
C VAL D 388 27.32 26.05 3.73
N ASP D 389 26.62 24.96 3.37
CA ASP D 389 25.93 24.14 4.34
C ASP D 389 26.77 22.92 4.62
N VAL D 390 27.03 22.64 5.90
CA VAL D 390 27.80 21.47 6.27
C VAL D 390 26.89 20.51 6.98
N ILE D 391 26.90 19.26 6.54
CA ILE D 391 25.91 18.33 7.02
C ILE D 391 26.60 17.11 7.57
N ASN D 392 26.30 16.79 8.82
CA ASN D 392 26.87 15.63 9.48
C ASN D 392 25.98 14.39 9.37
N MET D 393 26.36 13.44 8.55
CA MET D 393 25.60 12.22 8.37
C MET D 393 26.21 11.12 9.19
N ASP D 394 25.42 10.51 10.07
CA ASP D 394 25.93 9.42 10.88
C ASP D 394 24.86 8.40 11.18
N TYR D 395 25.21 7.41 11.98
CA TYR D 395 24.23 6.43 12.46
C TYR D 395 23.66 6.82 13.82
N GLY D 396 23.65 8.11 14.09
CA GLY D 396 23.06 8.62 15.33
C GLY D 396 24.00 8.81 16.47
N MET D 397 25.24 8.36 16.33
CA MET D 397 26.17 8.39 17.46
C MET D 397 27.56 8.86 17.04
N GLN D 398 27.59 9.90 16.22
CA GLN D 398 28.81 10.37 15.57
C GLN D 398 29.58 9.16 14.99
N GLU D 399 30.84 9.01 15.37
CA GLU D 399 31.73 7.97 14.86
C GLU D 399 31.38 6.57 15.33
N LYS D 400 30.60 6.49 16.41
CA LYS D 400 30.22 5.20 17.00
C LYS D 400 29.12 4.41 16.25
N ASN D 401 29.30 3.09 16.31
CA ASN D 401 28.37 2.11 15.75
C ASN D 401 27.35 1.78 16.81
N PRO D 402 26.08 2.17 16.60
CA PRO D 402 25.08 1.95 17.64
C PRO D 402 24.76 0.49 17.92
N ILE D 403 25.10 -0.41 17.01
CA ILE D 403 24.79 -1.81 17.21
C ILE D 403 25.74 -2.42 18.22
N ASP D 404 26.92 -1.82 18.34
CA ASP D 404 27.83 -2.14 19.46
C ASP D 404 27.22 -1.80 20.82
N HIS D 405 26.17 -0.99 20.86
CA HIS D 405 25.50 -0.67 22.11
C HIS D 405 24.12 -1.28 22.22
N VAL D 406 23.95 -2.44 21.59
CA VAL D 406 22.70 -3.18 21.61
C VAL D 406 22.93 -4.57 22.16
N SER D 407 21.96 -5.01 22.94
CA SER D 407 22.04 -6.30 23.60
C SER D 407 21.09 -7.25 22.95
N PHE D 408 21.55 -8.47 22.73
CA PHE D 408 20.77 -9.50 22.05
C PHE D 408 20.58 -10.73 22.90
N TYR D 409 19.55 -11.49 22.59
CA TYR D 409 19.35 -12.76 23.24
C TYR D 409 19.21 -13.82 22.17
N CYS D 410 19.59 -15.03 22.52
CA CYS D 410 19.44 -16.21 21.65
C CYS D 410 18.27 -17.09 22.03
N LYS D 411 17.76 -17.83 21.06
CA LYS D 411 16.59 -18.64 21.29
C LYS D 411 16.87 -19.73 22.31
N THR D 412 18.09 -20.24 22.33
CA THR D 412 18.43 -21.34 23.22
C THR D 412 18.65 -20.88 24.66
N ALA D 413 18.97 -19.60 24.88
CA ALA D 413 19.04 -19.02 26.24
C ALA D 413 18.45 -17.62 26.31
N PRO D 414 17.10 -17.54 26.33
CA PRO D 414 16.39 -16.30 26.18
C PRO D 414 16.61 -15.27 27.26
N ASN D 415 17.09 -15.68 28.44
CA ASN D 415 17.33 -14.73 29.51
C ASN D 415 18.76 -14.24 29.57
N ARG D 416 19.60 -14.78 28.70
CA ARG D 416 21.00 -14.43 28.70
C ARG D 416 21.35 -13.46 27.59
N ALA D 417 21.68 -12.23 27.99
CA ALA D 417 22.02 -11.16 27.07
C ALA D 417 23.41 -11.37 26.50
N ILE D 418 23.62 -10.96 25.25
CA ILE D 418 24.92 -11.05 24.60
C ILE D 418 25.16 -9.85 23.69
N ARG D 419 26.39 -9.74 23.18
CA ARG D 419 26.81 -8.65 22.32
C ARG D 419 27.18 -9.25 21.00
N ILE D 420 26.99 -8.48 19.92
CA ILE D 420 27.34 -8.97 18.60
C ILE D 420 28.16 -7.91 17.90
N THR D 421 29.30 -8.30 17.33
CA THR D 421 30.23 -7.35 16.70
C THR D 421 29.91 -7.32 15.22
N LYS D 422 30.42 -6.29 14.56
CA LYS D 422 30.15 -6.06 13.16
C LYS D 422 30.62 -7.24 12.32
N ASN D 423 31.76 -7.81 12.69
CA ASN D 423 32.36 -8.88 11.91
C ASN D 423 31.55 -10.15 12.04
N GLN D 424 30.83 -10.29 13.14
CA GLN D 424 29.88 -11.40 13.28
C GLN D 424 28.64 -11.28 12.39
N VAL D 425 28.43 -10.13 11.76
CA VAL D 425 27.27 -9.97 10.91
C VAL D 425 27.59 -10.01 9.42
N SER D 426 28.48 -9.13 8.98
CA SER D 426 28.74 -9.01 7.56
C SER D 426 29.95 -8.14 7.27
N GLN D 427 30.60 -8.45 6.17
CA GLN D 427 31.67 -7.65 5.66
C GLN D 427 31.14 -6.59 4.71
N LEU D 428 29.87 -6.71 4.33
CA LEU D 428 29.23 -5.72 3.46
C LEU D 428 28.65 -4.54 4.21
N LEU D 429 28.98 -4.41 5.49
CA LEU D 429 28.59 -3.24 6.23
C LEU D 429 29.60 -2.11 6.04
N PRO D 430 29.21 -0.87 6.38
CA PRO D 430 30.12 0.28 6.31
C PRO D 430 31.27 0.12 7.27
N GLU D 431 32.44 0.67 6.91
CA GLU D 431 33.57 0.66 7.86
C GLU D 431 33.52 1.89 8.72
N LYS D 432 32.88 2.94 8.23
CA LYS D 432 32.71 4.16 9.01
C LYS D 432 31.24 4.44 9.22
N PHE D 433 30.92 5.17 10.29
CA PHE D 433 29.55 5.48 10.66
C PHE D 433 29.25 6.96 10.78
N ALA D 434 30.15 7.81 10.26
CA ALA D 434 29.95 9.27 10.25
C ALA D 434 30.69 9.90 9.09
N GLU D 435 30.13 10.96 8.55
CA GLU D 435 30.78 11.66 7.45
C GLU D 435 30.19 13.04 7.35
N GLN D 436 30.81 13.85 6.53
CA GLN D 436 30.36 15.20 6.32
C GLN D 436 30.17 15.45 4.86
N LEU D 437 29.10 16.17 4.55
CA LEU D 437 28.81 16.66 3.23
C LEU D 437 28.87 18.16 3.27
N ILE D 438 29.43 18.73 2.22
CA ILE D 438 29.49 20.17 2.12
C ILE D 438 28.76 20.55 0.85
N ARG D 439 27.76 21.40 1.01
CA ARG D 439 27.05 21.95 -0.12
C ARG D 439 27.34 23.40 -0.21
N VAL D 440 27.45 23.88 -1.43
CA VAL D 440 27.70 25.28 -1.67
C VAL D 440 26.60 25.79 -2.57
N TYR D 441 26.08 26.96 -2.21
CA TYR D 441 25.08 27.61 -2.98
C TYR D 441 25.55 29.03 -3.25
N CYS D 442 25.06 29.61 -4.34
CA CYS D 442 25.26 31.02 -4.66
C CYS D 442 23.97 31.85 -4.58
N LYS D 443 24.06 33.01 -3.94
CA LYS D 443 22.93 33.91 -3.88
C LYS D 443 22.72 34.71 -5.17
N LYS D 444 23.71 34.72 -6.06
CA LYS D 444 23.59 35.46 -7.32
C LYS D 444 23.17 34.44 -8.36
N VAL D 445 21.98 34.63 -8.94
CA VAL D 445 21.36 33.55 -9.69
C VAL D 445 21.65 33.55 -11.20
N ASP D 446 22.07 34.68 -11.77
CA ASP D 446 22.24 34.76 -13.24
C ASP D 446 23.30 33.80 -13.80
N ARG D 447 23.21 33.54 -15.11
CA ARG D 447 24.08 32.59 -15.82
C ARG D 447 25.55 32.77 -15.48
N LYS D 448 25.99 34.02 -15.52
CA LYS D 448 27.42 34.32 -15.43
C LYS D 448 27.93 34.25 -14.00
N SER D 449 27.11 34.67 -13.04
CA SER D 449 27.46 34.51 -11.63
C SER D 449 27.55 33.03 -11.25
N LEU D 450 26.59 32.26 -11.76
CA LEU D 450 26.54 30.84 -11.51
C LEU D 450 27.73 30.12 -12.14
N TYR D 451 28.02 30.47 -13.40
CA TYR D 451 29.19 29.92 -14.08
C TYR D 451 30.45 30.16 -13.26
N ALA D 452 30.58 31.37 -12.74
CA ALA D 452 31.74 31.76 -11.94
C ALA D 452 31.81 30.96 -10.66
N ALA D 453 30.68 30.94 -9.96
CA ALA D 453 30.55 30.22 -8.69
C ALA D 453 31.04 28.78 -8.78
N ARG D 454 30.79 28.14 -9.91
CA ARG D 454 31.25 26.75 -10.11
C ARG D 454 32.74 26.64 -10.15
N GLN D 455 33.38 27.68 -10.69
CA GLN D 455 34.81 27.68 -10.80
C GLN D 455 35.42 27.87 -9.42
N TYR D 456 34.92 28.84 -8.66
CA TYR D 456 35.38 29.01 -7.29
C TYR D 456 35.27 27.73 -6.49
N PHE D 457 34.07 27.14 -6.55
CA PHE D 457 33.74 25.97 -5.78
C PHE D 457 34.67 24.84 -6.09
N VAL D 458 34.78 24.52 -7.38
CA VAL D 458 35.61 23.39 -7.78
C VAL D 458 37.06 23.66 -7.45
N GLN D 459 37.49 24.91 -7.65
CA GLN D 459 38.85 25.30 -7.32
C GLN D 459 39.09 25.11 -5.83
N TRP D 460 38.14 25.57 -5.04
CA TRP D 460 38.23 25.47 -3.59
C TRP D 460 38.36 24.01 -3.14
N CYS D 461 37.61 23.12 -3.79
CA CYS D 461 37.69 21.70 -3.50
C CYS D 461 39.11 21.21 -3.73
N ALA D 462 39.65 21.56 -4.89
CA ALA D 462 41.01 21.19 -5.25
C ALA D 462 42.03 21.76 -4.24
N ASP D 463 41.84 23.01 -3.84
CA ASP D 463 42.75 23.65 -2.88
C ASP D 463 42.77 22.91 -1.56
N ARG D 464 41.59 22.50 -1.10
CA ARG D 464 41.45 21.90 0.21
C ARG D 464 41.61 20.39 0.19
N ASN D 465 41.89 19.85 -0.99
CA ASN D 465 41.98 18.42 -1.20
C ASN D 465 40.71 17.68 -0.73
N PHE D 466 39.57 18.23 -1.09
CA PHE D 466 38.29 17.59 -0.93
C PHE D 466 38.00 16.68 -2.13
N THR D 467 36.94 15.89 -2.03
CA THR D 467 36.58 14.95 -3.08
C THR D 467 36.09 15.71 -4.32
N LYS D 468 36.30 15.11 -5.48
CA LYS D 468 35.88 15.70 -6.73
C LYS D 468 34.35 15.71 -6.85
N PRO D 469 33.74 16.89 -7.00
CA PRO D 469 32.30 16.91 -7.20
C PRO D 469 31.92 16.04 -8.38
N GLN D 470 30.76 15.40 -8.28
CA GLN D 470 30.36 14.41 -9.25
C GLN D 470 30.37 14.98 -10.65
N ASP D 471 29.86 16.20 -10.80
CA ASP D 471 29.79 16.84 -12.12
C ASP D 471 30.96 17.80 -12.40
N GLY D 472 32.04 17.69 -11.62
CA GLY D 472 33.21 18.55 -11.76
C GLY D 472 33.69 18.77 -13.18
N ASP D 473 33.86 17.69 -13.92
CA ASP D 473 34.36 17.77 -15.29
C ASP D 473 33.44 18.54 -16.22
N VAL D 474 32.14 18.53 -15.93
CA VAL D 474 31.20 19.20 -16.80
C VAL D 474 31.09 20.66 -16.46
N ILE D 475 31.06 20.99 -15.17
CA ILE D 475 30.87 22.38 -14.79
C ILE D 475 32.16 23.19 -14.81
N ALA D 476 33.28 22.54 -14.56
CA ALA D 476 34.58 23.22 -14.55
C ALA D 476 35.61 22.35 -15.25
N PRO D 477 35.46 22.18 -16.57
CA PRO D 477 36.40 21.35 -17.33
C PRO D 477 37.83 21.91 -17.34
N LEU D 478 37.97 23.22 -17.14
CA LEU D 478 39.30 23.82 -17.11
C LEU D 478 39.98 23.69 -15.75
N ILE D 479 39.24 23.36 -14.69
CA ILE D 479 39.79 23.31 -13.33
C ILE D 479 40.20 21.90 -12.91
N THR D 480 39.40 20.92 -13.30
CA THR D 480 39.58 19.54 -12.87
C THR D 480 40.88 18.88 -13.33
N PRO D 481 41.43 19.29 -14.49
CA PRO D 481 42.67 18.65 -14.95
C PRO D 481 43.88 18.91 -14.05
N GLN D 482 43.91 20.05 -13.38
CA GLN D 482 45.05 20.39 -12.52
C GLN D 482 45.29 19.36 -11.43
N LYS D 483 44.21 18.76 -10.92
CA LYS D 483 44.32 17.78 -9.86
C LYS D 483 44.55 16.41 -10.49
N LYS D 484 45.72 15.83 -10.20
CA LYS D 484 46.09 14.53 -10.74
C LYS D 484 45.09 13.43 -10.35
N GLU D 485 44.86 13.32 -9.04
CA GLU D 485 44.01 12.30 -8.43
C GLU D 485 42.63 12.23 -9.08
N TRP D 486 42.12 13.40 -9.46
CA TRP D 486 40.80 13.48 -10.10
C TRP D 486 40.78 12.99 -11.56
N ASN D 487 41.92 13.12 -12.26
CA ASN D 487 42.05 13.00 -13.73
C ASN D 487 41.70 14.29 -14.45
PA TTP E . -14.04 19.43 -5.55
O1A TTP E . -14.01 18.22 -6.48
O2A TTP E . -12.86 20.31 -5.41
O3A TTP E . -15.37 20.24 -5.98
PB TTP E . -16.66 19.45 -6.58
O1B TTP E . -17.87 20.22 -6.07
O2B TTP E . -16.42 19.14 -8.07
O3B TTP E . -16.69 18.04 -5.81
PG TTP E . -17.35 16.74 -6.52
O1G TTP E . -18.65 17.25 -7.04
O2G TTP E . -17.46 15.79 -5.36
O3G TTP E . -16.36 16.41 -7.60
O5' TTP E . -14.39 18.91 -4.07
C5' TTP E . -14.18 17.55 -3.71
C4' TTP E . -13.28 17.56 -2.49
O4' TTP E . -13.87 18.41 -1.51
C3' TTP E . -13.16 16.20 -1.90
O3' TTP E . -11.76 15.89 -1.75
C2' TTP E . -13.96 16.24 -0.59
C1' TTP E . -14.11 17.70 -0.27
N1 TTP E . -15.40 18.08 0.30
C2 TTP E . -15.47 18.27 1.71
O2 TTP E . -14.44 18.07 2.41
N3 TTP E . -16.59 18.65 2.33
C4 TTP E . -17.69 18.91 1.61
O4 TTP E . -18.73 19.30 2.23
C5 TTP E . -17.66 18.72 0.12
C5M TTP E . -18.88 18.97 -0.72
C6 TTP E . -16.48 18.29 -0.48
PG DGT F . -17.52 12.91 22.35
O1G DGT F . -18.98 12.91 22.66
O2G DGT F . -17.10 11.69 21.57
O3G DGT F . -16.45 13.36 23.29
O3B DGT F . -17.49 14.12 21.27
PB DGT F . -17.79 13.88 19.67
O1B DGT F . -17.95 12.39 19.33
O2B DGT F . -18.91 14.70 19.16
O3A DGT F . -16.38 14.60 19.34
PA DGT F . -15.05 13.77 19.59
O1A DGT F . -15.50 12.35 19.82
O2A DGT F . -13.95 14.45 20.34
O5' DGT F . -14.37 13.92 18.12
C5' DGT F . -14.75 13.07 17.02
C4' DGT F . -13.59 12.14 16.71
O4' DGT F . -12.37 12.81 16.28
C3' DGT F . -13.19 11.30 17.91
O3' DGT F . -13.90 10.09 17.77
C2' DGT F . -11.69 11.14 17.83
C1' DGT F . -11.26 11.96 16.60
N9 DGT F . -10.14 12.88 16.80
C8 DGT F . -9.24 13.23 15.89
N7 DGT F . -8.37 14.16 16.38
C5 DGT F . -8.73 14.44 17.60
C6 DGT F . -8.24 15.35 18.64
O6 DGT F . -7.25 16.11 18.53
N1 DGT F . -8.93 15.35 19.77
C2 DGT F . -10.00 14.56 19.99
N2 DGT F . -10.59 14.67 21.21
N3 DGT F . -10.51 13.71 19.05
C4 DGT F . -9.91 13.61 17.87
PG DTP G . -12.86 -8.54 -23.42
O1G DTP G . -12.24 -7.34 -24.12
O2G DTP G . -14.36 -8.51 -23.38
O3G DTP G . -12.18 -9.78 -23.92
PB DTP G . -11.66 -9.62 -21.13
O1B DTP G . -12.41 -10.51 -20.19
O2B DTP G . -10.81 -10.33 -22.15
O3B DTP G . -12.53 -8.46 -21.83
PA DTP G . -11.11 -7.95 -18.91
O1A DTP G . -11.61 -6.64 -19.32
O2A DTP G . -11.87 -8.80 -17.99
O3A DTP G . -10.65 -8.66 -20.28
O5' DTP G . -9.76 -7.63 -18.18
C5' DTP G . -8.57 -8.33 -18.38
C4' DTP G . -7.74 -8.12 -17.10
O4' DTP G . -8.33 -7.11 -16.32
C3' DTP G . -7.75 -9.36 -16.22
O3' DTP G . -6.41 -9.63 -15.82
C2' DTP G . -8.70 -9.11 -15.06
C1' DTP G . -8.69 -7.61 -15.04
N9 DTP G . -9.98 -7.03 -14.63
C8 DTP G . -11.15 -7.39 -15.11
N7 DTP G . -12.12 -6.64 -14.50
C5 DTP G . -11.55 -5.80 -13.65
C6 DTP G . -11.99 -4.75 -12.74
N6 DTP G . -13.31 -4.50 -12.66
N1 DTP G . -11.05 -4.06 -12.02
C2 DTP G . -9.73 -4.34 -12.10
N3 DTP G . -9.27 -5.30 -12.95
C4 DTP G . -10.12 -6.06 -13.72
MG MG H . 15.70 21.25 -10.14
PA TTP I . 16.52 -14.62 -11.59
O1A TTP I . 15.16 -13.95 -11.78
O2A TTP I . 16.87 -15.93 -12.26
O3A TTP I . 17.70 -13.62 -12.02
PB TTP I . 19.20 -13.85 -11.47
O1B TTP I . 19.46 -15.31 -11.19
O2B TTP I . 20.11 -13.09 -12.41
O3B TTP I . 19.22 -13.06 -10.05
PG TTP I . 19.75 -11.52 -10.00
O1G TTP I . 21.26 -11.59 -10.04
O2G TTP I . 19.16 -11.03 -8.71
O3G TTP I . 19.17 -10.94 -11.26
O5' TTP I . 16.75 -14.74 -9.98
C5' TTP I . 16.14 -13.84 -9.01
C4' TTP I . 14.83 -14.40 -8.41
O4' TTP I . 15.01 -15.72 -7.90
C3' TTP I . 14.33 -13.61 -7.22
O3' TTP I . 12.92 -13.42 -7.31
C2' TTP I . 14.63 -14.42 -5.98
C1' TTP I . 14.77 -15.83 -6.49
N1 TTP I . 15.85 -16.59 -5.83
C2 TTP I . 15.51 -17.48 -4.77
O2 TTP I . 14.31 -17.59 -4.40
N3 TTP I . 16.45 -18.21 -4.13
C4 TTP I . 17.74 -18.12 -4.50
O4 TTP I . 18.57 -18.83 -3.90
C5 TTP I . 18.12 -17.18 -5.62
C5M TTP I . 19.53 -17.00 -6.11
C6 TTP I . 17.13 -16.44 -6.23
PG DGT J . 12.06 -24.51 15.17
O1G DGT J . 11.84 -23.03 14.93
O2G DGT J . 13.33 -24.78 15.94
O3G DGT J . 10.79 -25.25 15.45
O3B DGT J . 12.47 -25.11 13.74
PB DGT J . 12.87 -24.20 12.50
O1B DGT J . 14.00 -24.89 11.81
O2B DGT J . 12.97 -22.78 12.88
O3A DGT J . 11.62 -24.37 11.47
PA DGT J . 10.29 -23.53 11.79
O1A DGT J . 9.18 -24.52 11.82
O2A DGT J . 10.44 -22.53 12.93
O5' DGT J . 10.01 -22.80 10.42
C5' DGT J . 10.66 -21.59 10.15
C4' DGT J . 9.60 -20.52 10.02
O4' DGT J . 8.68 -20.80 8.95
C3' DGT J . 8.76 -20.38 11.28
O3' DGT J . 9.43 -19.51 12.19
C2' DGT J . 7.45 -19.85 10.72
C1' DGT J . 7.48 -20.10 9.22
N9 DGT J . 6.41 -20.96 8.64
C8 DGT J . 5.73 -20.71 7.50
N7 DGT J . 4.82 -21.67 7.18
C5 DGT J . 4.98 -22.57 8.14
C6 DGT J . 4.32 -23.83 8.47
O6 DGT J . 3.47 -24.29 7.71
N1 DGT J . 4.70 -24.49 9.56
C2 DGT J . 5.64 -24.02 10.38
N2 DGT J . 6.00 -24.74 11.48
N3 DGT J . 6.28 -22.83 10.15
C4 DGT J . 6.00 -22.11 9.08
MG MG K . -10.70 -10.87 -23.95
PG DTP L . 17.91 18.95 -10.27
O1G DTP L . 17.39 18.14 -11.40
O2G DTP L . 17.36 20.36 -10.11
O3G DTP L . 19.40 18.89 -10.06
PB DTP L . 16.12 18.65 -8.08
O1B DTP L . 15.44 19.82 -8.76
O2B DTP L . 16.40 18.68 -6.63
O3B DTP L . 17.46 18.20 -8.86
PA DTP L . 15.01 16.05 -7.48
O1A DTP L . 15.01 14.92 -8.44
O2A DTP L . 16.11 16.00 -6.50
O3A DTP L . 15.08 17.41 -8.41
O5' DTP L . 13.63 16.20 -6.71
C5' DTP L . 12.44 16.05 -7.55
C4' DTP L . 11.25 15.38 -6.84
O4' DTP L . 11.56 14.04 -6.52
C3' DTP L . 10.98 16.05 -5.53
O3' DTP L . 9.58 16.22 -5.40
C2' DTP L . 11.56 15.17 -4.45
C1' DTP L . 11.63 13.84 -5.11
N9 DTP L . 12.87 13.09 -4.83
C8 DTP L . 14.12 13.60 -4.77
N7 DTP L . 15.01 12.58 -4.56
C5 DTP L . 14.31 11.42 -4.47
C6 DTP L . 14.62 10.04 -4.29
N6 DTP L . 15.86 9.59 -4.10
N1 DTP L . 13.59 9.18 -4.29
C2 DTP L . 12.30 9.52 -4.45
N3 DTP L . 11.96 10.79 -4.65
C4 DTP L . 12.89 11.76 -4.65
PG DTP M . -18.91 8.64 18.81
O1G DTP M . -20.36 8.77 18.39
O2G DTP M . -18.40 7.26 19.16
O3G DTP M . -18.30 9.75 19.65
PB DTP M . -17.14 9.81 16.92
O1B DTP M . -17.67 10.63 15.79
O2B DTP M . -16.62 10.52 18.16
O3B DTP M . -18.39 8.84 17.27
PA DTP M . -15.96 8.10 15.02
O1A DTP M . -15.82 6.65 15.19
O2A DTP M . -17.07 8.56 14.10
O3A DTP M . -16.00 8.76 16.48
O5' DTP M . -14.53 8.57 14.48
C5' DTP M . -13.33 8.17 15.15
C4' DTP M . -12.21 7.99 14.12
O4' DTP M . -12.61 7.08 13.08
C3' DTP M . -11.89 9.30 13.42
O3' DTP M . -10.46 9.49 13.37
C2' DTP M . -12.47 9.18 12.02
C1' DTP M . -12.51 7.70 11.78
N9 DTP M . -13.63 7.19 11.00
C8 DTP M . -14.91 7.55 11.13
N7 DTP M . -15.72 6.81 10.32
C5 DTP M . -14.90 5.94 9.67
C6 DTP M . -15.11 4.88 8.67
N6 DTP M . -16.36 4.61 8.21
N1 DTP M . -14.00 4.21 8.25
C2 DTP M . -12.76 4.50 8.70
N3 DTP M . -12.52 5.46 9.63
C4 DTP M . -13.53 6.20 10.12
MG MG N . 11.72 -21.65 14.17
PG DGT O . -19.04 -16.17 1.33
O1G DGT O . -18.13 -16.37 2.50
O2G DGT O . -18.76 -15.05 0.37
O3G DGT O . -20.47 -16.32 1.74
O3B DGT O . -18.69 -17.34 0.31
PB DGT O . -18.68 -18.85 0.86
O1B DGT O . -18.67 -18.92 2.39
O2B DGT O . -19.75 -19.69 0.17
O3A DGT O . -17.21 -19.21 0.29
PA DGT O . -15.97 -19.31 1.30
O1A DGT O . -16.40 -18.59 2.58
O2A DGT O . -15.58 -20.77 1.38
O5' DGT O . -14.79 -18.42 0.58
C5' DGT O . -15.06 -17.33 -0.32
C4' DGT O . -13.95 -17.30 -1.34
O4' DGT O . -14.27 -18.16 -2.40
C3' DGT O . -13.63 -15.96 -1.98
O3' DGT O . -12.30 -15.59 -1.65
C2' DGT O . -13.71 -16.13 -3.49
C1' DGT O . -13.99 -17.61 -3.68
N9 DGT O . -15.18 -17.83 -4.54
C8 DGT O . -16.48 -17.87 -4.13
N7 DGT O . -17.31 -18.11 -5.19
C5 DGT O . -16.53 -18.22 -6.31
C6 DGT O . -16.75 -18.45 -7.77
O6 DGT O . -17.90 -18.60 -8.24
N1 DGT O . -15.66 -18.48 -8.59
C2 DGT O . -14.40 -18.30 -8.11
N2 DGT O . -13.38 -18.35 -8.99
N3 DGT O . -14.12 -18.08 -6.79
C4 DGT O . -15.13 -18.02 -5.86
PG DGT P . -10.83 -12.51 -26.58
O1G DGT P . -12.15 -11.84 -26.76
O2G DGT P . -10.10 -12.95 -27.81
O3G DGT P . -9.94 -11.73 -25.66
O3B DGT P . -11.18 -13.86 -25.78
PB DGT P . -11.69 -13.81 -24.24
O1B DGT P . -12.74 -14.83 -24.05
O2B DGT P . -11.98 -12.39 -23.84
O3A DGT P . -10.44 -14.34 -23.36
PA DGT P . -9.14 -13.44 -23.16
O1A DGT P . -9.42 -11.99 -23.44
O2A DGT P . -7.91 -14.03 -23.78
O5' DGT P . -8.89 -13.62 -21.60
C5' DGT P . -9.48 -12.74 -20.65
C4' DGT P . -8.47 -11.76 -20.04
O4' DGT P . -7.65 -12.48 -19.12
C3' DGT P . -7.51 -11.03 -20.97
O3' DGT P . -7.92 -9.68 -21.19
C2' DGT P . -6.17 -11.02 -20.27
C1' DGT P . -6.35 -11.89 -19.03
N9 DGT P . -5.35 -12.96 -18.92
C8 DGT P . -4.79 -13.41 -17.78
N7 DGT P . -3.91 -14.39 -18.01
C5 DGT P . -3.92 -14.61 -19.33
C6 DGT P . -3.23 -15.49 -20.29
O6 DGT P . -2.42 -16.35 -19.92
N1 DGT P . -3.52 -15.40 -21.58
C2 DGT P . -4.42 -14.51 -22.04
N2 DGT P . -4.70 -14.42 -23.38
N3 DGT P . -5.08 -13.66 -21.21
C4 DGT P . -4.87 -13.67 -19.90
MG MG Q . -16.86 10.97 20.11
PG DTP R . 13.87 -19.30 14.89
O1G DTP R . 15.39 -19.38 14.87
O2G DTP R . 13.31 -18.34 15.87
O3G DTP R . 13.20 -20.64 14.80
PB DTP R . 12.66 -19.08 12.35
O1B DTP R . 11.85 -20.23 12.82
O2B DTP R . 13.40 -19.31 11.10
O3B DTP R . 13.62 -18.51 13.50
PA DTP R . 12.02 -16.42 11.43
O1A DTP R . 11.73 -15.35 12.41
O2A DTP R . 13.38 -16.44 10.80
O3A DTP R . 11.67 -17.84 12.14
O5' DTP R . 10.86 -16.31 10.37
C5' DTP R . 9.48 -16.43 10.82
C4' DTP R . 8.54 -15.76 9.77
O4' DTP R . 8.93 -14.43 9.50
C3' DTP R . 8.58 -16.41 8.41
O3' DTP R . 7.22 -16.46 7.88
C2' DTP R . 9.54 -15.59 7.57
C1' DTP R . 9.43 -14.22 8.19
N9 DTP R . 10.69 -13.45 8.26
C8 DTP R . 11.87 -13.92 8.55
N7 DTP R . 12.79 -12.91 8.51
C5 DTP R . 12.17 -11.78 8.22
C6 DTP R . 12.56 -10.37 8.09
N6 DTP R . 13.82 -9.97 8.25
N1 DTP R . 11.59 -9.49 7.78
C2 DTP R . 10.31 -9.88 7.61
N3 DTP R . 9.89 -11.16 7.73
C4 DTP R . 10.77 -12.13 8.05
PA TTP S . 13.39 14.09 15.73
O1A TTP S . 12.98 12.64 15.90
O2A TTP S . 12.52 15.17 16.33
O3A TTP S . 14.88 14.31 16.26
PB TTP S . 15.77 13.01 16.48
O1B TTP S . 17.15 13.54 16.82
O2B TTP S . 15.03 12.02 17.35
O3B TTP S . 15.80 12.31 15.03
PG TTP S . 16.60 10.93 14.96
O1G TTP S . 18.03 11.29 15.19
O2G TTP S . 16.38 10.48 13.55
O3G TTP S . 15.96 10.15 16.10
O5' TTP S . 13.51 14.36 14.15
C5' TTP S . 13.19 13.35 13.19
C4' TTP S . 12.29 13.94 12.15
O4' TTP S . 12.80 15.22 11.83
C3' TTP S . 12.25 13.16 10.88
O3' TTP S . 10.91 12.81 10.53
C2' TTP S . 12.86 14.04 9.82
C1' TTP S . 12.95 15.41 10.43
N1 TTP S . 14.25 16.04 10.13
C2 TTP S . 14.30 17.06 9.12
O2 TTP S . 13.27 17.41 8.51
N3 TTP S . 15.46 17.69 8.81
C4 TTP S . 16.58 17.35 9.46
O4 TTP S . 17.62 17.94 9.14
C5 TTP S . 16.56 16.28 10.52
C5M TTP S . 17.83 15.91 11.26
C6 TTP S . 15.34 15.67 10.82
PG DGT T . 16.58 24.12 -10.92
O1G DGT T . 18.06 24.42 -11.12
O2G DGT T . 15.50 24.81 -11.68
O3G DGT T . 16.33 22.63 -10.94
O3B DGT T . 16.31 24.67 -9.42
PB DGT T . 16.59 23.66 -8.15
O1B DGT T . 16.91 22.28 -8.57
O2B DGT T . 17.49 24.31 -7.15
O3A DGT T . 15.13 23.78 -7.54
PA DGT T . 13.79 23.16 -8.25
O1A DGT T . 12.68 24.15 -8.49
O2A DGT T . 14.31 22.18 -9.31
O5' DGT T . 13.39 22.46 -6.85
C5' DGT T . 13.82 21.14 -6.61
C4' DGT T . 12.64 20.18 -6.96
O4' DGT T . 11.52 20.58 -6.13
C3' DGT T . 12.00 20.11 -8.32
O3' DGT T . 12.67 19.18 -9.21
C2' DGT T . 10.55 19.69 -8.03
C1' DGT T . 10.29 19.94 -6.56
N9 DGT T . 9.07 20.78 -6.21
C8 DGT T . 8.15 20.55 -5.26
N7 DGT T . 7.21 21.53 -5.15
C5 DGT T . 7.53 22.46 -6.02
C6 DGT T . 7.01 23.77 -6.43
O6 DGT T . 6.00 24.30 -5.94
N1 DGT T . 7.64 24.39 -7.40
C2 DGT T . 8.77 23.92 -7.98
N2 DGT T . 9.39 24.66 -8.94
N3 DGT T . 9.32 22.75 -7.63
C4 DGT T . 8.76 21.97 -6.70
#